data_5OLQ
#
_entry.id   5OLQ
#
_cell.length_a   77.550
_cell.length_b   123.820
_cell.length_c   138.420
_cell.angle_alpha   90.00
_cell.angle_beta   90.00
_cell.angle_gamma   90.00
#
_symmetry.space_group_name_H-M   'P 21 21 21'
#
loop_
_entity.id
_entity.type
_entity.pdbx_description
1 polymer 'Rhamnogalacturonan lyase'
2 non-polymer 'PHOSPHATE ION'
3 non-polymer 'CALCIUM ION'
4 water water
#
_entity_poly.entity_id   1
_entity_poly.type   'polypeptide(L)'
_entity_poly.pdbx_seq_one_letter_code
;MGKTYYMDPEGSDSNPGTSDKPFATLVKVQEVVVAGDVVYINPGTYVVPANQVPMTTTNSGLYHCVFHMNKSGEAGKPIS
YLANPNKQGRPIFDLSQVKPKDQRITVFYVTGSNLYLKGFDVIGTQVTITGHTQSECFRIVKGANNNKFEDLRTHDGMAI
GFYLLGGSNNHILNCDAYNNYDSVSEGGKGGNVDGFGGHINSSSVGEGKGTGNVFEGCRAWYNSDDGFDLINCFEAVKII
NCWSFLNGYKPGTKEVAGDGTGFKAGGYGMAADKLPAIPSVIPQHEVRNSLAYYNRLRGFYANHHLGGIIFESNTAVNSG
ENYNMTNRESPLALPPTDVNGYDHMVKNNLSLVTRSGSKHIVMVNRAKSEVSNNSFDGSEEVIETDFISLEEAELMRDRK
PNGDLPDVNFGKLTTDAELRFWGMGCFATGEPTDLDFGWLKKPTIVVVGSKASVVGPEAASFTKMYVIVDGEETTEFDKN
SIDLSDFSGVLEVKAVIEDANGNITKSIALKFKRLEHHHHHH
;
_entity_poly.pdbx_strand_id   A,B,C
#
loop_
_chem_comp.id
_chem_comp.type
_chem_comp.name
_chem_comp.formula
CA non-polymer 'CALCIUM ION' 'Ca 2'
PO4 non-polymer 'PHOSPHATE ION' 'O4 P -3'
#
# COMPACT_ATOMS: atom_id res chain seq x y z
N GLY A 2 16.74 -1.85 27.22
CA GLY A 2 17.27 -3.24 27.09
C GLY A 2 17.58 -3.60 25.66
N LYS A 3 17.64 -4.89 25.39
CA LYS A 3 17.98 -5.39 24.06
C LYS A 3 16.73 -5.49 23.16
N THR A 4 16.92 -5.33 21.85
CA THR A 4 15.85 -5.66 20.88
C THR A 4 16.28 -6.86 20.05
N TYR A 5 15.52 -7.94 20.19
CA TYR A 5 15.64 -9.12 19.38
C TYR A 5 14.63 -9.10 18.22
N TYR A 6 14.90 -9.94 17.22
CA TYR A 6 14.06 -10.09 16.04
C TYR A 6 13.78 -11.59 15.79
N MET A 7 12.57 -11.89 15.33
CA MET A 7 12.25 -13.20 14.78
C MET A 7 11.58 -13.00 13.43
N ASP A 8 11.66 -14.03 12.60
CA ASP A 8 11.25 -14.00 11.19
C ASP A 8 10.87 -15.42 10.75
N PRO A 9 9.88 -15.57 9.86
CA PRO A 9 9.54 -16.93 9.40
C PRO A 9 10.69 -17.70 8.76
N GLU A 10 11.64 -16.98 8.18
CA GLU A 10 12.84 -17.58 7.62
C GLU A 10 14.10 -17.39 8.43
N GLY A 11 13.96 -17.03 9.71
CA GLY A 11 15.11 -16.91 10.59
C GLY A 11 15.60 -18.27 11.04
N SER A 12 16.48 -18.26 12.04
CA SER A 12 17.06 -19.47 12.55
C SER A 12 17.28 -19.34 14.04
N ASP A 13 16.95 -20.37 14.80
CA ASP A 13 17.21 -20.34 16.24
C ASP A 13 18.70 -20.56 16.61
N SER A 14 19.55 -20.79 15.59
CA SER A 14 21.01 -20.73 15.73
C SER A 14 21.58 -19.32 15.50
N ASN A 15 20.73 -18.38 15.08
CA ASN A 15 21.16 -17.01 14.90
C ASN A 15 21.20 -16.30 16.25
N PRO A 16 21.85 -15.13 16.31
CA PRO A 16 21.89 -14.36 17.54
C PRO A 16 20.63 -13.51 17.79
N GLY A 17 19.74 -13.42 16.79
CA GLY A 17 18.47 -12.72 16.98
C GLY A 17 18.54 -11.23 16.68
N THR A 18 19.50 -10.86 15.83
CA THR A 18 19.66 -9.49 15.41
C THR A 18 18.73 -9.21 14.23
N SER A 19 18.64 -7.96 13.82
CA SER A 19 17.85 -7.59 12.65
C SER A 19 18.32 -8.34 11.37
N ASP A 20 19.63 -8.37 11.16
CA ASP A 20 20.20 -9.10 10.02
C ASP A 20 20.11 -10.64 10.12
N LYS A 21 20.15 -11.17 11.35
CA LYS A 21 20.14 -12.62 11.60
C LYS A 21 19.09 -12.93 12.67
N PRO A 22 17.80 -12.89 12.28
CA PRO A 22 16.71 -13.07 13.25
C PRO A 22 16.53 -14.52 13.70
N PHE A 23 15.91 -14.69 14.88
CA PHE A 23 15.51 -16.01 15.35
C PHE A 23 14.35 -16.55 14.48
N ALA A 24 14.04 -17.83 14.64
CA ALA A 24 12.88 -18.46 13.99
C ALA A 24 11.62 -18.58 14.87
N THR A 25 11.78 -18.83 16.17
CA THR A 25 10.63 -19.13 17.04
C THR A 25 10.64 -18.39 18.37
N LEU A 26 9.47 -18.30 18.97
CA LEU A 26 9.31 -17.80 20.34
C LEU A 26 9.93 -18.69 21.42
N VAL A 27 10.14 -19.99 21.13
CA VAL A 27 10.84 -20.87 22.08
C VAL A 27 12.25 -20.33 22.33
N LYS A 28 12.93 -19.93 21.27
CA LYS A 28 14.28 -19.38 21.42
C LYS A 28 14.25 -17.99 22.10
N VAL A 29 13.29 -17.16 21.72
CA VAL A 29 13.08 -15.85 22.36
C VAL A 29 12.97 -16.05 23.88
N GLN A 30 12.14 -17.00 24.30
CA GLN A 30 11.91 -17.26 25.73
C GLN A 30 13.15 -17.68 26.48
N GLU A 31 14.06 -18.34 25.77
CA GLU A 31 15.35 -18.70 26.36
C GLU A 31 16.22 -17.49 26.75
N VAL A 32 16.16 -16.38 25.98
CA VAL A 32 17.09 -15.27 26.15
C VAL A 32 16.56 -13.99 26.81
N VAL A 33 15.26 -13.74 26.73
CA VAL A 33 14.71 -12.46 27.22
C VAL A 33 14.79 -12.29 28.74
N VAL A 34 14.99 -11.03 29.12
CA VAL A 34 14.96 -10.57 30.49
C VAL A 34 14.16 -9.28 30.54
N ALA A 35 13.78 -8.87 31.74
CA ALA A 35 13.04 -7.65 31.97
C ALA A 35 13.66 -6.46 31.23
N GLY A 36 12.83 -5.78 30.48
CA GLY A 36 13.23 -4.63 29.66
C GLY A 36 13.48 -4.93 28.19
N ASP A 37 13.63 -6.21 27.83
CA ASP A 37 13.89 -6.59 26.44
C ASP A 37 12.65 -6.47 25.59
N VAL A 38 12.87 -6.36 24.29
CA VAL A 38 11.80 -6.32 23.30
C VAL A 38 12.13 -7.36 22.22
N VAL A 39 11.10 -8.08 21.78
CA VAL A 39 11.19 -8.85 20.54
C VAL A 39 10.31 -8.18 19.51
N TYR A 40 10.92 -7.81 18.36
CA TYR A 40 10.17 -7.40 17.20
C TYR A 40 9.94 -8.65 16.33
N ILE A 41 8.66 -8.92 16.07
CA ILE A 41 8.19 -10.13 15.36
C ILE A 41 7.87 -9.69 13.94
N ASN A 42 8.68 -10.14 12.98
CA ASN A 42 8.50 -9.72 11.60
C ASN A 42 7.19 -10.27 11.01
N PRO A 43 6.58 -9.51 10.08
CA PRO A 43 5.33 -10.02 9.48
C PRO A 43 5.53 -11.24 8.56
N GLY A 44 4.42 -11.88 8.22
CA GLY A 44 4.44 -13.21 7.59
C GLY A 44 3.80 -14.27 8.45
N THR A 45 3.69 -15.48 7.90
CA THR A 45 3.12 -16.62 8.59
C THR A 45 4.19 -17.54 9.18
N TYR A 46 4.04 -17.78 10.47
CA TYR A 46 4.83 -18.74 11.23
C TYR A 46 3.99 -19.97 11.44
N VAL A 47 4.30 -21.04 10.69
CA VAL A 47 3.62 -22.30 10.87
C VAL A 47 4.30 -23.07 11.98
N VAL A 48 3.61 -23.30 13.10
CA VAL A 48 4.22 -24.06 14.19
C VAL A 48 4.35 -25.53 13.76
N PRO A 49 5.57 -26.12 13.79
CA PRO A 49 5.67 -27.50 13.29
C PRO A 49 4.88 -28.51 14.11
N ALA A 50 4.32 -29.50 13.42
CA ALA A 50 3.52 -30.55 14.04
C ALA A 50 4.25 -31.21 15.20
N ASN A 51 5.57 -31.35 15.07
CA ASN A 51 6.39 -32.09 16.04
C ASN A 51 7.12 -31.22 17.04
N GLN A 52 6.86 -29.91 17.06
CA GLN A 52 7.45 -29.03 18.08
C GLN A 52 6.97 -29.47 19.47
N VAL A 53 7.93 -29.75 20.36
CA VAL A 53 7.57 -30.21 21.71
C VAL A 53 6.90 -29.04 22.45
N PRO A 54 5.89 -29.35 23.29
CA PRO A 54 5.28 -28.26 24.07
C PRO A 54 6.29 -27.64 25.02
N MET A 55 6.21 -26.33 25.26
CA MET A 55 7.09 -25.74 26.25
C MET A 55 6.74 -26.20 27.66
N THR A 56 5.46 -26.47 27.91
CA THR A 56 5.05 -27.08 29.17
C THR A 56 3.73 -27.82 29.00
N THR A 57 3.30 -28.49 30.05
CA THR A 57 1.97 -29.08 30.11
C THR A 57 1.32 -28.64 31.42
N THR A 58 -0.02 -28.67 31.47
CA THR A 58 -0.75 -28.44 32.72
C THR A 58 -1.84 -29.51 32.94
N ASN A 59 -2.36 -29.54 34.15
CA ASN A 59 -3.51 -30.37 34.53
C ASN A 59 -3.23 -31.86 34.28
N SER A 60 -2.15 -32.33 34.90
CA SER A 60 -1.73 -33.72 34.84
C SER A 60 -1.57 -34.21 33.39
N GLY A 61 -0.95 -33.38 32.55
CA GLY A 61 -0.73 -33.70 31.14
C GLY A 61 -1.90 -33.49 30.16
N LEU A 62 -3.05 -33.03 30.65
CA LEU A 62 -4.17 -32.79 29.76
C LEU A 62 -3.86 -31.71 28.71
N TYR A 63 -3.15 -30.66 29.11
CA TYR A 63 -2.83 -29.57 28.19
C TYR A 63 -1.44 -29.65 27.61
N HIS A 64 -1.36 -29.53 26.29
CA HIS A 64 -0.16 -29.22 25.54
C HIS A 64 -0.07 -27.70 25.38
N CYS A 65 0.91 -27.08 26.04
CA CYS A 65 1.09 -25.62 25.99
C CYS A 65 2.22 -25.29 25.03
N VAL A 66 1.87 -24.62 23.93
CA VAL A 66 2.80 -24.37 22.85
C VAL A 66 3.91 -23.42 23.30
N PHE A 67 3.52 -22.22 23.75
CA PHE A 67 4.43 -21.21 24.24
C PHE A 67 4.12 -20.92 25.71
N HIS A 68 5.12 -21.07 26.57
CA HIS A 68 4.97 -20.78 27.99
C HIS A 68 5.55 -19.43 28.26
N MET A 69 4.68 -18.46 28.51
CA MET A 69 5.08 -17.08 28.82
C MET A 69 5.33 -17.01 30.32
N ASN A 70 6.49 -17.53 30.69
CA ASN A 70 6.81 -17.85 32.08
C ASN A 70 7.74 -16.85 32.73
N LYS A 71 8.47 -16.07 31.94
CA LYS A 71 9.37 -15.06 32.49
C LYS A 71 8.58 -13.79 32.73
N SER A 72 9.08 -12.95 33.61
CA SER A 72 8.42 -11.73 34.00
C SER A 72 9.27 -10.50 33.76
N GLY A 73 8.63 -9.40 33.40
CA GLY A 73 9.30 -8.12 33.49
C GLY A 73 9.24 -7.61 34.91
N GLU A 74 9.47 -6.31 35.04
CA GLU A 74 9.32 -5.55 36.30
C GLU A 74 8.41 -4.36 36.03
N ALA A 75 7.84 -3.76 37.06
CA ALA A 75 7.08 -2.49 36.88
C ALA A 75 7.98 -1.45 36.17
N GLY A 76 7.49 -0.85 35.09
CA GLY A 76 8.32 0.08 34.27
C GLY A 76 9.40 -0.56 33.40
N LYS A 77 9.52 -1.89 33.42
CA LYS A 77 10.49 -2.63 32.60
C LYS A 77 9.84 -3.92 32.15
N PRO A 78 8.82 -3.83 31.29
CA PRO A 78 8.17 -5.05 30.85
C PRO A 78 9.05 -5.87 29.94
N ILE A 79 8.68 -7.12 29.70
CA ILE A 79 9.14 -7.85 28.52
C ILE A 79 8.06 -7.70 27.46
N SER A 80 8.46 -7.29 26.25
CA SER A 80 7.53 -6.93 25.18
C SER A 80 7.74 -7.81 23.94
N TYR A 81 6.61 -8.27 23.40
CA TYR A 81 6.55 -9.13 22.23
C TYR A 81 5.64 -8.43 21.24
N LEU A 82 6.26 -7.73 20.28
CA LEU A 82 5.58 -6.75 19.43
C LEU A 82 5.76 -7.00 17.95
N ALA A 83 4.67 -6.94 17.18
CA ALA A 83 4.83 -6.91 15.73
C ALA A 83 5.85 -5.82 15.38
N ASN A 84 6.73 -6.11 14.41
CA ASN A 84 7.82 -5.19 14.06
C ASN A 84 7.22 -3.90 13.46
N PRO A 85 7.34 -2.74 14.17
CA PRO A 85 6.66 -1.52 13.71
C PRO A 85 7.34 -0.89 12.48
N ASN A 86 8.50 -1.42 12.09
CA ASN A 86 9.22 -0.97 10.89
C ASN A 86 8.86 -1.73 9.63
N LYS A 87 7.98 -2.75 9.74
CA LYS A 87 7.58 -3.54 8.56
C LYS A 87 6.07 -3.67 8.53
N GLN A 88 5.48 -3.38 7.38
CA GLN A 88 4.03 -3.41 7.25
C GLN A 88 3.52 -4.86 7.19
N GLY A 89 2.35 -5.03 7.75
CA GLY A 89 1.67 -6.31 7.82
C GLY A 89 1.71 -6.88 9.22
N ARG A 90 0.90 -7.91 9.44
CA ARG A 90 0.80 -8.53 10.77
C ARG A 90 1.47 -9.86 10.78
N PRO A 91 2.23 -10.18 11.84
CA PRO A 91 2.63 -11.57 12.01
C PRO A 91 1.42 -12.50 12.28
N ILE A 92 1.44 -13.69 11.69
CA ILE A 92 0.35 -14.69 11.84
C ILE A 92 0.98 -15.97 12.38
N PHE A 93 0.58 -16.42 13.57
CA PHE A 93 0.97 -17.75 14.04
C PHE A 93 -0.12 -18.73 13.62
N ASP A 94 0.24 -19.71 12.78
CA ASP A 94 -0.67 -20.72 12.23
C ASP A 94 -0.44 -22.01 13.00
N LEU A 95 -1.44 -22.38 13.77
CA LEU A 95 -1.40 -23.52 14.70
C LEU A 95 -2.08 -24.79 14.16
N SER A 96 -2.41 -24.78 12.86
CA SER A 96 -3.23 -25.85 12.27
C SER A 96 -2.57 -27.22 12.22
N GLN A 97 -1.24 -27.30 12.35
CA GLN A 97 -0.54 -28.61 12.33
C GLN A 97 -0.32 -29.24 13.72
N VAL A 98 -0.65 -28.51 14.78
CA VAL A 98 -0.37 -28.94 16.15
C VAL A 98 -1.61 -29.70 16.62
N LYS A 99 -1.46 -31.04 16.65
CA LYS A 99 -2.58 -31.97 16.91
C LYS A 99 -2.13 -33.13 17.83
N PRO A 100 -1.61 -32.78 19.02
CA PRO A 100 -1.18 -33.83 19.96
C PRO A 100 -2.34 -34.73 20.43
N LYS A 101 -2.15 -36.03 20.36
CA LYS A 101 -3.21 -36.96 20.72
C LYS A 101 -3.64 -36.79 22.18
N ASP A 102 -4.94 -36.73 22.38
CA ASP A 102 -5.60 -36.76 23.71
C ASP A 102 -5.37 -35.52 24.55
N GLN A 103 -4.82 -34.46 23.96
CA GLN A 103 -4.55 -33.25 24.71
C GLN A 103 -5.34 -32.05 24.21
N ARG A 104 -5.74 -31.21 25.15
CA ARG A 104 -6.19 -29.86 24.87
C ARG A 104 -4.97 -29.02 24.47
N ILE A 105 -5.21 -27.95 23.70
CA ILE A 105 -4.16 -27.05 23.29
C ILE A 105 -4.30 -25.67 23.97
N THR A 106 -3.22 -25.15 24.54
CA THR A 106 -3.11 -23.73 24.90
C THR A 106 -1.96 -23.17 24.08
N VAL A 107 -2.21 -22.15 23.27
CA VAL A 107 -1.12 -21.61 22.44
C VAL A 107 -0.16 -20.71 23.24
N PHE A 108 -0.72 -19.76 24.00
CA PHE A 108 0.06 -18.90 24.88
C PHE A 108 -0.42 -19.13 26.32
N TYR A 109 0.37 -19.86 27.11
CA TYR A 109 0.06 -20.13 28.52
C TYR A 109 0.82 -19.09 29.35
N VAL A 110 0.07 -18.18 29.98
CA VAL A 110 0.64 -17.00 30.65
C VAL A 110 0.64 -17.17 32.17
N THR A 111 1.85 -17.39 32.72
CA THR A 111 2.09 -17.43 34.15
C THR A 111 2.92 -16.22 34.63
N GLY A 112 3.67 -15.58 33.73
CA GLY A 112 4.44 -14.38 34.08
C GLY A 112 3.69 -13.08 34.24
N SER A 113 4.41 -12.07 34.70
CA SER A 113 3.87 -10.77 35.01
C SER A 113 4.64 -9.69 34.25
N ASN A 114 4.06 -8.52 34.13
CA ASN A 114 4.73 -7.35 33.51
C ASN A 114 5.17 -7.65 32.07
N LEU A 115 4.26 -8.28 31.34
CA LEU A 115 4.41 -8.59 29.93
C LEU A 115 3.52 -7.71 29.07
N TYR A 116 3.95 -7.50 27.83
CA TYR A 116 3.26 -6.67 26.86
C TYR A 116 3.30 -7.41 25.51
N LEU A 117 2.13 -7.83 25.00
CA LEU A 117 2.05 -8.56 23.72
C LEU A 117 1.18 -7.76 22.78
N LYS A 118 1.66 -7.49 21.57
CA LYS A 118 0.92 -6.61 20.65
C LYS A 118 1.03 -6.99 19.18
N GLY A 119 -0.10 -6.95 18.48
CA GLY A 119 -0.10 -6.71 17.02
C GLY A 119 -0.04 -7.91 16.10
N PHE A 120 -0.22 -9.13 16.64
CA PHE A 120 -0.16 -10.35 15.88
C PHE A 120 -1.44 -11.18 15.98
N ASP A 121 -1.52 -12.21 15.14
CA ASP A 121 -2.71 -13.08 15.05
C ASP A 121 -2.37 -14.53 15.44
N VAL A 122 -3.38 -15.27 15.90
CA VAL A 122 -3.27 -16.70 16.15
C VAL A 122 -4.42 -17.36 15.40
N ILE A 123 -4.10 -18.17 14.40
CA ILE A 123 -5.12 -18.82 13.55
C ILE A 123 -4.94 -20.33 13.61
N GLY A 124 -6.02 -21.03 13.32
CA GLY A 124 -5.97 -22.47 13.14
C GLY A 124 -5.76 -23.31 14.35
N THR A 125 -5.96 -22.76 15.56
CA THR A 125 -5.74 -23.55 16.76
C THR A 125 -6.74 -24.72 16.74
N GLN A 126 -6.25 -25.91 17.01
CA GLN A 126 -7.04 -27.12 16.91
C GLN A 126 -7.69 -27.64 18.18
N VAL A 127 -8.78 -28.40 17.97
CA VAL A 127 -9.32 -29.34 18.93
C VAL A 127 -9.24 -30.72 18.23
N THR A 128 -8.73 -31.72 18.94
CA THR A 128 -8.72 -33.11 18.46
C THR A 128 -9.55 -34.06 19.30
N ILE A 129 -9.77 -33.72 20.56
CA ILE A 129 -10.55 -34.49 21.49
C ILE A 129 -11.99 -34.41 21.05
N THR A 130 -12.67 -35.56 21.06
CA THR A 130 -14.03 -35.62 20.56
C THR A 130 -15.12 -35.44 21.60
N GLY A 131 -14.83 -35.69 22.88
CA GLY A 131 -15.78 -35.39 23.94
C GLY A 131 -15.77 -33.89 24.27
N HIS A 132 -16.62 -33.49 25.22
CA HIS A 132 -16.68 -32.09 25.68
C HIS A 132 -15.29 -31.64 26.07
N THR A 133 -14.87 -30.51 25.52
CA THR A 133 -13.48 -30.09 25.58
C THR A 133 -13.35 -28.64 25.14
N GLN A 134 -12.16 -28.10 25.34
CA GLN A 134 -11.78 -26.81 24.78
C GLN A 134 -10.30 -26.72 24.51
N SER A 135 -9.93 -25.77 23.64
CA SER A 135 -8.58 -25.25 23.51
C SER A 135 -8.64 -23.72 23.67
N GLU A 136 -7.49 -23.10 23.96
CA GLU A 136 -7.40 -21.64 24.09
C GLU A 136 -6.23 -21.06 23.35
N CYS A 137 -6.41 -19.89 22.75
CA CYS A 137 -5.24 -19.17 22.20
C CYS A 137 -4.39 -18.52 23.31
N PHE A 138 -5.05 -17.92 24.30
CA PHE A 138 -4.40 -17.36 25.49
C PHE A 138 -5.12 -17.85 26.73
N ARG A 139 -4.36 -18.47 27.64
CA ARG A 139 -4.90 -18.88 28.96
C ARG A 139 -4.02 -18.23 30.02
N ILE A 140 -4.65 -17.44 30.89
CA ILE A 140 -3.95 -16.60 31.86
C ILE A 140 -4.41 -17.10 33.25
N VAL A 141 -3.46 -17.31 34.17
CA VAL A 141 -3.75 -17.97 35.46
C VAL A 141 -3.23 -17.19 36.65
N LYS A 142 -3.62 -17.66 37.85
CA LYS A 142 -3.16 -17.11 39.12
C LYS A 142 -1.67 -16.80 39.08
N GLY A 143 -1.36 -15.60 39.54
CA GLY A 143 0.00 -15.09 39.62
C GLY A 143 0.49 -14.32 38.42
N ALA A 144 -0.24 -14.42 37.30
CA ALA A 144 0.08 -13.64 36.12
C ALA A 144 -0.56 -12.26 36.23
N ASN A 145 0.23 -11.26 36.61
CA ASN A 145 -0.27 -9.93 36.94
C ASN A 145 0.31 -8.80 36.07
N ASN A 146 -0.45 -7.73 35.91
CA ASN A 146 0.05 -6.49 35.31
C ASN A 146 0.54 -6.70 33.88
N ASN A 147 -0.27 -7.41 33.10
CA ASN A 147 0.05 -7.67 31.73
C ASN A 147 -0.88 -6.90 30.81
N LYS A 148 -0.42 -6.66 29.60
CA LYS A 148 -1.15 -5.94 28.58
C LYS A 148 -1.13 -6.76 27.29
N PHE A 149 -2.32 -7.06 26.78
CA PHE A 149 -2.54 -7.79 25.57
C PHE A 149 -3.28 -6.85 24.60
N GLU A 150 -2.61 -6.39 23.54
CA GLU A 150 -3.13 -5.25 22.76
C GLU A 150 -3.13 -5.54 21.26
N ASP A 151 -4.26 -5.27 20.59
CA ASP A 151 -4.34 -5.40 19.13
C ASP A 151 -3.91 -6.79 18.66
N LEU A 152 -4.38 -7.81 19.37
CA LEU A 152 -4.16 -9.22 19.03
C LEU A 152 -5.44 -9.78 18.47
N ARG A 153 -5.33 -10.76 17.55
CA ARG A 153 -6.49 -11.29 16.85
C ARG A 153 -6.44 -12.81 16.86
N THR A 154 -7.42 -13.42 17.51
CA THR A 154 -7.51 -14.87 17.63
C THR A 154 -8.67 -15.30 16.78
N HIS A 155 -8.39 -15.93 15.63
CA HIS A 155 -9.48 -16.12 14.65
C HIS A 155 -9.26 -17.30 13.73
N ASP A 156 -10.35 -17.75 13.10
CA ASP A 156 -10.31 -18.82 12.13
C ASP A 156 -9.62 -20.04 12.73
N GLY A 157 -10.13 -20.45 13.89
CA GLY A 157 -9.63 -21.61 14.61
C GLY A 157 -10.76 -22.25 15.41
N MET A 158 -10.39 -23.23 16.23
CA MET A 158 -11.33 -24.01 17.05
C MET A 158 -11.24 -23.70 18.53
N ALA A 159 -10.46 -22.66 18.89
CA ALA A 159 -10.14 -22.32 20.25
C ALA A 159 -10.74 -21.02 20.73
N ILE A 160 -11.04 -21.01 22.04
CA ILE A 160 -11.40 -19.80 22.74
C ILE A 160 -10.26 -18.79 22.54
N GLY A 161 -10.61 -17.53 22.33
CA GLY A 161 -9.60 -16.52 22.12
C GLY A 161 -8.76 -16.17 23.36
N PHE A 162 -9.43 -15.65 24.38
CA PHE A 162 -8.76 -15.24 25.62
C PHE A 162 -9.51 -15.86 26.76
N TYR A 163 -8.81 -16.52 27.67
CA TYR A 163 -9.44 -17.28 28.74
C TYR A 163 -8.72 -17.02 30.05
N LEU A 164 -9.37 -16.30 30.97
CA LEU A 164 -8.78 -15.93 32.26
C LEU A 164 -9.28 -16.79 33.39
N LEU A 165 -8.40 -17.59 34.01
CA LEU A 165 -8.71 -18.37 35.19
C LEU A 165 -8.18 -17.74 36.47
N GLY A 166 -7.33 -16.71 36.35
CA GLY A 166 -6.74 -16.08 37.51
C GLY A 166 -5.85 -14.94 37.02
N GLY A 167 -5.19 -14.27 37.97
CA GLY A 167 -4.35 -13.13 37.66
C GLY A 167 -5.06 -11.82 37.92
N SER A 168 -4.27 -10.76 37.99
CA SER A 168 -4.77 -9.46 38.39
C SER A 168 -4.22 -8.39 37.46
N ASN A 169 -5.03 -7.37 37.18
CA ASN A 169 -4.56 -6.25 36.37
C ASN A 169 -4.08 -6.71 34.96
N ASN A 170 -4.82 -7.64 34.37
CA ASN A 170 -4.60 -7.99 32.97
C ASN A 170 -5.56 -7.16 32.10
N HIS A 171 -4.98 -6.38 31.21
CA HIS A 171 -5.75 -5.49 30.31
C HIS A 171 -5.72 -6.08 28.87
N ILE A 172 -6.91 -6.48 28.40
CA ILE A 172 -7.10 -7.05 27.08
C ILE A 172 -7.73 -5.95 26.28
N LEU A 173 -6.91 -5.32 25.41
CA LEU A 173 -7.22 -4.04 24.78
C LEU A 173 -7.21 -4.13 23.26
N ASN A 174 -8.30 -3.70 22.64
CA ASN A 174 -8.38 -3.62 21.17
C ASN A 174 -8.12 -4.96 20.48
N CYS A 175 -8.54 -6.05 21.11
CA CYS A 175 -8.37 -7.38 20.55
C CYS A 175 -9.62 -7.86 19.81
N ASP A 176 -9.44 -8.70 18.77
CA ASP A 176 -10.56 -9.34 18.08
C ASP A 176 -10.50 -10.86 18.25
N ALA A 177 -11.69 -11.48 18.46
CA ALA A 177 -11.83 -12.91 18.45
C ALA A 177 -13.00 -13.18 17.53
N TYR A 178 -12.74 -13.87 16.40
CA TYR A 178 -13.79 -14.09 15.41
C TYR A 178 -13.60 -15.36 14.61
N ASN A 179 -14.69 -15.84 14.03
CA ASN A 179 -14.70 -17.06 13.20
C ASN A 179 -14.10 -18.25 13.93
N ASN A 180 -14.52 -18.46 15.18
CA ASN A 180 -14.00 -19.55 15.99
C ASN A 180 -15.08 -20.56 16.23
N TYR A 181 -14.79 -21.83 15.87
CA TYR A 181 -15.79 -22.88 15.77
C TYR A 181 -15.06 -24.23 15.83
N ASP A 182 -15.48 -25.08 16.77
CA ASP A 182 -14.89 -26.42 16.98
C ASP A 182 -15.73 -27.41 16.16
N SER A 183 -15.15 -27.81 15.03
CA SER A 183 -15.78 -28.72 14.08
C SER A 183 -15.47 -30.20 14.33
N VAL A 184 -14.81 -30.50 15.46
CA VAL A 184 -14.37 -31.86 15.78
C VAL A 184 -15.13 -32.44 16.98
N SER A 185 -15.13 -31.72 18.11
CA SER A 185 -15.64 -32.30 19.34
C SER A 185 -17.16 -32.34 19.30
N GLU A 186 -17.70 -33.43 19.89
CA GLU A 186 -19.12 -33.64 20.10
C GLU A 186 -19.88 -33.57 18.80
N GLY A 187 -19.36 -34.26 17.79
CA GLY A 187 -19.95 -34.23 16.44
C GLY A 187 -19.69 -32.96 15.65
N GLY A 188 -19.09 -31.97 16.32
CA GLY A 188 -18.54 -30.76 15.68
C GLY A 188 -19.53 -29.65 15.40
N LYS A 189 -20.52 -29.43 16.26
CA LYS A 189 -21.57 -28.39 15.99
C LYS A 189 -21.26 -26.96 16.51
N GLY A 190 -19.97 -26.73 16.64
CA GLY A 190 -19.46 -25.45 16.94
C GLY A 190 -18.95 -25.55 18.31
N GLY A 191 -19.83 -26.18 19.13
CA GLY A 191 -19.72 -26.44 20.52
C GLY A 191 -19.73 -25.21 21.36
N ASN A 192 -18.65 -25.08 22.11
CA ASN A 192 -18.58 -24.29 23.29
C ASN A 192 -17.41 -23.31 23.16
N VAL A 193 -17.30 -22.61 22.02
CA VAL A 193 -16.17 -21.67 21.81
C VAL A 193 -16.60 -20.23 22.00
N ASP A 194 -16.10 -19.60 23.05
CA ASP A 194 -16.29 -18.18 23.28
C ASP A 194 -15.16 -17.34 22.72
N GLY A 195 -15.43 -16.08 22.44
CA GLY A 195 -14.35 -15.15 22.08
C GLY A 195 -13.43 -14.81 23.25
N PHE A 196 -14.04 -14.35 24.34
CA PHE A 196 -13.35 -13.88 25.53
C PHE A 196 -14.07 -14.48 26.74
N GLY A 197 -13.31 -15.10 27.64
CA GLY A 197 -13.84 -15.67 28.85
C GLY A 197 -13.11 -15.14 30.08
N GLY A 198 -13.91 -14.69 31.04
CA GLY A 198 -13.41 -14.19 32.33
C GLY A 198 -13.93 -15.10 33.42
N HIS A 199 -13.05 -15.95 33.99
CA HIS A 199 -13.45 -17.00 34.93
C HIS A 199 -12.45 -17.10 36.08
N ILE A 200 -12.21 -15.96 36.75
CA ILE A 200 -11.24 -15.89 37.86
C ILE A 200 -11.69 -16.88 38.94
N ASN A 201 -10.84 -17.85 39.28
CA ASN A 201 -11.26 -18.97 40.13
C ASN A 201 -11.01 -18.72 41.63
N SER A 202 -11.48 -19.64 42.47
CA SER A 202 -11.34 -19.48 43.92
C SER A 202 -9.88 -19.36 44.37
N SER A 203 -8.97 -20.02 43.67
CA SER A 203 -7.56 -19.94 44.01
C SER A 203 -6.99 -18.55 43.86
N SER A 204 -7.59 -17.74 42.99
CA SER A 204 -7.04 -16.46 42.59
C SER A 204 -7.75 -15.25 43.16
N VAL A 205 -8.60 -15.46 44.19
CA VAL A 205 -9.33 -14.33 44.80
C VAL A 205 -8.42 -13.42 45.59
N GLY A 206 -8.87 -12.18 45.73
CA GLY A 206 -8.23 -11.21 46.56
C GLY A 206 -7.75 -9.99 45.81
N GLU A 207 -7.72 -8.86 46.53
CA GLU A 207 -7.20 -7.61 45.99
C GLU A 207 -5.74 -7.79 45.51
N GLY A 208 -5.49 -7.45 44.25
CA GLY A 208 -4.16 -7.60 43.64
C GLY A 208 -3.82 -9.02 43.20
N LYS A 209 -4.76 -9.96 43.38
CA LYS A 209 -4.58 -11.38 43.03
C LYS A 209 -5.54 -11.81 41.91
N GLY A 210 -6.78 -11.32 41.96
CA GLY A 210 -7.79 -11.61 40.95
C GLY A 210 -8.60 -10.41 40.46
N THR A 211 -8.24 -9.21 40.94
CA THR A 211 -8.98 -7.99 40.65
C THR A 211 -8.34 -7.23 39.49
N GLY A 212 -9.11 -6.34 38.90
CA GLY A 212 -8.57 -5.37 37.95
C GLY A 212 -8.47 -5.82 36.52
N ASN A 213 -9.05 -6.98 36.18
CA ASN A 213 -8.98 -7.48 34.80
C ASN A 213 -10.05 -6.80 33.99
N VAL A 214 -9.68 -6.34 32.79
CA VAL A 214 -10.58 -5.54 31.93
C VAL A 214 -10.44 -5.95 30.46
N PHE A 215 -11.58 -6.16 29.80
CA PHE A 215 -11.67 -6.27 28.35
C PHE A 215 -12.13 -4.89 27.86
N GLU A 216 -11.38 -4.27 26.95
CA GLU A 216 -11.67 -2.90 26.48
C GLU A 216 -11.44 -2.78 24.98
N GLY A 217 -12.38 -2.17 24.25
CA GLY A 217 -12.18 -1.92 22.83
C GLY A 217 -12.16 -3.18 21.97
N CYS A 218 -12.62 -4.30 22.52
CA CYS A 218 -12.53 -5.63 21.86
C CYS A 218 -13.77 -5.90 21.01
N ARG A 219 -13.62 -6.71 19.96
CA ARG A 219 -14.74 -7.21 19.17
C ARG A 219 -14.74 -8.74 19.18
N ALA A 220 -15.94 -9.30 19.27
CA ALA A 220 -16.16 -10.76 19.22
C ALA A 220 -17.29 -11.05 18.26
N TRP A 221 -17.02 -11.76 17.18
CA TRP A 221 -18.10 -12.10 16.24
C TRP A 221 -17.90 -13.48 15.60
N TYR A 222 -19.02 -14.16 15.30
CA TYR A 222 -18.97 -15.54 14.78
C TYR A 222 -18.09 -16.48 15.63
N ASN A 223 -18.20 -16.34 16.96
CA ASN A 223 -17.77 -17.39 17.86
C ASN A 223 -18.94 -18.34 18.09
N SER A 224 -18.70 -19.63 18.16
CA SER A 224 -19.82 -20.59 18.17
C SER A 224 -20.76 -20.43 19.34
N ASP A 225 -20.22 -20.04 20.48
CA ASP A 225 -21.00 -19.95 21.71
C ASP A 225 -21.28 -18.47 21.99
N ASP A 226 -20.52 -17.82 22.85
CA ASP A 226 -20.78 -16.44 23.27
C ASP A 226 -19.61 -15.51 22.90
N GLY A 227 -19.86 -14.22 22.72
CA GLY A 227 -18.78 -13.29 22.48
C GLY A 227 -17.88 -13.11 23.68
N PHE A 228 -18.52 -12.80 24.81
CA PHE A 228 -17.89 -12.58 26.09
C PHE A 228 -18.70 -13.39 27.12
N ASP A 229 -17.99 -14.08 28.04
CA ASP A 229 -18.60 -14.97 29.01
C ASP A 229 -17.85 -14.83 30.33
N LEU A 230 -18.56 -14.41 31.39
CA LEU A 230 -18.03 -14.23 32.73
C LEU A 230 -18.59 -15.23 33.76
N ILE A 231 -19.00 -16.40 33.31
CA ILE A 231 -19.48 -17.42 34.27
C ILE A 231 -18.35 -17.81 35.25
N ASN A 232 -18.73 -18.19 36.49
CA ASN A 232 -17.77 -18.74 37.45
C ASN A 232 -16.58 -17.80 37.67
N CYS A 233 -16.89 -16.52 37.85
CA CYS A 233 -15.86 -15.48 37.94
C CYS A 233 -15.93 -14.89 39.36
N PHE A 234 -14.87 -15.08 40.15
CA PHE A 234 -14.92 -14.89 41.62
C PHE A 234 -14.43 -13.48 42.06
N GLU A 235 -13.98 -12.66 41.11
CA GLU A 235 -13.77 -11.23 41.30
C GLU A 235 -14.45 -10.48 40.14
N ALA A 236 -14.74 -9.20 40.32
CA ALA A 236 -15.40 -8.43 39.27
C ALA A 236 -14.52 -8.28 38.03
N VAL A 237 -15.08 -8.55 36.87
CA VAL A 237 -14.45 -8.22 35.59
C VAL A 237 -15.30 -7.14 34.91
N LYS A 238 -14.62 -6.26 34.16
CA LYS A 238 -15.26 -5.17 33.43
C LYS A 238 -15.07 -5.36 31.93
N ILE A 239 -16.18 -5.14 31.19
CA ILE A 239 -16.20 -5.15 29.73
C ILE A 239 -16.59 -3.72 29.34
N ILE A 240 -15.71 -3.01 28.65
CA ILE A 240 -15.86 -1.55 28.38
C ILE A 240 -15.61 -1.28 26.91
N ASN A 241 -16.55 -0.61 26.23
CA ASN A 241 -16.36 -0.24 24.82
C ASN A 241 -16.05 -1.43 23.97
N CYS A 242 -16.82 -2.52 24.15
CA CYS A 242 -16.65 -3.75 23.35
C CYS A 242 -17.85 -3.98 22.44
N TRP A 243 -17.64 -4.63 21.30
CA TRP A 243 -18.73 -4.98 20.39
C TRP A 243 -18.82 -6.50 20.29
N SER A 244 -20.03 -7.05 20.35
CA SER A 244 -20.26 -8.50 20.33
C SER A 244 -21.46 -8.79 19.44
N PHE A 245 -21.23 -9.49 18.33
CA PHE A 245 -22.23 -9.60 17.29
C PHE A 245 -22.11 -10.92 16.55
N LEU A 246 -23.24 -11.45 16.09
CA LEU A 246 -23.24 -12.67 15.26
C LEU A 246 -22.61 -13.89 15.92
N ASN A 247 -22.63 -13.93 17.25
CA ASN A 247 -22.18 -15.12 17.96
C ASN A 247 -23.30 -16.14 18.03
N GLY A 248 -22.98 -17.41 18.14
CA GLY A 248 -24.00 -18.48 18.15
C GLY A 248 -24.35 -19.07 16.79
N TYR A 249 -23.57 -18.69 15.77
CA TYR A 249 -23.76 -19.13 14.41
C TYR A 249 -22.47 -19.71 13.85
N LYS A 250 -22.57 -20.70 12.94
CA LYS A 250 -21.37 -21.15 12.22
C LYS A 250 -20.81 -19.98 11.42
N PRO A 251 -19.48 -19.80 11.40
CA PRO A 251 -18.97 -18.54 10.82
C PRO A 251 -19.38 -18.25 9.39
N GLY A 252 -19.85 -17.02 9.20
CA GLY A 252 -20.29 -16.56 7.85
C GLY A 252 -21.73 -16.92 7.49
N THR A 253 -22.42 -17.65 8.38
CA THR A 253 -23.75 -18.21 8.10
C THR A 253 -24.75 -17.82 9.20
N LYS A 254 -26.00 -18.25 8.99
CA LYS A 254 -27.00 -18.25 10.06
C LYS A 254 -27.36 -19.65 10.53
N GLU A 255 -26.42 -20.60 10.36
CA GLU A 255 -26.63 -21.98 10.80
C GLU A 255 -26.42 -22.00 12.31
N VAL A 256 -27.34 -22.66 13.01
CA VAL A 256 -27.30 -22.71 14.48
C VAL A 256 -26.03 -23.40 14.98
N ALA A 257 -25.35 -22.74 15.92
CA ALA A 257 -24.22 -23.31 16.60
C ALA A 257 -24.54 -23.39 18.12
N GLY A 258 -23.80 -22.65 18.94
CA GLY A 258 -23.98 -22.63 20.40
C GLY A 258 -24.94 -21.58 20.89
N ASP A 259 -24.72 -21.11 22.11
CA ASP A 259 -25.73 -20.36 22.86
C ASP A 259 -26.01 -18.97 22.29
N GLY A 260 -25.05 -18.33 21.64
CA GLY A 260 -25.33 -17.07 20.98
C GLY A 260 -25.71 -15.90 21.89
N THR A 261 -24.91 -15.66 22.91
CA THR A 261 -25.06 -14.46 23.76
C THR A 261 -23.99 -13.44 23.38
N GLY A 262 -24.33 -12.15 23.31
CA GLY A 262 -23.31 -11.10 23.14
C GLY A 262 -22.37 -11.02 24.35
N PHE A 263 -22.98 -10.78 25.52
CA PHE A 263 -22.29 -10.60 26.78
C PHE A 263 -22.99 -11.40 27.86
N LYS A 264 -22.39 -12.51 28.28
CA LYS A 264 -22.91 -13.34 29.36
C LYS A 264 -22.11 -12.83 30.57
N ALA A 265 -22.75 -12.05 31.44
CA ALA A 265 -22.04 -11.17 32.38
C ALA A 265 -22.12 -11.62 33.84
N GLY A 266 -22.26 -12.92 34.06
CA GLY A 266 -22.25 -13.47 35.41
C GLY A 266 -22.61 -14.93 35.45
N GLY A 267 -23.02 -15.39 36.63
CA GLY A 267 -23.48 -16.75 36.84
C GLY A 267 -22.46 -17.68 37.49
N TYR A 268 -23.03 -18.73 38.08
CA TYR A 268 -22.27 -19.87 38.70
C TYR A 268 -22.90 -21.20 38.31
N GLY A 269 -23.65 -21.20 37.21
CA GLY A 269 -24.36 -22.39 36.74
C GLY A 269 -25.71 -22.65 37.37
N MET A 270 -26.36 -23.67 36.82
CA MET A 270 -27.69 -24.10 37.24
C MET A 270 -27.71 -25.63 37.40
N ALA A 271 -26.64 -26.20 37.93
CA ALA A 271 -26.61 -27.66 38.07
C ALA A 271 -27.70 -28.21 39.01
N ALA A 272 -28.31 -29.31 38.63
CA ALA A 272 -29.35 -29.95 39.48
C ALA A 272 -28.81 -30.87 40.54
N ASP A 273 -27.57 -31.34 40.37
CA ASP A 273 -27.03 -32.45 41.21
C ASP A 273 -26.28 -31.95 42.43
N LYS A 274 -25.68 -30.76 42.37
CA LYS A 274 -24.83 -30.25 43.45
C LYS A 274 -24.74 -28.73 43.40
N LEU A 275 -24.44 -28.12 44.54
CA LEU A 275 -24.20 -26.68 44.61
C LEU A 275 -22.85 -26.35 44.00
N PRO A 276 -22.76 -25.27 43.22
CA PRO A 276 -21.46 -24.78 42.74
C PRO A 276 -20.66 -24.11 43.86
N ALA A 277 -19.35 -24.13 43.76
CA ALA A 277 -18.52 -23.19 44.52
C ALA A 277 -18.90 -21.75 44.13
N ILE A 278 -18.99 -20.87 45.12
CA ILE A 278 -19.30 -19.46 44.91
C ILE A 278 -18.37 -18.59 45.72
N PRO A 279 -18.08 -17.38 45.21
CA PRO A 279 -17.23 -16.45 45.95
C PRO A 279 -17.97 -15.95 47.21
N SER A 280 -17.22 -15.56 48.23
CA SER A 280 -17.82 -15.05 49.47
C SER A 280 -18.41 -13.65 49.28
N VAL A 281 -17.92 -12.92 48.28
CA VAL A 281 -18.52 -11.66 47.83
C VAL A 281 -19.00 -11.87 46.40
N ILE A 282 -20.29 -11.72 46.15
CA ILE A 282 -20.81 -11.92 44.77
C ILE A 282 -20.41 -10.65 43.99
N PRO A 283 -19.55 -10.79 42.96
CA PRO A 283 -18.99 -9.60 42.34
C PRO A 283 -19.98 -8.87 41.46
N GLN A 284 -19.82 -7.55 41.43
CA GLN A 284 -20.60 -6.69 40.56
C GLN A 284 -19.81 -6.52 39.25
N HIS A 285 -19.96 -7.49 38.35
CA HIS A 285 -19.37 -7.35 37.01
C HIS A 285 -20.00 -6.14 36.31
N GLU A 286 -19.32 -5.62 35.30
CA GLU A 286 -19.81 -4.42 34.59
C GLU A 286 -19.67 -4.60 33.09
N VAL A 287 -20.71 -4.21 32.37
CA VAL A 287 -20.66 -4.06 30.92
C VAL A 287 -21.11 -2.63 30.64
N ARG A 288 -20.19 -1.81 30.08
CA ARG A 288 -20.40 -0.38 29.87
CA ARG A 288 -20.45 -0.38 29.84
C ARG A 288 -20.03 0.03 28.45
N ASN A 289 -20.79 0.96 27.85
CA ASN A 289 -20.45 1.57 26.56
C ASN A 289 -20.19 0.57 25.47
N SER A 290 -20.98 -0.51 25.51
CA SER A 290 -20.76 -1.65 24.61
C SER A 290 -21.97 -1.87 23.68
N LEU A 291 -21.78 -2.67 22.64
CA LEU A 291 -22.75 -2.88 21.58
C LEU A 291 -22.97 -4.37 21.34
N ALA A 292 -24.24 -4.79 21.30
CA ALA A 292 -24.63 -6.18 20.94
C ALA A 292 -25.47 -6.11 19.69
N TYR A 293 -25.10 -6.87 18.66
CA TYR A 293 -25.88 -6.92 17.41
C TYR A 293 -26.05 -8.34 16.91
N TYR A 294 -27.30 -8.79 16.75
CA TYR A 294 -27.60 -10.02 16.02
C TYR A 294 -26.82 -11.22 16.52
N ASN A 295 -26.62 -11.31 17.85
CA ASN A 295 -26.26 -12.60 18.41
C ASN A 295 -27.50 -13.50 18.30
N ARG A 296 -27.30 -14.83 18.24
CA ARG A 296 -28.40 -15.69 17.90
C ARG A 296 -29.55 -15.58 18.90
N LEU A 297 -29.24 -15.56 20.21
CA LEU A 297 -30.28 -15.65 21.25
C LEU A 297 -30.40 -14.47 22.18
N ARG A 298 -29.30 -13.85 22.61
CA ARG A 298 -29.36 -12.80 23.65
C ARG A 298 -28.29 -11.75 23.44
N GLY A 299 -28.57 -10.54 23.90
CA GLY A 299 -27.61 -9.44 23.85
C GLY A 299 -26.76 -9.35 25.12
N PHE A 300 -27.31 -8.68 26.14
CA PHE A 300 -26.70 -8.46 27.44
C PHE A 300 -27.43 -9.31 28.46
N TYR A 301 -26.75 -10.29 29.07
CA TYR A 301 -27.42 -11.35 29.86
C TYR A 301 -26.80 -11.50 31.22
N ALA A 302 -27.60 -11.45 32.29
CA ALA A 302 -27.06 -11.65 33.65
C ALA A 302 -26.69 -13.12 33.92
N ASN A 303 -27.21 -14.05 33.09
CA ASN A 303 -26.75 -15.44 33.08
C ASN A 303 -26.86 -16.14 34.44
N HIS A 304 -27.96 -15.90 35.13
CA HIS A 304 -28.23 -16.59 36.40
C HIS A 304 -27.27 -16.14 37.50
N HIS A 305 -26.89 -14.87 37.50
CA HIS A 305 -26.03 -14.36 38.56
C HIS A 305 -26.69 -14.45 39.94
N LEU A 306 -25.88 -14.40 40.98
CA LEU A 306 -26.36 -14.47 42.36
C LEU A 306 -26.36 -13.08 43.04
N GLY A 307 -26.42 -12.01 42.24
CA GLY A 307 -26.34 -10.66 42.76
C GLY A 307 -26.44 -9.69 41.61
N GLY A 308 -26.19 -8.42 41.93
CA GLY A 308 -26.29 -7.36 40.93
C GLY A 308 -25.08 -7.23 40.01
N ILE A 309 -25.37 -6.86 38.76
CA ILE A 309 -24.34 -6.43 37.83
CA ILE A 309 -24.42 -6.51 37.68
C ILE A 309 -24.71 -5.05 37.31
N ILE A 310 -23.75 -4.37 36.70
CA ILE A 310 -23.97 -3.04 36.12
C ILE A 310 -23.98 -3.12 34.60
N PHE A 311 -25.12 -2.72 33.99
CA PHE A 311 -25.27 -2.56 32.54
C PHE A 311 -25.56 -1.08 32.34
N GLU A 312 -24.56 -0.33 31.85
CA GLU A 312 -24.60 1.13 31.72
CA GLU A 312 -24.68 1.15 31.71
C GLU A 312 -24.25 1.57 30.31
N SER A 313 -25.08 2.40 29.67
CA SER A 313 -24.73 3.10 28.43
C SER A 313 -24.38 2.10 27.33
N ASN A 314 -25.20 1.04 27.20
CA ASN A 314 -25.03 0.08 26.10
C ASN A 314 -26.08 0.26 25.01
N THR A 315 -25.80 -0.31 23.84
CA THR A 315 -26.76 -0.36 22.74
C THR A 315 -26.93 -1.83 22.31
N ALA A 316 -28.18 -2.24 22.10
CA ALA A 316 -28.50 -3.58 21.57
C ALA A 316 -29.38 -3.45 20.35
N VAL A 317 -29.04 -4.16 19.29
CA VAL A 317 -29.83 -4.14 18.08
C VAL A 317 -30.09 -5.59 17.68
N ASN A 318 -31.36 -5.99 17.62
CA ASN A 318 -31.74 -7.26 17.02
C ASN A 318 -30.94 -8.47 17.50
N SER A 319 -30.76 -8.56 18.83
CA SER A 319 -29.90 -9.58 19.40
C SER A 319 -30.66 -10.61 20.22
N GLY A 320 -31.91 -10.87 19.81
CA GLY A 320 -32.76 -11.82 20.49
C GLY A 320 -33.38 -11.14 21.69
N GLU A 321 -33.17 -11.68 22.89
CA GLU A 321 -33.49 -10.95 24.12
C GLU A 321 -32.38 -9.94 24.33
N ASN A 322 -32.64 -8.68 23.96
CA ASN A 322 -31.57 -7.66 23.92
C ASN A 322 -30.96 -7.46 25.31
N TYR A 323 -31.82 -7.41 26.32
CA TYR A 323 -31.40 -7.36 27.72
C TYR A 323 -32.20 -8.48 28.45
N ASN A 324 -31.50 -9.32 29.20
CA ASN A 324 -32.12 -10.41 29.96
C ASN A 324 -31.42 -10.44 31.31
N MET A 325 -32.16 -10.09 32.36
CA MET A 325 -31.58 -9.84 33.68
C MET A 325 -31.70 -11.04 34.65
N THR A 326 -31.94 -12.22 34.10
CA THR A 326 -32.22 -13.40 34.91
C THR A 326 -31.11 -13.68 35.94
N ASN A 327 -31.51 -13.77 37.21
CA ASN A 327 -30.62 -14.25 38.27
C ASN A 327 -31.04 -15.62 38.77
N ARG A 328 -30.09 -16.32 39.37
CA ARG A 328 -30.40 -17.57 40.10
C ARG A 328 -30.97 -17.15 41.47
N GLU A 329 -31.95 -17.92 41.97
CA GLU A 329 -32.51 -17.66 43.31
C GLU A 329 -31.43 -17.68 44.38
N SER A 330 -31.48 -16.72 45.27
CA SER A 330 -30.58 -16.64 46.41
C SER A 330 -31.46 -16.80 47.65
N PRO A 331 -31.01 -17.55 48.65
CA PRO A 331 -29.69 -18.16 48.77
C PRO A 331 -29.57 -19.36 47.82
N LEU A 332 -28.34 -19.73 47.55
CA LEU A 332 -28.04 -20.86 46.74
C LEU A 332 -28.76 -22.10 47.27
N ALA A 333 -29.56 -22.72 46.41
CA ALA A 333 -30.41 -23.86 46.76
C ALA A 333 -30.65 -24.84 45.62
N LEU A 334 -31.12 -26.04 46.00
CA LEU A 334 -31.48 -27.09 45.05
C LEU A 334 -32.93 -27.48 45.30
N PRO A 335 -33.76 -27.64 44.27
CA PRO A 335 -33.39 -27.49 42.85
C PRO A 335 -33.05 -26.05 42.48
N PRO A 336 -32.27 -25.87 41.41
CA PRO A 336 -31.87 -24.53 40.98
C PRO A 336 -33.00 -23.87 40.23
N THR A 337 -33.39 -22.68 40.65
CA THR A 337 -34.45 -21.97 39.96
C THR A 337 -34.03 -20.52 39.74
N ASP A 338 -34.67 -19.90 38.77
CA ASP A 338 -34.37 -18.54 38.36
C ASP A 338 -35.41 -17.57 38.94
N VAL A 339 -34.99 -16.33 39.07
CA VAL A 339 -35.87 -15.23 39.43
C VAL A 339 -35.59 -14.02 38.53
N ASN A 340 -36.55 -13.08 38.49
CA ASN A 340 -36.32 -11.77 37.85
C ASN A 340 -35.12 -11.11 38.55
N GLY A 341 -34.25 -10.47 37.78
CA GLY A 341 -32.98 -10.02 38.35
C GLY A 341 -33.10 -8.97 39.46
N TYR A 342 -32.29 -9.13 40.50
CA TYR A 342 -32.25 -8.29 41.69
C TYR A 342 -30.89 -7.63 41.82
N ASP A 343 -30.88 -6.42 42.40
CA ASP A 343 -29.65 -5.66 42.74
C ASP A 343 -28.90 -5.12 41.52
N HIS A 344 -29.48 -5.24 40.33
CA HIS A 344 -28.83 -4.74 39.14
C HIS A 344 -28.90 -3.20 39.08
N MET A 345 -27.98 -2.64 38.29
CA MET A 345 -28.01 -1.23 37.85
C MET A 345 -28.13 -1.28 36.33
N VAL A 346 -29.30 -0.93 35.78
CA VAL A 346 -29.57 -1.00 34.35
C VAL A 346 -29.94 0.43 33.96
N LYS A 347 -28.97 1.20 33.47
CA LYS A 347 -29.18 2.65 33.23
C LYS A 347 -28.62 3.08 31.88
N ASN A 348 -29.32 4.01 31.24
CA ASN A 348 -28.84 4.69 30.04
C ASN A 348 -28.61 3.76 28.83
N ASN A 349 -29.37 2.66 28.78
CA ASN A 349 -29.23 1.74 27.65
C ASN A 349 -30.22 2.03 26.52
N LEU A 350 -29.87 1.58 25.33
CA LEU A 350 -30.65 1.72 24.11
C LEU A 350 -30.95 0.34 23.49
N SER A 351 -32.14 0.19 22.91
CA SER A 351 -32.57 -1.08 22.34
C SER A 351 -33.41 -0.87 21.09
N LEU A 352 -33.00 -1.49 20.00
CA LEU A 352 -33.80 -1.58 18.78
C LEU A 352 -34.19 -3.04 18.47
N VAL A 353 -35.48 -3.23 18.16
CA VAL A 353 -36.03 -4.54 17.72
C VAL A 353 -36.77 -4.37 16.39
N THR A 354 -36.20 -4.96 15.33
CA THR A 354 -36.89 -5.13 14.04
C THR A 354 -36.84 -6.57 13.56
N ARG A 355 -36.22 -7.45 14.34
CA ARG A 355 -35.97 -8.85 13.94
C ARG A 355 -37.04 -9.76 14.54
N SER A 356 -37.44 -10.78 13.77
CA SER A 356 -38.36 -11.81 14.27
C SER A 356 -37.85 -12.49 15.54
N GLY A 357 -38.69 -12.48 16.57
CA GLY A 357 -38.40 -13.12 17.82
C GLY A 357 -37.65 -12.28 18.83
N SER A 358 -37.18 -11.09 18.43
CA SER A 358 -36.35 -10.30 19.35
C SER A 358 -37.24 -9.52 20.31
N LYS A 359 -36.68 -9.15 21.47
CA LYS A 359 -37.40 -8.48 22.56
C LYS A 359 -36.49 -7.47 23.22
N HIS A 360 -37.05 -6.41 23.79
CA HIS A 360 -36.23 -5.42 24.49
C HIS A 360 -35.58 -5.91 25.80
N ILE A 361 -36.41 -6.23 26.79
CA ILE A 361 -35.95 -6.55 28.14
C ILE A 361 -36.84 -7.63 28.76
N VAL A 362 -36.20 -8.66 29.32
CA VAL A 362 -36.92 -9.71 30.03
C VAL A 362 -36.26 -9.98 31.37
N MET A 363 -37.03 -10.55 32.28
CA MET A 363 -36.52 -11.13 33.53
C MET A 363 -35.80 -10.13 34.42
N VAL A 364 -36.35 -8.94 34.58
CA VAL A 364 -35.83 -7.95 35.51
C VAL A 364 -36.88 -7.65 36.57
N ASN A 365 -36.45 -7.45 37.81
CA ASN A 365 -37.34 -7.03 38.89
C ASN A 365 -37.09 -5.55 39.16
N ARG A 366 -37.97 -4.68 38.63
CA ARG A 366 -37.79 -3.22 38.74
CA ARG A 366 -37.78 -3.21 38.75
C ARG A 366 -38.02 -2.71 40.18
N ALA A 367 -38.63 -3.57 41.03
CA ALA A 367 -38.77 -3.27 42.46
C ALA A 367 -37.54 -3.63 43.31
N LYS A 368 -36.62 -4.41 42.73
CA LYS A 368 -35.40 -4.84 43.42
C LYS A 368 -34.11 -4.48 42.71
N SER A 369 -34.24 -3.92 41.51
CA SER A 369 -33.10 -3.39 40.73
C SER A 369 -33.41 -1.97 40.35
N GLU A 370 -32.36 -1.20 40.11
CA GLU A 370 -32.48 0.18 39.64
C GLU A 370 -32.43 0.20 38.11
N VAL A 371 -33.59 0.46 37.50
CA VAL A 371 -33.78 0.41 36.04
C VAL A 371 -34.31 1.78 35.61
N SER A 372 -33.42 2.61 35.05
CA SER A 372 -33.78 3.99 34.73
C SER A 372 -33.09 4.55 33.48
N ASN A 373 -33.79 5.48 32.83
CA ASN A 373 -33.32 6.15 31.63
C ASN A 373 -32.87 5.20 30.54
N ASN A 374 -33.65 4.12 30.33
CA ASN A 374 -33.44 3.21 29.22
C ASN A 374 -34.50 3.46 28.18
N SER A 375 -34.13 3.25 26.91
CA SER A 375 -35.06 3.55 25.84
C SER A 375 -36.34 2.70 25.92
N PHE A 376 -36.20 1.48 26.44
CA PHE A 376 -37.29 0.55 26.52
C PHE A 376 -38.28 0.84 27.67
N ASP A 377 -37.93 1.76 28.57
CA ASP A 377 -38.69 2.28 29.75
CA ASP A 377 -38.95 2.07 29.58
C ASP A 377 -39.69 3.34 29.26
N GLY A 378 -39.38 3.96 28.12
CA GLY A 378 -40.09 5.13 27.64
C GLY A 378 -41.30 4.83 26.78
N SER A 379 -41.97 5.89 26.37
CA SER A 379 -43.21 5.77 25.59
C SER A 379 -42.97 5.53 24.10
N GLU A 380 -41.94 6.18 23.55
CA GLU A 380 -41.65 6.13 22.13
C GLU A 380 -40.84 4.89 21.83
N GLU A 381 -41.31 4.08 20.88
CA GLU A 381 -40.58 2.93 20.34
C GLU A 381 -39.42 3.43 19.46
N VAL A 382 -38.24 2.85 19.66
CA VAL A 382 -37.08 3.08 18.82
C VAL A 382 -37.29 2.45 17.44
N ILE A 383 -36.96 3.17 16.38
CA ILE A 383 -37.17 2.72 14.98
C ILE A 383 -35.93 2.90 14.11
N GLU A 384 -35.94 2.36 12.89
CA GLU A 384 -34.73 2.31 12.04
C GLU A 384 -34.24 3.73 11.74
N THR A 385 -35.15 4.64 11.41
CA THR A 385 -34.78 6.00 11.06
C THR A 385 -34.22 6.82 12.21
N ASP A 386 -34.24 6.28 13.45
CA ASP A 386 -33.57 6.94 14.58
C ASP A 386 -32.05 6.86 14.46
N PHE A 387 -31.54 6.03 13.53
CA PHE A 387 -30.12 5.76 13.43
C PHE A 387 -29.50 6.30 12.16
N ILE A 388 -28.25 6.72 12.27
CA ILE A 388 -27.49 7.24 11.10
C ILE A 388 -27.22 6.09 10.14
N SER A 389 -26.86 4.94 10.72
CA SER A 389 -26.62 3.73 9.97
C SER A 389 -26.95 2.49 10.83
N LEU A 390 -27.42 1.44 10.16
CA LEU A 390 -27.52 0.08 10.71
C LEU A 390 -26.90 -0.95 9.74
N GLU A 391 -25.89 -0.50 9.00
CA GLU A 391 -25.19 -1.38 8.07
C GLU A 391 -24.13 -2.18 8.80
N GLU A 392 -24.38 -3.48 8.93
CA GLU A 392 -23.57 -4.35 9.81
C GLU A 392 -22.13 -4.52 9.38
N ALA A 393 -21.82 -4.42 8.07
CA ALA A 393 -20.44 -4.53 7.63
C ALA A 393 -19.53 -3.45 8.24
N GLU A 394 -20.10 -2.33 8.70
CA GLU A 394 -19.31 -1.31 9.40
C GLU A 394 -18.61 -1.89 10.63
N LEU A 395 -19.28 -2.83 11.31
CA LEU A 395 -18.71 -3.41 12.53
C LEU A 395 -17.50 -4.29 12.28
N MET A 396 -17.36 -4.74 11.03
CA MET A 396 -16.21 -5.57 10.60
C MET A 396 -15.12 -4.77 9.87
N ARG A 397 -15.25 -3.45 9.82
CA ARG A 397 -14.21 -2.60 9.19
C ARG A 397 -12.87 -2.81 9.87
N ASP A 398 -11.79 -2.67 9.11
CA ASP A 398 -10.48 -2.78 9.68
C ASP A 398 -10.25 -1.70 10.75
N ARG A 399 -9.57 -2.13 11.82
CA ARG A 399 -9.16 -1.21 12.87
C ARG A 399 -8.22 -0.16 12.31
N LYS A 400 -8.17 0.97 12.99
CA LYS A 400 -7.23 2.04 12.64
C LYS A 400 -5.78 1.50 12.76
N PRO A 401 -4.81 2.20 12.15
CA PRO A 401 -3.44 1.64 12.24
C PRO A 401 -2.90 1.43 13.66
N ASN A 402 -3.31 2.31 14.59
CA ASN A 402 -2.95 2.16 16.02
C ASN A 402 -3.71 1.08 16.79
N GLY A 403 -4.60 0.36 16.12
CA GLY A 403 -5.42 -0.68 16.74
C GLY A 403 -6.80 -0.27 17.26
N ASP A 404 -7.10 1.04 17.28
CA ASP A 404 -8.41 1.48 17.78
C ASP A 404 -9.54 0.98 16.90
N LEU A 405 -10.72 0.86 17.50
CA LEU A 405 -11.91 0.49 16.75
C LEU A 405 -12.12 1.40 15.54
N PRO A 406 -12.65 0.87 14.42
CA PRO A 406 -12.99 1.74 13.30
C PRO A 406 -14.06 2.76 13.65
N ASP A 407 -14.00 3.91 13.00
CA ASP A 407 -15.11 4.83 13.05
C ASP A 407 -16.29 4.18 12.35
N VAL A 408 -17.46 4.24 13.00
CA VAL A 408 -18.69 3.72 12.46
C VAL A 408 -19.85 4.65 12.78
N ASN A 409 -20.86 4.63 11.92
CA ASN A 409 -22.15 5.20 12.23
C ASN A 409 -23.16 4.16 12.70
N PHE A 410 -22.81 2.87 12.60
CA PHE A 410 -23.70 1.80 13.05
C PHE A 410 -24.18 2.04 14.49
N GLY A 411 -25.48 2.05 14.67
CA GLY A 411 -26.03 2.20 16.00
C GLY A 411 -25.96 3.57 16.64
N LYS A 412 -25.54 4.57 15.88
CA LYS A 412 -25.43 5.95 16.35
C LYS A 412 -26.75 6.66 16.07
N LEU A 413 -27.34 7.27 17.10
CA LEU A 413 -28.57 8.06 16.91
C LEU A 413 -28.33 9.32 16.04
N THR A 414 -29.38 9.70 15.31
CA THR A 414 -29.35 10.96 14.58
C THR A 414 -29.44 12.10 15.60
N THR A 415 -29.11 13.31 15.15
CA THR A 415 -29.14 14.46 16.04
C THR A 415 -30.55 14.62 16.65
N ASP A 416 -31.59 14.47 15.82
CA ASP A 416 -32.97 14.59 16.34
C ASP A 416 -33.35 13.47 17.28
N ALA A 417 -32.94 12.24 16.96
CA ALA A 417 -33.27 11.12 17.84
C ALA A 417 -32.53 11.22 19.17
N GLU A 418 -31.30 11.75 19.17
CA GLU A 418 -30.57 11.98 20.44
C GLU A 418 -31.38 12.84 21.41
N LEU A 419 -32.09 13.85 20.91
CA LEU A 419 -32.97 14.68 21.75
C LEU A 419 -34.12 13.91 22.40
N ARG A 420 -34.61 12.87 21.72
CA ARG A 420 -35.73 12.07 22.20
C ARG A 420 -35.31 10.88 23.10
N PHE A 421 -34.02 10.54 23.04
CA PHE A 421 -33.42 9.43 23.78
C PHE A 421 -32.14 9.93 24.45
N TRP A 422 -32.28 11.06 25.17
CA TRP A 422 -31.13 11.78 25.68
C TRP A 422 -30.33 10.95 26.67
N GLY A 423 -29.01 10.85 26.43
CA GLY A 423 -28.12 10.17 27.34
C GLY A 423 -28.12 8.65 27.23
N MET A 424 -28.76 8.10 26.17
CA MET A 424 -28.96 6.66 26.05
C MET A 424 -28.06 6.06 24.97
N GLY A 425 -27.49 4.89 25.29
CA GLY A 425 -26.72 4.11 24.30
C GLY A 425 -25.22 4.34 24.43
N CYS A 426 -24.47 3.53 23.68
CA CYS A 426 -23.03 3.45 23.84
C CYS A 426 -22.28 4.55 23.11
N PHE A 427 -22.90 5.20 22.13
CA PHE A 427 -22.27 6.31 21.36
C PHE A 427 -22.85 7.69 21.70
N GLY B 2 28.34 1.02 -21.74
CA GLY B 2 28.33 -0.44 -21.44
C GLY B 2 28.43 -1.28 -22.70
N LYS B 3 28.32 -2.60 -22.55
CA LYS B 3 28.44 -3.51 -23.69
C LYS B 3 27.09 -3.77 -24.37
N THR B 4 27.09 -3.66 -25.69
CA THR B 4 25.93 -3.96 -26.52
C THR B 4 26.31 -5.12 -27.46
N TYR B 5 25.59 -6.24 -27.28
CA TYR B 5 25.68 -7.40 -28.14
C TYR B 5 24.56 -7.35 -29.18
N TYR B 6 24.75 -8.15 -30.25
CA TYR B 6 23.78 -8.26 -31.36
C TYR B 6 23.50 -9.73 -31.65
N MET B 7 22.25 -10.01 -31.99
CA MET B 7 21.89 -11.30 -32.56
C MET B 7 21.04 -11.08 -33.81
N ASP B 8 21.03 -12.09 -34.67
CA ASP B 8 20.45 -11.97 -36.02
C ASP B 8 20.05 -13.37 -36.47
N PRO B 9 18.96 -13.51 -37.25
CA PRO B 9 18.62 -14.85 -37.70
C PRO B 9 19.71 -15.55 -38.51
N GLU B 10 20.58 -14.77 -39.19
CA GLU B 10 21.70 -15.30 -39.98
C GLU B 10 23.06 -15.14 -39.29
N GLY B 11 23.04 -14.88 -37.98
CA GLY B 11 24.27 -14.85 -37.18
C GLY B 11 24.79 -16.24 -36.87
N SER B 12 25.80 -16.27 -36.01
CA SER B 12 26.38 -17.53 -35.59
C SER B 12 26.79 -17.42 -34.14
N ASP B 13 26.58 -18.49 -33.37
CA ASP B 13 26.98 -18.51 -31.97
C ASP B 13 28.49 -18.69 -31.77
N SER B 14 29.22 -18.90 -32.88
CA SER B 14 30.67 -18.86 -32.86
C SER B 14 31.23 -17.44 -33.03
N ASN B 15 30.35 -16.50 -33.38
CA ASN B 15 30.75 -15.14 -33.56
C ASN B 15 30.91 -14.46 -32.19
N PRO B 16 31.56 -13.29 -32.16
CA PRO B 16 31.70 -12.52 -30.91
C PRO B 16 30.48 -11.67 -30.50
N GLY B 17 29.46 -11.57 -31.36
CA GLY B 17 28.22 -10.86 -31.00
C GLY B 17 28.24 -9.36 -31.23
N THR B 18 29.07 -8.93 -32.19
CA THR B 18 29.18 -7.54 -32.58
C THR B 18 28.14 -7.21 -33.63
N SER B 19 28.02 -5.93 -33.99
CA SER B 19 27.13 -5.49 -35.06
C SER B 19 27.47 -6.22 -36.38
N ASP B 20 28.76 -6.33 -36.70
CA ASP B 20 29.21 -7.02 -37.91
C ASP B 20 29.08 -8.54 -37.87
N LYS B 21 29.30 -9.13 -36.70
CA LYS B 21 29.32 -10.59 -36.54
C LYS B 21 28.41 -10.94 -35.36
N PRO B 22 27.08 -10.87 -35.59
CA PRO B 22 26.14 -11.14 -34.51
C PRO B 22 26.05 -12.62 -34.10
N PHE B 23 25.54 -12.86 -32.90
CA PHE B 23 25.13 -14.20 -32.47
C PHE B 23 23.89 -14.69 -33.24
N ALA B 24 23.59 -15.98 -33.13
CA ALA B 24 22.39 -16.57 -33.71
C ALA B 24 21.27 -16.78 -32.70
N THR B 25 21.59 -17.10 -31.43
CA THR B 25 20.56 -17.49 -30.44
C THR B 25 20.64 -16.81 -29.10
N LEU B 26 19.50 -16.76 -28.42
CA LEU B 26 19.47 -16.37 -27.03
C LEU B 26 20.21 -17.30 -26.06
N VAL B 27 20.43 -18.56 -26.46
CA VAL B 27 21.21 -19.49 -25.62
C VAL B 27 22.65 -18.97 -25.48
N LYS B 28 23.22 -18.53 -26.60
CA LYS B 28 24.56 -17.89 -26.57
C LYS B 28 24.58 -16.55 -25.81
N VAL B 29 23.58 -15.72 -26.04
CA VAL B 29 23.43 -14.49 -25.29
C VAL B 29 23.47 -14.75 -23.77
N GLN B 30 22.72 -15.77 -23.31
CA GLN B 30 22.66 -16.06 -21.88
C GLN B 30 23.99 -16.47 -21.27
N GLU B 31 24.84 -17.09 -22.08
CA GLU B 31 26.16 -17.49 -21.65
C GLU B 31 27.03 -16.28 -21.27
N VAL B 32 26.88 -15.15 -21.98
CA VAL B 32 27.83 -14.02 -21.89
C VAL B 32 27.34 -12.80 -21.11
N VAL B 33 26.03 -12.54 -21.07
CA VAL B 33 25.54 -11.29 -20.46
C VAL B 33 25.78 -11.15 -18.96
N VAL B 34 26.03 -9.92 -18.53
CA VAL B 34 26.08 -9.52 -17.11
C VAL B 34 25.32 -8.20 -16.93
N ALA B 35 25.12 -7.82 -15.66
CA ALA B 35 24.39 -6.60 -15.33
C ALA B 35 24.93 -5.36 -16.10
N GLY B 36 24.01 -4.63 -16.69
CA GLY B 36 24.26 -3.46 -17.50
C GLY B 36 24.41 -3.73 -18.98
N ASP B 37 24.58 -4.99 -19.38
CA ASP B 37 24.66 -5.31 -20.81
C ASP B 37 23.29 -5.09 -21.48
N VAL B 38 23.38 -4.83 -22.78
CA VAL B 38 22.24 -4.70 -23.67
C VAL B 38 22.44 -5.65 -24.85
N VAL B 39 21.38 -6.37 -25.23
CA VAL B 39 21.36 -7.20 -26.42
C VAL B 39 20.35 -6.61 -27.38
N TYR B 40 20.86 -6.18 -28.54
CA TYR B 40 19.99 -5.75 -29.65
C TYR B 40 19.65 -6.99 -30.50
N ILE B 41 18.35 -7.26 -30.60
CA ILE B 41 17.84 -8.42 -31.32
C ILE B 41 17.38 -7.93 -32.69
N ASN B 42 18.11 -8.30 -33.76
CA ASN B 42 17.77 -7.77 -35.06
C ASN B 42 16.41 -8.32 -35.48
N PRO B 43 15.63 -7.51 -36.18
CA PRO B 43 14.35 -7.98 -36.66
C PRO B 43 14.48 -9.12 -37.70
N GLY B 44 13.43 -9.91 -37.77
CA GLY B 44 13.33 -11.05 -38.65
C GLY B 44 12.75 -12.26 -37.96
N THR B 45 12.80 -13.39 -38.66
CA THR B 45 12.20 -14.64 -38.17
C THR B 45 13.28 -15.54 -37.58
N TYR B 46 13.14 -15.90 -36.32
CA TYR B 46 14.02 -16.84 -35.64
C TYR B 46 13.27 -18.14 -35.38
N VAL B 47 13.53 -19.15 -36.19
CA VAL B 47 12.91 -20.46 -35.98
C VAL B 47 13.78 -21.23 -34.98
N VAL B 48 13.19 -21.56 -33.83
CA VAL B 48 13.88 -22.38 -32.84
C VAL B 48 13.99 -23.84 -33.33
N PRO B 49 15.23 -24.39 -33.51
CA PRO B 49 15.33 -25.73 -34.07
C PRO B 49 14.62 -26.76 -33.23
N ALA B 50 13.98 -27.71 -33.91
CA ALA B 50 13.24 -28.82 -33.25
C ALA B 50 14.06 -29.58 -32.23
N ASN B 51 15.35 -29.74 -32.54
CA ASN B 51 16.29 -30.46 -31.69
C ASN B 51 17.12 -29.59 -30.71
N GLN B 52 16.76 -28.32 -30.55
CA GLN B 52 17.48 -27.48 -29.59
C GLN B 52 17.23 -27.98 -28.16
N VAL B 53 18.29 -28.29 -27.42
CA VAL B 53 18.12 -28.81 -26.07
C VAL B 53 17.49 -27.73 -25.18
N PRO B 54 16.63 -28.15 -24.21
CA PRO B 54 16.09 -27.12 -23.32
C PRO B 54 17.19 -26.50 -22.47
N MET B 55 17.13 -25.19 -22.22
CA MET B 55 18.07 -24.59 -21.26
C MET B 55 17.91 -25.11 -19.82
N THR B 56 16.68 -25.45 -19.45
CA THR B 56 16.44 -26.15 -18.18
C THR B 56 15.12 -26.90 -18.25
N THR B 57 14.82 -27.63 -17.18
CA THR B 57 13.52 -28.29 -17.00
C THR B 57 13.01 -27.95 -15.61
N THR B 58 11.70 -28.02 -15.42
CA THR B 58 11.13 -27.84 -14.08
C THR B 58 10.06 -28.90 -13.80
N ASN B 59 9.71 -29.03 -12.51
CA ASN B 59 8.62 -29.94 -12.04
C ASN B 59 8.89 -31.38 -12.39
N SER B 60 10.05 -31.85 -11.93
CA SER B 60 10.50 -33.22 -12.19
C SER B 60 10.43 -33.66 -13.65
N GLY B 61 10.91 -32.79 -14.55
CA GLY B 61 10.95 -33.08 -15.97
C GLY B 61 9.65 -32.85 -16.75
N LEU B 62 8.59 -32.41 -16.11
CA LEU B 62 7.35 -32.12 -16.82
C LEU B 62 7.52 -30.99 -17.84
N TYR B 63 8.30 -29.97 -17.48
CA TYR B 63 8.49 -28.81 -18.36
C TYR B 63 9.82 -28.84 -19.12
N HIS B 64 9.75 -28.56 -20.42
CA HIS B 64 10.88 -28.24 -21.30
C HIS B 64 10.90 -26.72 -21.37
N CYS B 65 11.94 -26.09 -20.83
CA CYS B 65 12.08 -24.62 -20.81
C CYS B 65 13.05 -24.22 -21.90
N VAL B 66 12.59 -23.48 -22.90
CA VAL B 66 13.41 -23.18 -24.10
C VAL B 66 14.55 -22.21 -23.71
N PHE B 67 14.20 -21.07 -23.17
CA PHE B 67 15.13 -20.03 -22.75
C PHE B 67 14.99 -19.83 -21.24
N HIS B 68 16.07 -20.06 -20.49
CA HIS B 68 16.08 -19.81 -19.05
C HIS B 68 16.66 -18.43 -18.78
N MET B 69 15.81 -17.49 -18.41
CA MET B 69 16.23 -16.13 -18.09
C MET B 69 16.67 -16.12 -16.61
N ASN B 70 17.86 -16.70 -16.41
CA ASN B 70 18.35 -17.01 -15.09
C ASN B 70 19.31 -15.99 -14.51
N LYS B 71 19.98 -15.23 -15.38
CA LYS B 71 20.89 -14.19 -14.91
C LYS B 71 20.14 -12.96 -14.47
N SER B 72 20.75 -12.18 -13.58
CA SER B 72 20.15 -10.96 -13.06
C SER B 72 20.96 -9.72 -13.33
N GLY B 73 20.24 -8.62 -13.57
CA GLY B 73 20.83 -7.29 -13.46
C GLY B 73 20.97 -6.86 -12.00
N GLU B 74 21.22 -5.57 -11.81
CA GLU B 74 21.25 -4.90 -10.50
C GLU B 74 20.31 -3.72 -10.55
N ALA B 75 19.96 -3.14 -9.40
CA ALA B 75 19.11 -1.94 -9.38
C ALA B 75 19.84 -0.84 -10.12
N GLY B 76 19.17 -0.21 -11.07
CA GLY B 76 19.80 0.77 -11.94
C GLY B 76 20.78 0.28 -13.01
N LYS B 77 20.99 -1.03 -13.10
CA LYS B 77 21.87 -1.67 -14.11
C LYS B 77 21.21 -2.99 -14.55
N PRO B 78 20.10 -2.88 -15.27
CA PRO B 78 19.44 -4.11 -15.73
C PRO B 78 20.20 -4.87 -16.81
N ILE B 79 19.76 -6.11 -17.08
CA ILE B 79 20.15 -6.78 -18.33
C ILE B 79 18.98 -6.55 -19.28
N SER B 80 19.28 -5.99 -20.46
CA SER B 80 18.21 -5.60 -21.41
C SER B 80 18.30 -6.41 -22.70
N TYR B 81 17.13 -6.90 -23.15
CA TYR B 81 16.99 -7.72 -24.35
C TYR B 81 15.95 -7.00 -25.21
N LEU B 82 16.43 -6.27 -26.22
CA LEU B 82 15.64 -5.25 -26.92
C LEU B 82 15.66 -5.48 -28.43
N ALA B 83 14.50 -5.46 -29.07
CA ALA B 83 14.47 -5.39 -30.53
C ALA B 83 15.38 -4.21 -30.93
N ASN B 84 16.23 -4.43 -31.94
CA ASN B 84 17.21 -3.45 -32.32
C ASN B 84 16.53 -2.11 -32.73
N PRO B 85 16.75 -1.03 -31.95
CA PRO B 85 16.00 0.18 -32.23
C PRO B 85 16.48 0.97 -33.45
N ASN B 86 17.59 0.51 -34.04
CA ASN B 86 18.17 1.11 -35.25
C ASN B 86 17.73 0.39 -36.53
N LYS B 87 16.81 -0.58 -36.41
CA LYS B 87 16.33 -1.31 -37.56
C LYS B 87 14.83 -1.42 -37.51
N GLN B 88 14.21 -1.40 -38.68
CA GLN B 88 12.76 -1.42 -38.80
C GLN B 88 12.24 -2.85 -38.72
N GLY B 89 11.08 -3.03 -38.11
CA GLY B 89 10.47 -4.36 -37.97
C GLY B 89 10.69 -4.93 -36.58
N ARG B 90 10.18 -6.15 -36.41
CA ARG B 90 10.22 -6.85 -35.14
C ARG B 90 10.92 -8.18 -35.24
N PRO B 91 11.65 -8.57 -34.18
CA PRO B 91 12.05 -9.97 -34.06
C PRO B 91 10.84 -10.83 -33.75
N ILE B 92 10.75 -11.99 -34.42
CA ILE B 92 9.68 -12.94 -34.25
C ILE B 92 10.28 -14.30 -33.96
N PHE B 93 10.09 -14.80 -32.75
CA PHE B 93 10.54 -16.15 -32.39
C PHE B 93 9.42 -17.15 -32.69
N ASP B 94 9.72 -18.09 -33.61
CA ASP B 94 8.78 -19.10 -34.12
C ASP B 94 9.12 -20.41 -33.41
N LEU B 95 8.21 -20.81 -32.53
CA LEU B 95 8.34 -22.00 -31.70
C LEU B 95 7.62 -23.25 -32.24
N SER B 96 7.13 -23.20 -33.49
CA SER B 96 6.28 -24.25 -34.05
C SER B 96 6.94 -25.62 -34.21
N GLN B 97 8.28 -25.67 -34.21
CA GLN B 97 9.01 -26.93 -34.37
C GLN B 97 9.37 -27.61 -33.05
N VAL B 98 9.14 -26.93 -31.93
CA VAL B 98 9.53 -27.43 -30.61
C VAL B 98 8.40 -28.28 -30.03
N LYS B 99 8.56 -29.60 -30.12
CA LYS B 99 7.51 -30.57 -29.78
C LYS B 99 8.07 -31.73 -28.96
N PRO B 100 8.65 -31.43 -27.78
CA PRO B 100 9.24 -32.49 -26.94
C PRO B 100 8.17 -33.46 -26.41
N LYS B 101 8.37 -34.78 -26.58
CA LYS B 101 7.34 -35.76 -26.22
C LYS B 101 7.02 -35.69 -24.73
N ASP B 102 5.73 -35.67 -24.38
CA ASP B 102 5.29 -35.80 -22.97
C ASP B 102 5.67 -34.66 -22.04
N GLN B 103 5.98 -33.50 -22.61
CA GLN B 103 6.40 -32.35 -21.82
C GLN B 103 5.59 -31.10 -22.17
N ARG B 104 5.29 -30.33 -21.13
CA ARG B 104 4.81 -28.96 -21.28
C ARG B 104 5.98 -28.09 -21.77
N ILE B 105 5.63 -26.97 -22.40
CA ILE B 105 6.62 -26.05 -22.95
C ILE B 105 6.49 -24.72 -22.22
N THR B 106 7.63 -24.17 -21.79
CA THR B 106 7.73 -22.78 -21.35
C THR B 106 8.80 -22.13 -22.23
N VAL B 107 8.45 -21.07 -22.95
CA VAL B 107 9.40 -20.48 -23.89
C VAL B 107 10.43 -19.63 -23.16
N PHE B 108 9.97 -18.72 -22.31
CA PHE B 108 10.81 -17.88 -21.47
C PHE B 108 10.49 -18.18 -20.01
N TYR B 109 11.39 -18.92 -19.36
CA TYR B 109 11.25 -19.28 -17.95
C TYR B 109 12.09 -18.29 -17.16
N VAL B 110 11.41 -17.43 -16.41
CA VAL B 110 12.03 -16.24 -15.80
C VAL B 110 12.22 -16.47 -14.29
N THR B 111 13.48 -16.68 -13.90
CA THR B 111 13.86 -16.74 -12.49
C THR B 111 14.71 -15.56 -12.02
N GLY B 112 15.31 -14.84 -12.97
CA GLY B 112 16.12 -13.68 -12.69
C GLY B 112 15.39 -12.40 -12.37
N SER B 113 16.18 -11.40 -11.97
CA SER B 113 15.71 -10.11 -11.51
C SER B 113 16.40 -8.96 -12.25
N ASN B 114 15.77 -7.80 -12.24
CA ASN B 114 16.34 -6.61 -12.89
C ASN B 114 16.62 -6.87 -14.39
N LEU B 115 15.60 -7.40 -15.06
CA LEU B 115 15.62 -7.67 -16.51
C LEU B 115 14.64 -6.73 -17.22
N TYR B 116 14.96 -6.44 -18.50
CA TYR B 116 14.11 -5.60 -19.35
C TYR B 116 14.06 -6.29 -20.70
N LEU B 117 12.86 -6.76 -21.06
CA LEU B 117 12.63 -7.39 -22.37
C LEU B 117 11.65 -6.55 -23.16
N LYS B 118 11.97 -6.24 -24.43
CA LYS B 118 11.10 -5.37 -25.22
C LYS B 118 11.10 -5.64 -26.69
N GLY B 119 9.89 -5.58 -27.27
CA GLY B 119 9.74 -5.34 -28.70
C GLY B 119 9.70 -6.50 -29.68
N PHE B 120 9.53 -7.73 -29.18
CA PHE B 120 9.52 -8.95 -30.00
C PHE B 120 8.28 -9.84 -29.79
N ASP B 121 8.12 -10.80 -30.68
CA ASP B 121 6.94 -11.72 -30.69
C ASP B 121 7.37 -13.15 -30.39
N VAL B 122 6.43 -13.91 -29.86
CA VAL B 122 6.56 -15.34 -29.67
C VAL B 122 5.32 -16.00 -30.30
N ILE B 123 5.54 -16.73 -31.40
CA ILE B 123 4.46 -17.37 -32.14
C ILE B 123 4.60 -18.90 -32.16
N GLY B 124 3.51 -19.59 -32.37
CA GLY B 124 3.55 -21.03 -32.63
C GLY B 124 3.95 -21.94 -31.49
N THR B 125 3.86 -21.45 -30.26
CA THR B 125 4.18 -22.29 -29.10
C THR B 125 3.22 -23.48 -29.02
N GLN B 126 3.77 -24.69 -28.85
CA GLN B 126 3.04 -25.95 -28.98
C GLN B 126 2.55 -26.53 -27.64
N VAL B 127 1.48 -27.31 -27.73
CA VAL B 127 1.08 -28.32 -26.75
C VAL B 127 1.11 -29.66 -27.50
N THR B 128 1.73 -30.66 -26.90
CA THR B 128 1.72 -32.03 -27.41
C THR B 128 1.03 -33.03 -26.49
N ILE B 129 0.94 -32.73 -25.20
CA ILE B 129 0.23 -33.58 -24.25
C ILE B 129 -1.29 -33.60 -24.51
N THR B 130 -1.89 -34.77 -24.41
CA THR B 130 -3.34 -34.96 -24.69
C THR B 130 -4.29 -34.85 -23.47
N GLY B 131 -3.79 -35.10 -22.26
CA GLY B 131 -4.58 -34.83 -21.05
C GLY B 131 -4.64 -33.34 -20.75
N HIS B 132 -5.33 -33.00 -19.65
CA HIS B 132 -5.40 -31.62 -19.16
C HIS B 132 -3.99 -31.11 -19.02
N THR B 133 -3.71 -29.92 -19.57
CA THR B 133 -2.33 -29.44 -19.66
C THR B 133 -2.28 -27.96 -20.07
N GLN B 134 -1.08 -27.38 -20.05
CA GLN B 134 -0.84 -26.03 -20.60
C GLN B 134 0.61 -25.88 -20.99
N SER B 135 0.87 -24.92 -21.87
CA SER B 135 2.20 -24.38 -22.13
C SER B 135 2.14 -22.86 -21.88
N GLU B 136 3.30 -22.23 -21.71
CA GLU B 136 3.35 -20.77 -21.54
C GLU B 136 4.43 -20.12 -22.37
N CYS B 137 4.16 -18.93 -22.92
CA CYS B 137 5.22 -18.14 -23.55
C CYS B 137 6.18 -17.55 -22.50
N PHE B 138 5.63 -16.97 -21.44
CA PHE B 138 6.39 -16.46 -20.29
C PHE B 138 5.85 -17.05 -19.01
N ARG B 139 6.70 -17.70 -18.24
CA ARG B 139 6.34 -18.15 -16.89
C ARG B 139 7.33 -17.51 -15.92
N ILE B 140 6.79 -16.76 -14.96
CA ILE B 140 7.57 -15.96 -14.01
C ILE B 140 7.27 -16.53 -12.63
N VAL B 141 8.33 -16.79 -11.85
CA VAL B 141 8.22 -17.51 -10.57
C VAL B 141 8.91 -16.78 -9.41
N LYS B 142 8.65 -17.27 -8.21
CA LYS B 142 9.25 -16.76 -7.00
C LYS B 142 10.74 -16.41 -7.20
N GLY B 143 11.11 -15.21 -6.76
CA GLY B 143 12.50 -14.79 -6.81
C GLY B 143 12.81 -13.91 -8.03
N ALA B 144 11.91 -13.92 -9.02
CA ALA B 144 12.06 -13.05 -10.21
C ALA B 144 11.42 -11.68 -9.91
N ASN B 145 12.25 -10.69 -9.58
CA ASN B 145 11.81 -9.39 -9.07
C ASN B 145 12.29 -8.24 -9.95
N ASN B 146 11.49 -7.19 -10.00
CA ASN B 146 11.90 -5.90 -10.57
C ASN B 146 12.24 -6.06 -12.07
N ASN B 147 11.31 -6.67 -12.80
CA ASN B 147 11.47 -6.92 -14.22
C ASN B 147 10.45 -6.13 -14.99
N LYS B 148 10.79 -5.85 -16.25
CA LYS B 148 9.88 -5.09 -17.14
C LYS B 148 9.82 -5.81 -18.48
N PHE B 149 8.58 -6.11 -18.87
CA PHE B 149 8.25 -6.82 -20.11
C PHE B 149 7.40 -5.87 -20.93
N GLU B 150 7.93 -5.36 -22.03
CA GLU B 150 7.29 -4.23 -22.72
C GLU B 150 7.13 -4.50 -24.21
N ASP B 151 5.93 -4.21 -24.72
CA ASP B 151 5.68 -4.26 -26.19
C ASP B 151 6.08 -5.63 -26.73
N LEU B 152 5.69 -6.67 -26.02
CA LEU B 152 5.88 -8.05 -26.41
C LEU B 152 4.54 -8.61 -26.90
N ARG B 153 4.59 -9.51 -27.89
CA ARG B 153 3.34 -10.04 -28.45
C ARG B 153 3.41 -11.58 -28.53
N THR B 154 2.55 -12.25 -27.77
CA THR B 154 2.48 -13.72 -27.65
C THR B 154 1.22 -14.12 -28.39
N HIS B 155 1.34 -14.72 -29.58
CA HIS B 155 0.18 -14.90 -30.44
C HIS B 155 0.30 -16.04 -31.42
N ASP B 156 -0.86 -16.49 -31.92
CA ASP B 156 -0.88 -17.52 -32.94
C ASP B 156 -0.12 -18.76 -32.47
N GLY B 157 -0.47 -19.17 -31.26
CA GLY B 157 0.06 -20.41 -30.70
C GLY B 157 -0.94 -21.10 -29.78
N MET B 158 -0.46 -22.10 -29.03
CA MET B 158 -1.29 -22.92 -28.14
C MET B 158 -1.06 -22.64 -26.65
N ALA B 159 -0.25 -21.61 -26.35
CA ALA B 159 0.23 -21.34 -25.02
C ALA B 159 -0.36 -20.04 -24.45
N ILE B 160 -0.52 -20.07 -23.13
CA ILE B 160 -0.79 -18.90 -22.31
C ILE B 160 0.30 -17.87 -22.62
N GLY B 161 -0.05 -16.59 -22.73
CA GLY B 161 0.94 -15.57 -23.04
C GLY B 161 1.88 -15.29 -21.90
N PHE B 162 1.32 -14.84 -20.78
CA PHE B 162 2.08 -14.46 -19.60
C PHE B 162 1.42 -15.15 -18.40
N TYR B 163 2.24 -15.82 -17.60
CA TYR B 163 1.76 -16.66 -16.50
C TYR B 163 2.64 -16.44 -15.30
N LEU B 164 2.12 -15.75 -14.31
CA LEU B 164 2.85 -15.45 -13.08
C LEU B 164 2.46 -16.39 -11.95
N LEU B 165 3.44 -17.16 -11.46
CA LEU B 165 3.28 -17.96 -10.24
C LEU B 165 3.94 -17.35 -9.00
N GLY B 166 4.76 -16.30 -9.20
CA GLY B 166 5.48 -15.65 -8.11
C GLY B 166 6.32 -14.51 -8.66
N GLY B 167 7.12 -13.88 -7.78
CA GLY B 167 7.87 -12.71 -8.14
C GLY B 167 7.18 -11.45 -7.73
N SER B 168 7.95 -10.37 -7.70
CA SER B 168 7.48 -9.07 -7.22
C SER B 168 7.92 -7.96 -8.16
N ASN B 169 7.07 -6.95 -8.31
CA ASN B 169 7.39 -5.78 -9.15
C ASN B 169 7.74 -6.21 -10.58
N ASN B 170 6.96 -7.14 -11.13
CA ASN B 170 7.02 -7.42 -12.57
C ASN B 170 5.97 -6.56 -13.27
N HIS B 171 6.41 -5.73 -14.23
CA HIS B 171 5.54 -4.81 -14.93
C HIS B 171 5.43 -5.32 -16.38
N ILE B 172 4.22 -5.75 -16.74
CA ILE B 172 3.92 -6.26 -18.06
C ILE B 172 3.16 -5.12 -18.74
N LEU B 173 3.86 -4.43 -19.66
CA LEU B 173 3.46 -3.15 -20.20
C LEU B 173 3.32 -3.21 -21.73
N ASN B 174 2.16 -2.77 -22.23
CA ASN B 174 1.88 -2.64 -23.64
C ASN B 174 2.06 -3.94 -24.42
N CYS B 175 1.74 -5.06 -23.79
CA CYS B 175 1.83 -6.36 -24.40
C CYS B 175 0.51 -6.85 -24.98
N ASP B 176 0.61 -7.66 -26.05
CA ASP B 176 -0.57 -8.25 -26.69
C ASP B 176 -0.50 -9.78 -26.58
N ALA B 177 -1.64 -10.38 -26.22
CA ALA B 177 -1.80 -11.86 -26.28
C ALA B 177 -3.06 -12.16 -27.07
N TYR B 178 -2.91 -12.80 -28.23
CA TYR B 178 -4.07 -13.00 -29.09
C TYR B 178 -3.94 -14.23 -29.96
N ASN B 179 -5.09 -14.76 -30.41
CA ASN B 179 -5.12 -15.93 -31.31
C ASN B 179 -4.42 -17.13 -30.68
N ASN B 180 -4.73 -17.38 -29.41
CA ASN B 180 -4.07 -18.46 -28.66
C ASN B 180 -5.13 -19.52 -28.31
N TYR B 181 -4.89 -20.75 -28.77
CA TYR B 181 -5.88 -21.82 -28.75
C TYR B 181 -5.16 -23.15 -28.85
N ASP B 182 -5.46 -24.04 -27.91
CA ASP B 182 -4.79 -25.36 -27.81
C ASP B 182 -5.71 -26.36 -28.53
N SER B 183 -5.29 -26.74 -29.73
CA SER B 183 -6.03 -27.63 -30.61
C SER B 183 -5.62 -29.13 -30.44
N VAL B 184 -4.87 -29.47 -29.38
CA VAL B 184 -4.31 -30.82 -29.15
C VAL B 184 -4.86 -31.52 -27.89
N SER B 185 -4.82 -30.85 -26.74
CA SER B 185 -5.18 -31.49 -25.45
C SER B 185 -6.69 -31.55 -25.27
N GLU B 186 -7.12 -32.61 -24.60
CA GLU B 186 -8.54 -32.85 -24.27
C GLU B 186 -9.43 -32.71 -25.52
N GLY B 187 -8.99 -33.31 -26.62
CA GLY B 187 -9.74 -33.30 -27.89
C GLY B 187 -9.67 -32.01 -28.70
N GLY B 188 -8.72 -31.15 -28.35
CA GLY B 188 -8.52 -29.91 -29.05
C GLY B 188 -9.59 -28.86 -28.98
N LYS B 189 -10.46 -28.94 -27.97
CA LYS B 189 -11.41 -27.89 -27.51
C LYS B 189 -11.06 -26.34 -27.49
N GLY B 190 -9.77 -26.01 -27.48
CA GLY B 190 -9.32 -24.67 -27.29
C GLY B 190 -8.63 -24.60 -25.95
N GLY B 191 -9.35 -25.08 -24.95
CA GLY B 191 -8.75 -25.34 -23.69
C GLY B 191 -8.83 -24.18 -22.73
N ASN B 192 -7.86 -24.21 -21.85
CA ASN B 192 -7.76 -23.33 -20.75
C ASN B 192 -6.65 -22.36 -21.11
N VAL B 193 -6.67 -21.77 -22.32
CA VAL B 193 -5.62 -20.83 -22.70
C VAL B 193 -6.07 -19.38 -22.42
N ASP B 194 -5.49 -18.78 -21.39
CA ASP B 194 -5.66 -17.38 -21.06
C ASP B 194 -4.62 -16.50 -21.76
N GLY B 195 -4.93 -15.23 -22.00
CA GLY B 195 -3.90 -14.29 -22.49
C GLY B 195 -2.86 -14.02 -21.41
N PHE B 196 -3.36 -13.63 -20.24
CA PHE B 196 -2.56 -13.17 -19.11
C PHE B 196 -3.11 -13.77 -17.82
N GLY B 197 -2.22 -14.42 -17.08
CA GLY B 197 -2.58 -15.07 -15.82
C GLY B 197 -1.76 -14.58 -14.66
N GLY B 198 -2.43 -14.14 -13.58
CA GLY B 198 -1.76 -13.71 -12.35
C GLY B 198 -2.18 -14.66 -11.24
N HIS B 199 -1.25 -15.52 -10.82
CA HIS B 199 -1.54 -16.63 -9.88
C HIS B 199 -0.41 -16.78 -8.87
N ILE B 200 -0.07 -15.66 -8.24
CA ILE B 200 1.00 -15.60 -7.22
C ILE B 200 0.69 -16.63 -6.15
N ASN B 201 1.56 -17.62 -5.96
CA ASN B 201 1.24 -18.79 -5.13
C ASN B 201 1.67 -18.64 -3.66
N SER B 202 1.34 -19.65 -2.87
CA SER B 202 1.65 -19.59 -1.45
C SER B 202 3.14 -19.48 -1.14
N SER B 203 3.97 -20.04 -1.99
CA SER B 203 5.41 -20.01 -1.77
C SER B 203 5.97 -18.63 -1.95
N SER B 204 5.27 -17.78 -2.72
CA SER B 204 5.81 -16.47 -3.10
C SER B 204 5.18 -15.28 -2.36
N VAL B 205 4.48 -15.55 -1.26
CA VAL B 205 3.83 -14.47 -0.50
C VAL B 205 4.84 -13.59 0.22
N GLY B 206 4.44 -12.35 0.43
CA GLY B 206 5.22 -11.39 1.21
C GLY B 206 5.51 -10.11 0.50
N GLU B 207 5.70 -9.07 1.30
CA GLU B 207 6.14 -7.77 0.79
C GLU B 207 7.51 -7.86 0.08
N GLY B 208 7.54 -7.43 -1.18
CA GLY B 208 8.71 -7.59 -2.05
C GLY B 208 9.02 -9.01 -2.53
N LYS B 209 8.11 -9.95 -2.27
CA LYS B 209 8.24 -11.35 -2.71
C LYS B 209 7.15 -11.74 -3.73
N GLY B 210 5.91 -11.25 -3.50
CA GLY B 210 4.81 -11.47 -4.44
C GLY B 210 4.01 -10.26 -4.78
N THR B 211 4.40 -9.11 -4.24
CA THR B 211 3.62 -7.86 -4.36
C THR B 211 4.05 -7.04 -5.60
N GLY B 212 3.19 -6.12 -6.03
CA GLY B 212 3.56 -5.09 -6.99
C GLY B 212 3.55 -5.47 -8.45
N ASN B 213 2.98 -6.62 -8.79
CA ASN B 213 2.88 -7.03 -10.19
C ASN B 213 1.71 -6.33 -10.87
N VAL B 214 1.93 -5.87 -12.11
CA VAL B 214 0.95 -5.00 -12.80
C VAL B 214 0.90 -5.36 -14.28
N PHE B 215 -0.31 -5.53 -14.80
CA PHE B 215 -0.55 -5.59 -16.23
C PHE B 215 -1.08 -4.22 -16.64
N GLU B 216 -0.42 -3.55 -17.60
CA GLU B 216 -0.76 -2.16 -17.95
C GLU B 216 -0.70 -1.98 -19.46
N GLY B 217 -1.73 -1.39 -20.06
CA GLY B 217 -1.66 -1.08 -21.51
C GLY B 217 -1.74 -2.30 -22.39
N CYS B 218 -2.19 -3.43 -21.84
CA CYS B 218 -2.17 -4.71 -22.52
C CYS B 218 -3.50 -4.98 -23.25
N ARG B 219 -3.43 -5.77 -24.32
CA ARG B 219 -4.63 -6.27 -25.02
C ARG B 219 -4.65 -7.79 -25.04
N ALA B 220 -5.85 -8.37 -24.84
CA ALA B 220 -6.06 -9.82 -24.91
C ALA B 220 -7.29 -10.07 -25.76
N TRP B 221 -7.13 -10.78 -26.89
CA TRP B 221 -8.29 -11.14 -27.72
C TRP B 221 -8.13 -12.49 -28.40
N TYR B 222 -9.25 -13.16 -28.65
CA TYR B 222 -9.24 -14.50 -29.22
C TYR B 222 -8.27 -15.46 -28.50
N ASN B 223 -8.25 -15.37 -27.18
CA ASN B 223 -7.70 -16.43 -26.33
C ASN B 223 -8.86 -17.38 -26.01
N SER B 224 -8.57 -18.68 -26.00
CA SER B 224 -9.67 -19.65 -25.90
C SER B 224 -10.44 -19.57 -24.60
N ASP B 225 -9.78 -19.19 -23.50
CA ASP B 225 -10.43 -19.12 -22.19
C ASP B 225 -10.73 -17.68 -21.82
N ASP B 226 -9.92 -17.05 -20.98
CA ASP B 226 -10.13 -15.69 -20.49
C ASP B 226 -9.04 -14.74 -21.02
N GLY B 227 -9.35 -13.46 -21.14
CA GLY B 227 -8.31 -12.49 -21.49
C GLY B 227 -7.27 -12.35 -20.37
N PHE B 228 -7.78 -12.09 -19.17
CA PHE B 228 -7.01 -11.92 -17.94
C PHE B 228 -7.65 -12.75 -16.82
N ASP B 229 -6.85 -13.49 -16.07
CA ASP B 229 -7.34 -14.42 -15.04
C ASP B 229 -6.44 -14.34 -13.82
N LEU B 230 -7.01 -13.89 -12.70
CA LEU B 230 -6.36 -13.75 -11.41
C LEU B 230 -6.81 -14.78 -10.37
N ILE B 231 -7.27 -15.95 -10.77
CA ILE B 231 -7.64 -16.95 -9.76
C ILE B 231 -6.41 -17.38 -8.94
N ASN B 232 -6.63 -17.75 -7.68
CA ASN B 232 -5.55 -18.32 -6.85
C ASN B 232 -4.34 -17.41 -6.80
N CYS B 233 -4.63 -16.13 -6.59
CA CYS B 233 -3.58 -15.12 -6.61
C CYS B 233 -3.46 -14.56 -5.18
N PHE B 234 -2.31 -14.80 -4.53
CA PHE B 234 -2.19 -14.62 -3.06
C PHE B 234 -1.75 -13.20 -2.63
N GLU B 235 -1.35 -12.39 -3.61
CA GLU B 235 -1.08 -10.99 -3.42
C GLU B 235 -1.86 -10.19 -4.46
N ALA B 236 -2.10 -8.93 -4.17
CA ALA B 236 -2.90 -8.13 -5.06
C ALA B 236 -2.17 -7.89 -6.40
N VAL B 237 -2.92 -8.00 -7.48
CA VAL B 237 -2.45 -7.72 -8.84
C VAL B 237 -3.36 -6.64 -9.40
N LYS B 238 -2.77 -5.73 -10.15
CA LYS B 238 -3.53 -4.64 -10.79
C LYS B 238 -3.52 -4.82 -12.31
N ILE B 239 -4.67 -4.57 -12.91
CA ILE B 239 -4.88 -4.53 -14.35
C ILE B 239 -5.34 -3.10 -14.67
N ILE B 240 -4.50 -2.34 -15.39
CA ILE B 240 -4.68 -0.90 -15.59
C ILE B 240 -4.63 -0.60 -17.09
N ASN B 241 -5.63 0.12 -17.60
CA ASN B 241 -5.63 0.53 -19.01
C ASN B 241 -5.43 -0.65 -19.99
N CYS B 242 -6.16 -1.74 -19.75
CA CYS B 242 -6.11 -2.94 -20.59
C CYS B 242 -7.42 -3.16 -21.36
N TRP B 243 -7.31 -3.80 -22.51
CA TRP B 243 -8.45 -4.14 -23.34
C TRP B 243 -8.57 -5.66 -23.45
N SER B 244 -9.78 -6.21 -23.23
CA SER B 244 -10.00 -7.64 -23.28
C SER B 244 -11.27 -7.92 -24.05
N PHE B 245 -11.14 -8.55 -25.21
CA PHE B 245 -12.27 -8.69 -26.09
C PHE B 245 -12.23 -9.96 -26.90
N LEU B 246 -13.41 -10.49 -27.23
CA LEU B 246 -13.54 -11.68 -28.08
C LEU B 246 -12.77 -12.88 -27.55
N ASN B 247 -12.67 -12.99 -26.21
CA ASN B 247 -12.11 -14.21 -25.61
C ASN B 247 -13.24 -15.21 -25.40
N GLY B 248 -12.89 -16.49 -25.38
CA GLY B 248 -13.88 -17.60 -25.31
C GLY B 248 -14.34 -18.15 -26.63
N TYR B 249 -13.69 -17.71 -27.73
CA TYR B 249 -14.02 -18.12 -29.10
C TYR B 249 -12.75 -18.61 -29.80
N LYS B 250 -12.91 -19.59 -30.69
CA LYS B 250 -11.81 -19.99 -31.57
C LYS B 250 -11.36 -18.77 -32.42
N PRO B 251 -10.04 -18.60 -32.64
CA PRO B 251 -9.60 -17.34 -33.27
C PRO B 251 -10.24 -17.03 -34.63
N GLY B 252 -10.78 -15.82 -34.75
CA GLY B 252 -11.45 -15.36 -35.98
C GLY B 252 -12.86 -15.88 -36.21
N THR B 253 -13.45 -16.50 -35.19
CA THR B 253 -14.77 -17.14 -35.30
C THR B 253 -15.66 -16.77 -34.10
N LYS B 254 -16.91 -17.21 -34.13
CA LYS B 254 -17.76 -17.24 -32.94
C LYS B 254 -18.01 -18.69 -32.45
N GLU B 255 -17.10 -19.60 -32.79
CA GLU B 255 -17.19 -20.97 -32.34
CA GLU B 255 -17.18 -20.98 -32.33
C GLU B 255 -16.80 -21.00 -30.84
N VAL B 256 -17.63 -21.66 -30.05
CA VAL B 256 -17.42 -21.74 -28.62
C VAL B 256 -16.08 -22.42 -28.31
N ALA B 257 -15.27 -21.78 -27.47
CA ALA B 257 -14.06 -22.39 -26.95
C ALA B 257 -14.20 -22.53 -25.40
N GLY B 258 -13.43 -21.76 -24.63
CA GLY B 258 -13.47 -21.79 -23.18
C GLY B 258 -14.40 -20.75 -22.58
N ASP B 259 -14.07 -20.29 -21.37
CA ASP B 259 -15.03 -19.60 -20.51
C ASP B 259 -15.39 -18.22 -20.99
N GLY B 260 -14.49 -17.51 -21.67
CA GLY B 260 -14.87 -16.23 -22.23
C GLY B 260 -15.19 -15.13 -21.23
N THR B 261 -14.30 -14.93 -20.27
CA THR B 261 -14.35 -13.79 -19.40
C THR B 261 -13.31 -12.75 -19.86
N GLY B 262 -13.69 -11.50 -19.90
CA GLY B 262 -12.72 -10.42 -20.20
C GLY B 262 -11.66 -10.34 -19.10
N PHE B 263 -12.13 -10.12 -17.87
CA PHE B 263 -11.28 -9.90 -16.69
C PHE B 263 -11.85 -10.74 -15.54
N LYS B 264 -11.23 -11.91 -15.32
CA LYS B 264 -11.57 -12.81 -14.23
C LYS B 264 -10.67 -12.42 -13.06
N ALA B 265 -11.19 -11.58 -12.17
CA ALA B 265 -10.36 -10.76 -11.30
C ALA B 265 -10.26 -11.21 -9.83
N GLY B 266 -10.41 -12.51 -9.58
CA GLY B 266 -10.23 -13.02 -8.20
C GLY B 266 -10.61 -14.48 -8.14
N GLY B 267 -10.86 -14.93 -6.93
CA GLY B 267 -11.30 -16.30 -6.67
C GLY B 267 -10.22 -17.25 -6.17
N TYR B 268 -10.70 -18.30 -5.48
CA TYR B 268 -9.87 -19.39 -4.97
C TYR B 268 -10.58 -20.72 -5.29
N GLY B 269 -11.52 -20.71 -6.25
CA GLY B 269 -12.27 -21.91 -6.61
C GLY B 269 -13.53 -22.15 -5.82
N MET B 270 -14.26 -23.18 -6.27
CA MET B 270 -15.54 -23.59 -5.66
C MET B 270 -15.57 -25.12 -5.49
N ALA B 271 -14.44 -25.71 -5.11
CA ALA B 271 -14.38 -27.17 -4.99
C ALA B 271 -15.38 -27.69 -3.95
N ALA B 272 -15.99 -28.83 -4.26
CA ALA B 272 -16.95 -29.44 -3.32
C ALA B 272 -16.31 -30.36 -2.30
N ASP B 273 -15.08 -30.82 -2.57
CA ASP B 273 -14.48 -31.84 -1.72
C ASP B 273 -13.51 -31.35 -0.66
N LYS B 274 -12.90 -30.17 -0.86
CA LYS B 274 -11.83 -29.70 0.05
C LYS B 274 -11.71 -28.20 -0.04
N LEU B 275 -11.25 -27.59 1.05
CA LEU B 275 -10.99 -26.16 1.08
C LEU B 275 -9.69 -25.83 0.37
N PRO B 276 -9.66 -24.73 -0.41
CA PRO B 276 -8.41 -24.27 -1.03
C PRO B 276 -7.50 -23.59 -0.03
N ALA B 277 -6.19 -23.65 -0.28
CA ALA B 277 -5.27 -22.76 0.43
C ALA B 277 -5.59 -21.30 0.07
N ILE B 278 -5.46 -20.39 1.05
CA ILE B 278 -5.72 -18.98 0.84
C ILE B 278 -4.69 -18.14 1.57
N PRO B 279 -4.44 -16.92 1.06
CA PRO B 279 -3.58 -15.99 1.79
C PRO B 279 -4.21 -15.50 3.07
N SER B 280 -3.39 -15.02 4.00
CA SER B 280 -3.86 -14.62 5.33
C SER B 280 -4.72 -13.35 5.27
N VAL B 281 -4.46 -12.51 4.27
CA VAL B 281 -5.28 -11.37 3.94
C VAL B 281 -5.75 -11.59 2.52
N ILE B 282 -7.06 -11.48 2.30
CA ILE B 282 -7.59 -11.67 0.94
C ILE B 282 -7.28 -10.40 0.13
N PRO B 283 -6.54 -10.54 -0.99
CA PRO B 283 -6.03 -9.33 -1.68
C PRO B 283 -7.10 -8.57 -2.42
N GLN B 284 -6.96 -7.25 -2.42
CA GLN B 284 -7.82 -6.38 -3.18
C GLN B 284 -7.22 -6.21 -4.58
N HIS B 285 -7.48 -7.15 -5.47
CA HIS B 285 -7.05 -6.97 -6.86
C HIS B 285 -7.79 -5.73 -7.43
N GLU B 286 -7.25 -5.19 -8.53
CA GLU B 286 -7.83 -3.99 -9.16
C GLU B 286 -7.89 -4.11 -10.65
N VAL B 287 -9.02 -3.71 -11.23
CA VAL B 287 -9.17 -3.50 -12.64
C VAL B 287 -9.67 -2.07 -12.85
N ARG B 288 -8.83 -1.24 -13.48
CA ARG B 288 -9.12 0.19 -13.64
C ARG B 288 -8.87 0.63 -15.08
N ASN B 289 -9.68 1.58 -15.54
CA ASN B 289 -9.47 2.20 -16.85
C ASN B 289 -9.36 1.23 -18.01
N SER B 290 -10.15 0.15 -17.91
CA SER B 290 -10.09 -0.96 -18.83
C SER B 290 -11.38 -1.18 -19.60
N LEU B 291 -11.29 -1.97 -20.69
CA LEU B 291 -12.38 -2.10 -21.67
C LEU B 291 -12.63 -3.57 -21.92
N ALA B 292 -13.89 -3.98 -21.78
CA ALA B 292 -14.33 -5.34 -22.19
C ALA B 292 -15.32 -5.24 -23.31
N TYR B 293 -15.13 -6.04 -24.37
CA TYR B 293 -16.01 -6.07 -25.53
C TYR B 293 -16.23 -7.49 -26.03
N TYR B 294 -17.49 -7.92 -26.04
CA TYR B 294 -17.87 -9.16 -26.71
C TYR B 294 -16.99 -10.35 -26.33
N ASN B 295 -16.62 -10.46 -25.05
CA ASN B 295 -16.17 -11.80 -24.57
C ASN B 295 -17.39 -12.72 -24.54
N ARG B 296 -17.17 -14.01 -24.66
CA ARG B 296 -18.31 -14.93 -24.85
C ARG B 296 -19.35 -14.85 -23.73
N LEU B 297 -18.89 -14.81 -22.47
CA LEU B 297 -19.78 -14.90 -21.31
C LEU B 297 -19.81 -13.74 -20.36
N ARG B 298 -18.66 -13.13 -20.04
CA ARG B 298 -18.62 -12.12 -19.00
C ARG B 298 -17.58 -11.05 -19.33
N GLY B 299 -17.82 -9.86 -18.79
CA GLY B 299 -16.87 -8.74 -18.91
C GLY B 299 -15.91 -8.67 -17.75
N PHE B 300 -16.37 -8.07 -16.66
CA PHE B 300 -15.60 -7.85 -15.42
C PHE B 300 -16.21 -8.71 -14.32
N TYR B 301 -15.44 -9.68 -13.81
CA TYR B 301 -15.99 -10.78 -12.97
C TYR B 301 -15.17 -10.96 -11.70
N ALA B 302 -15.84 -10.89 -10.55
CA ALA B 302 -15.20 -11.18 -9.25
C ALA B 302 -14.82 -12.67 -9.05
N ASN B 303 -15.48 -13.57 -9.79
CA ASN B 303 -15.08 -14.95 -9.88
C ASN B 303 -15.03 -15.66 -8.53
N HIS B 304 -16.03 -15.46 -7.70
CA HIS B 304 -16.13 -16.14 -6.39
C HIS B 304 -15.03 -15.70 -5.44
N HIS B 305 -14.62 -14.41 -5.49
CA HIS B 305 -13.61 -13.93 -4.56
C HIS B 305 -14.07 -14.01 -3.10
N LEU B 306 -13.11 -14.03 -2.18
CA LEU B 306 -13.35 -14.11 -0.74
C LEU B 306 -13.28 -12.73 -0.03
N GLY B 307 -13.46 -11.67 -0.80
CA GLY B 307 -13.33 -10.34 -0.32
C GLY B 307 -13.49 -9.37 -1.44
N GLY B 308 -13.09 -8.12 -1.18
CA GLY B 308 -13.31 -7.06 -2.16
C GLY B 308 -12.26 -6.92 -3.25
N ILE B 309 -12.75 -6.47 -4.41
CA ILE B 309 -11.95 -6.11 -5.59
CA ILE B 309 -11.89 -6.04 -5.49
C ILE B 309 -12.31 -4.65 -5.93
N ILE B 310 -11.41 -3.93 -6.62
CA ILE B 310 -11.71 -2.57 -7.12
C ILE B 310 -11.97 -2.65 -8.61
N PHE B 311 -13.17 -2.24 -9.04
CA PHE B 311 -13.53 -2.08 -10.44
CA PHE B 311 -13.53 -2.07 -10.46
C PHE B 311 -13.85 -0.59 -10.62
N GLU B 312 -12.92 0.16 -11.18
CA GLU B 312 -13.02 1.63 -11.26
C GLU B 312 -12.80 2.12 -12.70
N SER B 313 -13.71 2.97 -13.20
CA SER B 313 -13.51 3.67 -14.47
C SER B 313 -13.31 2.71 -15.64
N ASN B 314 -14.12 1.63 -15.69
CA ASN B 314 -14.12 0.72 -16.80
C ASN B 314 -15.30 0.92 -17.74
N THR B 315 -15.16 0.38 -18.95
CA THR B 315 -16.24 0.35 -19.94
C THR B 315 -16.44 -1.10 -20.39
N ALA B 316 -17.70 -1.53 -20.44
CA ALA B 316 -18.07 -2.84 -20.96
C ALA B 316 -19.14 -2.70 -22.04
N VAL B 317 -18.94 -3.39 -23.16
CA VAL B 317 -19.85 -3.37 -24.27
C VAL B 317 -20.19 -4.79 -24.68
N ASN B 318 -21.48 -5.18 -24.53
CA ASN B 318 -21.92 -6.44 -25.11
C ASN B 318 -21.07 -7.65 -24.74
N SER B 319 -20.68 -7.71 -23.49
CA SER B 319 -19.75 -8.78 -23.06
C SER B 319 -20.41 -9.85 -22.21
N GLY B 320 -21.70 -10.10 -22.43
CA GLY B 320 -22.43 -11.09 -21.62
C GLY B 320 -22.90 -10.47 -20.33
N GLU B 321 -22.46 -11.02 -19.21
CA GLU B 321 -22.63 -10.35 -17.91
C GLU B 321 -21.53 -9.29 -17.84
N ASN B 322 -21.87 -8.05 -18.18
CA ASN B 322 -20.83 -7.01 -18.28
C ASN B 322 -20.06 -6.86 -16.96
N TYR B 323 -20.77 -6.87 -15.85
CA TYR B 323 -20.20 -6.81 -14.48
C TYR B 323 -20.91 -7.86 -13.65
N ASN B 324 -20.15 -8.79 -13.07
CA ASN B 324 -20.67 -9.85 -12.21
C ASN B 324 -19.79 -9.87 -10.96
N MET B 325 -20.38 -9.52 -9.81
CA MET B 325 -19.62 -9.34 -8.58
CA MET B 325 -19.61 -9.34 -8.58
C MET B 325 -19.69 -10.52 -7.62
N THR B 326 -20.10 -11.68 -8.13
CA THR B 326 -20.27 -12.85 -7.24
C THR B 326 -19.03 -13.18 -6.42
N ASN B 327 -19.25 -13.31 -5.11
CA ASN B 327 -18.22 -13.78 -4.18
C ASN B 327 -18.58 -15.16 -3.64
N ARG B 328 -17.57 -15.86 -3.13
CA ARG B 328 -17.80 -17.04 -2.29
C ARG B 328 -18.00 -16.57 -0.84
N GLU B 329 -18.91 -17.23 -0.13
CA GLU B 329 -19.17 -16.91 1.29
C GLU B 329 -17.92 -17.11 2.15
N SER B 330 -17.65 -16.16 3.05
CA SER B 330 -16.46 -16.23 3.91
C SER B 330 -16.85 -16.33 5.38
N PRO B 331 -16.08 -17.05 6.21
CA PRO B 331 -14.89 -17.81 5.82
C PRO B 331 -15.19 -19.08 5.03
N LEU B 332 -14.13 -19.63 4.45
CA LEU B 332 -14.25 -20.86 3.68
C LEU B 332 -15.00 -21.98 4.38
N ALA B 333 -15.96 -22.57 3.68
CA ALA B 333 -16.75 -23.68 4.21
C ALA B 333 -17.21 -24.56 3.07
N LEU B 334 -17.61 -25.79 3.42
CA LEU B 334 -18.21 -26.74 2.52
C LEU B 334 -19.65 -27.03 3.03
N PRO B 335 -20.65 -27.04 2.18
CA PRO B 335 -20.58 -26.81 0.74
C PRO B 335 -20.18 -25.37 0.38
N PRO B 336 -19.56 -25.17 -0.79
CA PRO B 336 -19.16 -23.82 -1.21
C PRO B 336 -20.39 -23.07 -1.74
N THR B 337 -20.58 -21.83 -1.29
CA THR B 337 -21.80 -21.10 -1.58
C THR B 337 -21.47 -19.73 -2.16
N ASP B 338 -22.13 -19.39 -3.26
CA ASP B 338 -22.02 -18.07 -3.85
C ASP B 338 -23.01 -17.11 -3.19
N VAL B 339 -22.56 -15.88 -3.05
CA VAL B 339 -23.35 -14.76 -2.47
C VAL B 339 -23.11 -13.47 -3.29
N ASN B 340 -23.98 -12.51 -3.10
CA ASN B 340 -23.77 -11.15 -3.64
C ASN B 340 -22.42 -10.60 -3.15
N GLY B 341 -21.68 -10.00 -4.05
CA GLY B 341 -20.30 -9.60 -3.72
C GLY B 341 -20.24 -8.52 -2.65
N TYR B 342 -19.31 -8.68 -1.75
CA TYR B 342 -19.09 -7.83 -0.59
C TYR B 342 -17.68 -7.26 -0.62
N ASP B 343 -17.58 -6.08 0.00
CA ASP B 343 -16.32 -5.34 0.16
C ASP B 343 -15.76 -4.74 -1.15
N HIS B 344 -16.48 -4.83 -2.25
CA HIS B 344 -16.02 -4.29 -3.53
C HIS B 344 -16.14 -2.76 -3.57
N MET B 345 -15.36 -2.17 -4.49
CA MET B 345 -15.51 -0.78 -4.92
C MET B 345 -15.86 -0.84 -6.39
N VAL B 346 -17.08 -0.46 -6.74
CA VAL B 346 -17.55 -0.48 -8.11
C VAL B 346 -17.98 0.94 -8.41
N LYS B 347 -17.09 1.71 -9.04
CA LYS B 347 -17.33 3.16 -9.21
C LYS B 347 -16.97 3.61 -10.62
N ASN B 348 -17.78 4.54 -11.14
CA ASN B 348 -17.44 5.25 -12.37
C ASN B 348 -17.38 4.36 -13.62
N ASN B 349 -18.14 3.25 -13.60
CA ASN B 349 -18.13 2.34 -14.74
C ASN B 349 -19.25 2.63 -15.73
N LEU B 350 -19.01 2.20 -16.98
CA LEU B 350 -19.94 2.37 -18.09
C LEU B 350 -20.31 0.99 -18.65
N SER B 351 -21.57 0.81 -19.07
CA SER B 351 -22.05 -0.48 -19.56
C SER B 351 -23.06 -0.26 -20.70
N LEU B 352 -22.80 -0.89 -21.86
CA LEU B 352 -23.72 -0.90 -22.99
C LEU B 352 -24.18 -2.31 -23.30
N VAL B 353 -25.49 -2.46 -23.46
CA VAL B 353 -26.14 -3.71 -23.86
C VAL B 353 -27.01 -3.54 -25.08
N THR B 354 -26.60 -4.15 -26.19
CA THR B 354 -27.45 -4.36 -27.38
C THR B 354 -27.32 -5.77 -27.93
N ARG B 355 -26.70 -6.65 -27.17
CA ARG B 355 -26.49 -8.05 -27.55
C ARG B 355 -27.48 -8.93 -26.80
N SER B 356 -28.12 -9.87 -27.52
CA SER B 356 -29.07 -10.77 -26.87
C SER B 356 -28.45 -11.48 -25.67
N GLY B 357 -29.17 -11.44 -24.54
CA GLY B 357 -28.75 -12.13 -23.32
C GLY B 357 -27.71 -11.40 -22.47
N SER B 358 -27.22 -10.25 -22.91
CA SER B 358 -26.22 -9.52 -22.09
C SER B 358 -26.94 -8.71 -20.98
N LYS B 359 -26.20 -8.42 -19.91
CA LYS B 359 -26.70 -7.80 -18.72
C LYS B 359 -25.70 -6.77 -18.24
N HIS B 360 -26.19 -5.79 -17.49
CA HIS B 360 -25.33 -4.70 -16.97
C HIS B 360 -24.55 -5.18 -15.74
N ILE B 361 -25.23 -5.36 -14.59
CA ILE B 361 -24.61 -5.81 -13.36
C ILE B 361 -25.47 -6.88 -12.69
N VAL B 362 -24.78 -7.91 -12.19
CA VAL B 362 -25.43 -8.96 -11.37
C VAL B 362 -24.58 -9.27 -10.13
N MET B 363 -25.28 -9.72 -9.10
CA MET B 363 -24.69 -10.35 -7.96
C MET B 363 -23.76 -9.42 -7.16
N VAL B 364 -24.21 -8.19 -6.90
CA VAL B 364 -23.50 -7.26 -6.00
C VAL B 364 -24.36 -6.93 -4.75
N ASN B 365 -23.73 -6.94 -3.57
CA ASN B 365 -24.38 -6.55 -2.30
C ASN B 365 -24.11 -5.04 -2.12
N ARG B 366 -25.09 -4.20 -2.44
CA ARG B 366 -24.92 -2.74 -2.34
C ARG B 366 -24.81 -2.21 -0.91
N ALA B 367 -25.12 -3.02 0.09
CA ALA B 367 -24.95 -2.67 1.50
C ALA B 367 -23.57 -2.96 2.01
N LYS B 368 -22.84 -3.85 1.35
CA LYS B 368 -21.50 -4.24 1.77
C LYS B 368 -20.39 -3.89 0.79
N SER B 369 -20.78 -3.40 -0.40
CA SER B 369 -19.88 -2.89 -1.43
C SER B 369 -20.28 -1.45 -1.75
N GLU B 370 -19.30 -0.63 -2.12
CA GLU B 370 -19.54 0.75 -2.52
C GLU B 370 -19.77 0.77 -4.01
N VAL B 371 -21.01 1.01 -4.40
CA VAL B 371 -21.44 1.04 -5.80
C VAL B 371 -21.97 2.43 -6.12
N SER B 372 -21.20 3.21 -6.87
CA SER B 372 -21.57 4.61 -7.11
C SER B 372 -21.10 5.16 -8.46
N ASN B 373 -21.89 6.10 -8.98
CA ASN B 373 -21.66 6.75 -10.24
C ASN B 373 -21.37 5.81 -11.39
N ASN B 374 -22.17 4.75 -11.47
CA ASN B 374 -22.12 3.84 -12.62
C ASN B 374 -23.30 4.09 -13.53
N SER B 375 -23.11 3.89 -14.84
CA SER B 375 -24.14 4.23 -15.82
C SER B 375 -25.41 3.44 -15.56
N PHE B 376 -25.22 2.18 -15.13
CA PHE B 376 -26.33 1.25 -14.96
C PHE B 376 -27.27 1.58 -13.81
N ASP B 377 -26.86 2.50 -12.94
CA ASP B 377 -27.71 2.96 -11.85
C ASP B 377 -28.33 4.36 -12.08
N GLY B 378 -28.11 4.89 -13.28
CA GLY B 378 -28.70 6.16 -13.67
C GLY B 378 -30.12 6.06 -14.20
N SER B 379 -30.70 7.22 -14.53
CA SER B 379 -32.08 7.29 -15.00
C SER B 379 -32.21 7.11 -16.50
N GLU B 380 -31.09 7.07 -17.23
CA GLU B 380 -31.16 6.94 -18.70
C GLU B 380 -30.38 5.73 -19.15
N GLU B 381 -30.90 5.06 -20.17
CA GLU B 381 -30.22 3.96 -20.80
C GLU B 381 -29.02 4.44 -21.61
N VAL B 382 -27.91 3.72 -21.54
CA VAL B 382 -26.78 3.90 -22.45
C VAL B 382 -27.17 3.29 -23.81
N ILE B 383 -26.97 4.03 -24.90
CA ILE B 383 -27.32 3.59 -26.24
C ILE B 383 -26.11 3.70 -27.17
N GLU B 384 -26.18 3.01 -28.30
CA GLU B 384 -25.02 2.93 -29.18
C GLU B 384 -24.55 4.29 -29.67
N THR B 385 -25.47 5.18 -30.02
CA THR B 385 -25.00 6.46 -30.54
C THR B 385 -24.52 7.43 -29.45
N ASP B 386 -24.55 7.02 -28.17
CA ASP B 386 -23.75 7.73 -27.14
C ASP B 386 -22.23 7.65 -27.40
N PHE B 387 -21.79 6.70 -28.23
CA PHE B 387 -20.38 6.49 -28.54
C PHE B 387 -20.01 7.01 -29.92
N ILE B 388 -18.79 7.50 -30.06
CA ILE B 388 -18.31 8.01 -31.33
C ILE B 388 -18.22 6.85 -32.35
N SER B 389 -17.71 5.70 -31.90
CA SER B 389 -17.58 4.49 -32.72
C SER B 389 -17.78 3.25 -31.87
N LEU B 390 -18.30 2.18 -32.49
CA LEU B 390 -18.31 0.82 -31.93
C LEU B 390 -17.75 -0.15 -32.98
N GLU B 391 -16.83 0.35 -33.82
CA GLU B 391 -16.23 -0.51 -34.85
C GLU B 391 -15.13 -1.37 -34.23
N GLU B 392 -15.35 -2.68 -34.15
CA GLU B 392 -14.43 -3.57 -33.47
C GLU B 392 -13.02 -3.61 -34.05
N ALA B 393 -12.89 -3.40 -35.36
CA ALA B 393 -11.57 -3.38 -36.00
C ALA B 393 -10.63 -2.37 -35.36
N GLU B 394 -11.18 -1.28 -34.79
CA GLU B 394 -10.32 -0.27 -34.16
C GLU B 394 -9.48 -0.85 -33.02
N LEU B 395 -10.08 -1.80 -32.29
CA LEU B 395 -9.41 -2.39 -31.12
C LEU B 395 -8.19 -3.24 -31.46
N MET B 396 -8.11 -3.68 -32.72
CA MET B 396 -7.02 -4.52 -33.21
C MET B 396 -6.03 -3.72 -34.06
N ARG B 397 -6.16 -2.39 -34.08
CA ARG B 397 -5.23 -1.52 -34.81
C ARG B 397 -3.79 -1.66 -34.30
N ASP B 398 -2.82 -1.38 -35.17
CA ASP B 398 -1.44 -1.48 -34.79
C ASP B 398 -1.13 -0.48 -33.68
N ARG B 399 -0.35 -0.91 -32.70
CA ARG B 399 0.15 0.00 -31.69
C ARG B 399 1.01 1.08 -32.35
N LYS B 400 1.13 2.20 -31.66
CA LYS B 400 2.02 3.27 -32.08
C LYS B 400 3.46 2.78 -32.10
N PRO B 401 4.35 3.51 -32.81
CA PRO B 401 5.73 3.00 -32.90
C PRO B 401 6.41 2.76 -31.55
N ASN B 402 6.06 3.56 -30.53
CA ASN B 402 6.62 3.41 -29.17
C ASN B 402 5.96 2.28 -28.35
N GLY B 403 5.00 1.56 -28.95
CA GLY B 403 4.29 0.45 -28.30
C GLY B 403 2.98 0.82 -27.61
N ASP B 404 2.67 2.11 -27.52
CA ASP B 404 1.44 2.55 -26.88
C ASP B 404 0.20 2.07 -27.65
N LEU B 405 -0.89 1.93 -26.91
CA LEU B 405 -2.15 1.57 -27.53
C LEU B 405 -2.48 2.50 -28.68
N PRO B 406 -3.12 1.95 -29.74
CA PRO B 406 -3.56 2.86 -30.80
C PRO B 406 -4.63 3.82 -30.31
N ASP B 407 -4.67 4.99 -30.93
CA ASP B 407 -5.81 5.88 -30.76
C ASP B 407 -7.06 5.23 -31.37
N VAL B 408 -8.15 5.24 -30.62
CA VAL B 408 -9.44 4.69 -31.05
C VAL B 408 -10.58 5.57 -30.59
N ASN B 409 -11.66 5.52 -31.37
CA ASN B 409 -12.94 6.10 -30.96
C ASN B 409 -13.89 5.05 -30.37
N PHE B 410 -13.56 3.76 -30.54
CA PHE B 410 -14.34 2.68 -29.95
C PHE B 410 -14.60 2.89 -28.46
N GLY B 411 -15.87 2.90 -28.06
CA GLY B 411 -16.20 3.04 -26.65
C GLY B 411 -15.96 4.42 -26.01
N LYS B 412 -15.68 5.43 -26.83
CA LYS B 412 -15.49 6.82 -26.38
C LYS B 412 -16.79 7.59 -26.51
N LEU B 413 -17.21 8.22 -25.42
CA LEU B 413 -18.46 8.94 -25.43
C LEU B 413 -18.35 10.17 -26.31
N THR B 414 -19.46 10.50 -26.97
CA THR B 414 -19.60 11.79 -27.63
C THR B 414 -19.58 12.95 -26.62
N THR B 415 -19.38 14.14 -27.11
CA THR B 415 -19.39 15.28 -26.20
C THR B 415 -20.75 15.44 -25.51
N ASP B 416 -21.84 15.26 -26.25
CA ASP B 416 -23.17 15.35 -25.66
C ASP B 416 -23.42 14.25 -24.61
N ALA B 417 -23.05 13.01 -24.94
CA ALA B 417 -23.25 11.91 -24.01
C ALA B 417 -22.36 12.04 -22.77
N GLU B 418 -21.13 12.57 -22.93
CA GLU B 418 -20.21 12.76 -21.77
C GLU B 418 -20.87 13.57 -20.65
N LEU B 419 -21.64 14.59 -21.02
CA LEU B 419 -22.32 15.41 -20.02
C LEU B 419 -23.41 14.67 -19.27
N ARG B 420 -24.00 13.66 -19.90
CA ARG B 420 -25.05 12.82 -19.29
C ARG B 420 -24.51 11.60 -18.52
N PHE B 421 -23.23 11.26 -18.75
CA PHE B 421 -22.56 10.16 -18.06
C PHE B 421 -21.21 10.63 -17.50
N TRP B 422 -21.24 11.76 -16.80
CA TRP B 422 -20.02 12.44 -16.42
C TRP B 422 -19.12 11.61 -15.47
N GLY B 423 -17.84 11.50 -15.87
CA GLY B 423 -16.84 10.79 -15.10
C GLY B 423 -16.91 9.28 -15.20
N MET B 424 -17.68 8.77 -16.15
CA MET B 424 -17.91 7.33 -16.30
C MET B 424 -17.12 6.75 -17.48
N GLY B 425 -16.57 5.55 -17.30
CA GLY B 425 -15.92 4.81 -18.38
C GLY B 425 -14.42 4.95 -18.37
N CYS B 426 -13.76 4.13 -19.21
CA CYS B 426 -12.31 4.06 -19.22
C CYS B 426 -11.62 5.20 -19.92
N PHE B 427 -12.29 5.89 -20.83
CA PHE B 427 -11.66 7.00 -21.56
C PHE B 427 -11.93 8.35 -20.91
N GLY C 2 -3.78 49.80 -0.83
CA GLY C 2 -4.38 48.51 -1.31
C GLY C 2 -5.09 47.75 -0.21
N LYS C 3 -5.78 46.68 -0.62
CA LYS C 3 -6.50 45.78 0.30
C LYS C 3 -5.52 44.72 0.82
N THR C 4 -5.50 44.54 2.15
CA THR C 4 -4.76 43.47 2.81
C THR C 4 -5.79 42.58 3.51
N TYR C 5 -5.84 41.33 3.07
CA TYR C 5 -6.61 40.30 3.75
C TYR C 5 -5.73 39.58 4.79
N TYR C 6 -6.40 38.91 5.74
CA TYR C 6 -5.74 38.16 6.79
C TYR C 6 -6.33 36.77 6.87
N MET C 7 -5.47 35.81 7.16
CA MET C 7 -5.90 34.45 7.51
C MET C 7 -5.19 34.00 8.80
N ASP C 8 -5.78 33.03 9.48
CA ASP C 8 -5.33 32.58 10.81
C ASP C 8 -5.82 31.15 11.00
N PRO C 9 -5.07 30.28 11.71
CA PRO C 9 -5.59 28.93 11.90
C PRO C 9 -6.93 28.85 12.64
N GLU C 10 -7.24 29.86 13.45
CA GLU C 10 -8.52 29.94 14.18
C GLU C 10 -9.47 30.97 13.54
N GLY C 11 -9.23 31.32 12.28
CA GLY C 11 -10.15 32.20 11.51
C GLY C 11 -11.33 31.41 10.99
N SER C 12 -12.13 32.04 10.12
CA SER C 12 -13.29 31.38 9.55
C SER C 12 -13.44 31.86 8.12
N ASP C 13 -13.77 30.97 7.20
CA ASP C 13 -14.00 31.39 5.83
C ASP C 13 -15.35 32.09 5.63
N SER C 14 -16.17 32.15 6.69
CA SER C 14 -17.37 32.97 6.71
C SER C 14 -17.09 34.43 7.10
N ASN C 15 -15.88 34.69 7.63
CA ASN C 15 -15.46 36.04 7.99
C ASN C 15 -15.11 36.86 6.75
N PRO C 16 -14.96 38.19 6.91
CA PRO C 16 -14.59 39.03 5.76
C PRO C 16 -13.09 39.08 5.44
N GLY C 17 -12.27 38.50 6.32
CA GLY C 17 -10.83 38.47 6.09
C GLY C 17 -10.07 39.72 6.54
N THR C 18 -10.59 40.38 7.59
CA THR C 18 -9.97 41.55 8.17
C THR C 18 -9.03 41.07 9.27
N SER C 19 -8.24 42.00 9.80
CA SER C 19 -7.35 41.70 10.92
C SER C 19 -8.11 41.14 12.11
N ASP C 20 -9.23 41.76 12.46
CA ASP C 20 -10.07 41.26 13.57
C ASP C 20 -10.83 39.96 13.29
N LYS C 21 -11.23 39.75 12.03
CA LYS C 21 -12.01 38.58 11.62
C LYS C 21 -11.35 37.94 10.39
N PRO C 22 -10.24 37.21 10.61
CA PRO C 22 -9.52 36.62 9.48
C PRO C 22 -10.19 35.39 8.87
N PHE C 23 -9.81 35.09 7.62
CA PHE C 23 -10.15 33.86 6.95
C PHE C 23 -9.44 32.67 7.61
N ALA C 24 -9.91 31.46 7.29
CA ALA C 24 -9.28 30.21 7.71
C ALA C 24 -8.38 29.55 6.69
N THR C 25 -8.70 29.66 5.39
CA THR C 25 -7.97 28.89 4.36
C THR C 25 -7.61 29.70 3.12
N LEU C 26 -6.61 29.21 2.40
CA LEU C 26 -6.24 29.77 1.10
C LEU C 26 -7.29 29.51 0.02
N VAL C 27 -8.19 28.55 0.24
CA VAL C 27 -9.26 28.30 -0.74
C VAL C 27 -10.16 29.56 -0.78
N LYS C 28 -10.50 30.08 0.40
CA LYS C 28 -11.25 31.31 0.49
C LYS C 28 -10.47 32.53 -0.05
N VAL C 29 -9.20 32.61 0.30
CA VAL C 29 -8.36 33.65 -0.26
C VAL C 29 -8.43 33.68 -1.79
N GLN C 30 -8.28 32.52 -2.43
CA GLN C 30 -8.27 32.47 -3.89
C GLN C 30 -9.60 32.88 -4.52
N GLU C 31 -10.69 32.73 -3.78
CA GLU C 31 -11.98 33.21 -4.27
C GLU C 31 -12.01 34.75 -4.44
N VAL C 32 -11.35 35.48 -3.53
CA VAL C 32 -11.52 36.95 -3.44
C VAL C 32 -10.40 37.80 -4.06
N VAL C 33 -9.17 37.28 -4.10
CA VAL C 33 -8.04 38.13 -4.49
C VAL C 33 -8.05 38.57 -5.94
N VAL C 34 -7.59 39.80 -6.13
CA VAL C 34 -7.32 40.41 -7.45
C VAL C 34 -5.93 41.07 -7.45
N ALA C 35 -5.45 41.41 -8.64
CA ALA C 35 -4.14 42.07 -8.80
C ALA C 35 -4.00 43.25 -7.84
N GLY C 36 -2.88 43.32 -7.14
CA GLY C 36 -2.57 44.36 -6.16
C GLY C 36 -2.90 43.98 -4.72
N ASP C 37 -3.74 42.96 -4.50
CA ASP C 37 -4.12 42.56 -3.15
C ASP C 37 -2.92 41.88 -2.47
N VAL C 38 -2.93 41.95 -1.15
CA VAL C 38 -1.93 41.29 -0.34
C VAL C 38 -2.70 40.46 0.69
N VAL C 39 -2.19 39.27 1.01
CA VAL C 39 -2.75 38.40 2.03
C VAL C 39 -1.67 38.19 3.10
N TYR C 40 -1.98 38.56 4.32
CA TYR C 40 -1.13 38.26 5.45
C TYR C 40 -1.57 36.96 6.07
N ILE C 41 -0.61 36.06 6.21
CA ILE C 41 -0.86 34.72 6.71
C ILE C 41 -0.29 34.70 8.14
N ASN C 42 -1.15 34.64 9.14
CA ASN C 42 -0.68 34.71 10.51
C ASN C 42 0.11 33.49 10.85
N PRO C 43 1.16 33.67 11.66
CA PRO C 43 1.93 32.49 12.10
C PRO C 43 1.10 31.53 12.92
N GLY C 44 1.43 30.26 12.77
CA GLY C 44 0.70 29.15 13.36
C GLY C 44 0.72 27.96 12.43
N THR C 45 -0.01 26.92 12.81
CA THR C 45 -0.10 25.68 12.02
C THR C 45 -1.49 25.53 11.40
N TYR C 46 -1.51 25.42 10.06
CA TYR C 46 -2.72 25.22 9.28
C TYR C 46 -2.74 23.76 8.85
N VAL C 47 -3.50 22.93 9.56
CA VAL C 47 -3.63 21.52 9.17
C VAL C 47 -4.69 21.43 8.11
N VAL C 48 -4.31 21.03 6.91
CA VAL C 48 -5.27 20.90 5.80
C VAL C 48 -6.15 19.69 6.12
N PRO C 49 -7.49 19.88 6.17
CA PRO C 49 -8.33 18.72 6.52
C PRO C 49 -8.27 17.58 5.51
N ALA C 50 -8.32 16.35 6.01
CA ALA C 50 -8.31 15.15 5.17
C ALA C 50 -9.35 15.17 4.06
N ASN C 51 -10.52 15.74 4.35
CA ASN C 51 -11.62 15.79 3.43
C ASN C 51 -11.73 17.05 2.58
N GLN C 52 -10.77 17.98 2.66
CA GLN C 52 -10.83 19.21 1.83
C GLN C 52 -10.74 18.80 0.35
N VAL C 53 -11.74 19.21 -0.42
CA VAL C 53 -11.76 18.89 -1.85
C VAL C 53 -10.59 19.60 -2.55
N PRO C 54 -9.96 18.93 -3.53
CA PRO C 54 -8.89 19.55 -4.29
C PRO C 54 -9.45 20.73 -5.05
N MET C 55 -8.68 21.82 -5.10
CA MET C 55 -9.06 22.96 -5.91
C MET C 55 -9.09 22.62 -7.40
N THR C 56 -8.23 21.71 -7.84
CA THR C 56 -8.28 21.21 -9.20
C THR C 56 -7.58 19.85 -9.27
N THR C 57 -7.64 19.24 -10.44
CA THR C 57 -6.89 18.04 -10.75
C THR C 57 -6.14 18.25 -12.06
N THR C 58 -5.09 17.46 -12.26
CA THR C 58 -4.39 17.45 -13.56
C THR C 58 -4.09 16.02 -14.00
N ASN C 59 -3.72 15.88 -15.28
CA ASN C 59 -3.25 14.62 -15.88
C ASN C 59 -4.29 13.52 -15.75
N SER C 60 -5.48 13.83 -16.25
CA SER C 60 -6.63 12.90 -16.27
C SER C 60 -6.95 12.37 -14.88
N GLY C 61 -6.90 13.24 -13.89
CA GLY C 61 -7.24 12.88 -12.52
C GLY C 61 -6.13 12.24 -11.70
N LEU C 62 -4.94 12.09 -12.28
CA LEU C 62 -3.79 11.55 -11.54
C LEU C 62 -3.40 12.42 -10.35
N TYR C 63 -3.47 13.74 -10.53
CA TYR C 63 -3.07 14.67 -9.45
C TYR C 63 -4.26 15.28 -8.69
N HIS C 64 -4.14 15.29 -7.37
CA HIS C 64 -4.98 16.06 -6.45
C HIS C 64 -4.19 17.31 -6.13
N CYS C 65 -4.70 18.44 -6.56
CA CYS C 65 -4.06 19.73 -6.36
C CYS C 65 -4.76 20.45 -5.24
N VAL C 66 -4.05 20.64 -4.13
CA VAL C 66 -4.64 21.23 -2.93
C VAL C 66 -5.01 22.72 -3.13
N PHE C 67 -4.03 23.53 -3.47
CA PHE C 67 -4.20 24.95 -3.75
C PHE C 67 -3.85 25.25 -5.20
N HIS C 68 -4.81 25.76 -5.95
CA HIS C 68 -4.60 26.10 -7.35
C HIS C 68 -4.33 27.61 -7.37
N MET C 69 -3.08 27.96 -7.62
CA MET C 69 -2.69 29.37 -7.70
C MET C 69 -2.92 29.81 -9.15
N ASN C 70 -4.22 30.05 -9.41
CA ASN C 70 -4.71 30.29 -10.78
C ASN C 70 -4.93 31.73 -11.19
N LYS C 71 -5.19 32.59 -10.22
CA LYS C 71 -5.32 34.02 -10.48
C LYS C 71 -3.96 34.65 -10.71
N SER C 72 -3.96 35.72 -11.52
CA SER C 72 -2.76 36.47 -11.83
C SER C 72 -2.78 37.90 -11.33
N GLY C 73 -1.60 38.40 -10.94
CA GLY C 73 -1.36 39.83 -10.81
C GLY C 73 -1.13 40.48 -12.16
N GLU C 74 -0.62 41.70 -12.09
CA GLU C 74 -0.16 42.45 -13.27
C GLU C 74 1.29 42.86 -13.05
N ALA C 75 2.02 43.24 -14.11
CA ALA C 75 3.36 43.78 -13.95
C ALA C 75 3.27 45.04 -13.04
N GLY C 76 4.08 45.08 -11.99
CA GLY C 76 4.01 46.13 -10.99
C GLY C 76 2.85 46.09 -9.99
N LYS C 77 1.96 45.11 -10.11
CA LYS C 77 0.77 44.95 -9.25
C LYS C 77 0.56 43.45 -9.03
N PRO C 78 1.52 42.81 -8.33
CA PRO C 78 1.36 41.39 -8.09
C PRO C 78 0.19 41.04 -7.15
N ILE C 79 -0.15 39.75 -7.07
CA ILE C 79 -0.90 39.23 -5.92
C ILE C 79 0.14 38.64 -4.98
N SER C 80 0.11 39.07 -3.72
CA SER C 80 1.13 38.65 -2.75
C SER C 80 0.50 37.88 -1.59
N TYR C 81 1.19 36.79 -1.22
CA TYR C 81 0.78 35.90 -0.15
C TYR C 81 1.97 35.80 0.79
N LEU C 82 1.89 36.49 1.91
CA LEU C 82 3.06 36.75 2.78
C LEU C 82 2.79 36.33 4.20
N ALA C 83 3.75 35.68 4.84
CA ALA C 83 3.72 35.59 6.30
C ALA C 83 3.53 37.00 6.89
N ASN C 84 2.62 37.12 7.85
CA ASN C 84 2.30 38.43 8.42
C ASN C 84 3.58 39.07 8.96
N PRO C 85 4.02 40.21 8.36
CA PRO C 85 5.30 40.81 8.78
C PRO C 85 5.23 41.51 10.12
N ASN C 86 4.01 41.66 10.66
CA ASN C 86 3.80 42.31 11.94
C ASN C 86 3.61 41.32 13.09
N LYS C 87 3.80 40.02 12.82
CA LYS C 87 3.72 39.01 13.88
C LYS C 87 4.98 38.12 13.80
N GLN C 88 5.60 37.88 14.94
CA GLN C 88 6.76 36.99 15.06
CA GLN C 88 6.79 37.02 14.95
C GLN C 88 6.35 35.56 14.70
N GLY C 89 7.20 34.86 13.96
CA GLY C 89 7.01 33.44 13.66
C GLY C 89 6.64 33.16 12.22
N ARG C 90 6.51 31.86 11.89
CA ARG C 90 6.22 31.44 10.52
C ARG C 90 4.92 30.66 10.46
N PRO C 91 4.11 30.91 9.41
CA PRO C 91 3.04 29.97 9.11
C PRO C 91 3.59 28.63 8.63
N ILE C 92 2.91 27.56 9.03
CA ILE C 92 3.22 26.19 8.64
C ILE C 92 1.96 25.55 8.06
N PHE C 93 2.03 25.13 6.78
CA PHE C 93 0.96 24.34 6.19
C PHE C 93 1.33 22.90 6.38
N ASP C 94 0.51 22.18 7.13
CA ASP C 94 0.71 20.76 7.45
C ASP C 94 -0.21 19.94 6.56
N LEU C 95 0.41 19.15 5.67
CA LEU C 95 -0.29 18.34 4.64
C LEU C 95 -0.40 16.83 4.99
N SER C 96 -0.03 16.47 6.22
CA SER C 96 0.02 15.08 6.64
C SER C 96 -1.28 14.31 6.58
N GLN C 97 -2.41 14.99 6.61
CA GLN C 97 -3.72 14.32 6.58
C GLN C 97 -4.29 14.11 5.17
N VAL C 98 -3.64 14.70 4.15
CA VAL C 98 -4.14 14.68 2.77
C VAL C 98 -3.58 13.45 2.06
N LYS C 99 -4.45 12.43 1.94
CA LYS C 99 -4.08 11.07 1.49
C LYS C 99 -5.09 10.52 0.49
N PRO C 100 -5.38 11.27 -0.57
CA PRO C 100 -6.34 10.79 -1.58
C PRO C 100 -5.92 9.49 -2.26
N LYS C 101 -6.82 8.50 -2.32
CA LYS C 101 -6.41 7.20 -2.87
C LYS C 101 -6.07 7.31 -4.36
N ASP C 102 -4.96 6.68 -4.73
CA ASP C 102 -4.49 6.53 -6.12
C ASP C 102 -4.13 7.82 -6.84
N GLN C 103 -3.85 8.86 -6.08
CA GLN C 103 -3.49 10.13 -6.66
C GLN C 103 -2.18 10.67 -6.09
N ARG C 104 -1.43 11.33 -6.97
CA ARG C 104 -0.26 12.13 -6.59
C ARG C 104 -0.78 13.43 -5.97
N ILE C 105 0.02 14.07 -5.15
CA ILE C 105 -0.35 15.32 -4.52
C ILE C 105 0.51 16.46 -5.04
N THR C 106 -0.11 17.58 -5.40
CA THR C 106 0.58 18.84 -5.62
C THR C 106 -0.05 19.82 -4.62
N VAL C 107 0.76 20.38 -3.74
CA VAL C 107 0.23 21.28 -2.73
C VAL C 107 -0.13 22.66 -3.31
N PHE C 108 0.82 23.28 -3.98
CA PHE C 108 0.64 24.55 -4.68
C PHE C 108 0.87 24.32 -6.18
N TYR C 109 -0.23 24.27 -6.94
CA TYR C 109 -0.20 24.09 -8.37
C TYR C 109 -0.28 25.48 -9.00
N VAL C 110 0.81 25.93 -9.63
CA VAL C 110 0.94 27.32 -10.05
C VAL C 110 0.80 27.45 -11.59
N THR C 111 -0.34 28.00 -11.99
CA THR C 111 -0.63 28.32 -13.40
C THR C 111 -0.66 29.85 -13.65
N GLY C 112 -0.86 30.65 -12.59
CA GLY C 112 -0.91 32.09 -12.71
C GLY C 112 0.44 32.78 -12.81
N SER C 113 0.37 34.09 -13.06
CA SER C 113 1.52 34.97 -13.27
C SER C 113 1.50 36.16 -12.33
N ASN C 114 2.67 36.76 -12.13
CA ASN C 114 2.79 37.98 -11.32
C ASN C 114 2.32 37.75 -9.87
N LEU C 115 2.80 36.62 -9.32
CA LEU C 115 2.52 36.23 -7.93
C LEU C 115 3.79 36.36 -7.10
N TYR C 116 3.59 36.61 -5.81
CA TYR C 116 4.68 36.69 -4.84
C TYR C 116 4.25 35.93 -3.60
N LEU C 117 5.01 34.86 -3.26
CA LEU C 117 4.74 33.99 -2.13
C LEU C 117 5.97 34.06 -1.24
N LYS C 118 5.79 34.35 0.05
CA LYS C 118 6.93 34.53 0.96
C LYS C 118 6.68 34.08 2.40
N GLY C 119 7.68 33.39 2.96
CA GLY C 119 7.83 33.33 4.42
C GLY C 119 7.18 32.24 5.22
N PHE C 120 6.70 31.22 4.52
CA PHE C 120 5.99 30.09 5.17
C PHE C 120 6.58 28.71 4.82
N ASP C 121 6.11 27.70 5.56
CA ASP C 121 6.59 26.32 5.46
C ASP C 121 5.48 25.40 4.93
N VAL C 122 5.90 24.33 4.25
CA VAL C 122 5.01 23.26 3.81
C VAL C 122 5.62 21.94 4.27
N ILE C 123 4.95 21.28 5.22
CA ILE C 123 5.45 20.03 5.83
C ILE C 123 4.50 18.88 5.63
N GLY C 124 5.03 17.67 5.75
CA GLY C 124 4.18 16.47 5.80
C GLY C 124 3.45 16.08 4.51
N THR C 125 3.86 16.61 3.37
CA THR C 125 3.19 16.25 2.11
C THR C 125 3.38 14.74 1.87
N GLN C 126 2.30 14.07 1.52
CA GLN C 126 2.27 12.62 1.42
C GLN C 126 2.46 12.06 0.01
N VAL C 127 2.90 10.80 0.00
CA VAL C 127 2.79 9.88 -1.10
C VAL C 127 2.02 8.67 -0.57
N THR C 128 1.02 8.22 -1.32
CA THR C 128 0.28 7.02 -1.00
C THR C 128 0.42 5.93 -2.05
N ILE C 129 0.73 6.30 -3.28
CA ILE C 129 0.90 5.35 -4.41
C ILE C 129 2.14 4.48 -4.17
N THR C 130 2.03 3.18 -4.44
CA THR C 130 3.11 2.23 -4.17
C THR C 130 4.07 1.95 -5.33
N GLY C 131 3.66 2.18 -6.58
CA GLY C 131 4.62 2.11 -7.69
C GLY C 131 5.39 3.40 -7.88
N HIS C 132 6.14 3.47 -8.97
CA HIS C 132 6.97 4.66 -9.26
C HIS C 132 6.04 5.88 -9.30
N THR C 133 6.40 6.92 -8.54
CA THR C 133 5.53 8.04 -8.36
C THR C 133 6.28 9.23 -7.75
N GLN C 134 5.57 10.36 -7.64
CA GLN C 134 6.05 11.54 -6.89
C GLN C 134 4.88 12.42 -6.47
N SER C 135 5.13 13.25 -5.46
CA SER C 135 4.32 14.39 -5.10
C SER C 135 5.22 15.65 -5.10
N GLU C 136 4.61 16.83 -5.15
CA GLU C 136 5.35 18.11 -5.14
C GLU C 136 4.69 19.10 -4.19
N CYS C 137 5.51 19.86 -3.47
CA CYS C 137 5.02 21.02 -2.74
C CYS C 137 4.63 22.17 -3.67
N PHE C 138 5.46 22.47 -4.65
CA PHE C 138 5.19 23.48 -5.67
C PHE C 138 5.45 22.86 -7.03
N ARG C 139 4.44 22.90 -7.90
CA ARG C 139 4.60 22.52 -9.31
C ARG C 139 4.18 23.72 -10.14
N ILE C 140 5.10 24.18 -10.98
CA ILE C 140 4.95 25.37 -11.80
C ILE C 140 5.01 24.92 -13.26
N VAL C 141 4.06 25.39 -14.06
CA VAL C 141 3.87 24.89 -15.41
C VAL C 141 3.75 26.00 -16.46
N LYS C 142 3.74 25.58 -17.72
CA LYS C 142 3.59 26.49 -18.88
C LYS C 142 2.55 27.59 -18.58
N GLY C 143 2.94 28.83 -18.84
CA GLY C 143 2.05 29.99 -18.69
C GLY C 143 2.19 30.73 -17.38
N ALA C 144 2.87 30.10 -16.40
CA ALA C 144 3.06 30.71 -15.09
C ALA C 144 4.34 31.53 -15.16
N ASN C 145 4.20 32.85 -15.32
CA ASN C 145 5.35 33.71 -15.60
C ASN C 145 5.51 34.79 -14.56
N ASN C 146 6.76 35.23 -14.38
CA ASN C 146 7.06 36.43 -13.59
C ASN C 146 6.58 36.31 -12.14
N ASN C 147 6.89 35.15 -11.53
CA ASN C 147 6.55 34.87 -10.13
C ASN C 147 7.81 34.86 -9.28
N LYS C 148 7.60 35.09 -7.98
CA LYS C 148 8.69 35.12 -7.00
C LYS C 148 8.22 34.29 -5.80
N PHE C 149 9.10 33.34 -5.43
CA PHE C 149 8.90 32.41 -4.33
C PHE C 149 10.09 32.65 -3.41
N GLU C 150 9.85 33.23 -2.23
CA GLU C 150 10.92 33.72 -1.38
C GLU C 150 10.82 33.24 0.06
N ASP C 151 11.93 32.75 0.60
CA ASP C 151 12.01 32.37 2.02
C ASP C 151 10.89 31.39 2.35
N LEU C 152 10.68 30.43 1.45
CA LEU C 152 9.74 29.33 1.66
C LEU C 152 10.54 28.07 2.04
N ARG C 153 9.96 27.21 2.87
CA ARG C 153 10.68 26.03 3.35
C ARG C 153 9.79 24.78 3.22
N THR C 154 10.20 23.87 2.35
CA THR C 154 9.47 22.66 2.03
C THR C 154 10.23 21.52 2.70
N HIS C 155 9.69 20.94 3.79
CA HIS C 155 10.49 20.05 4.58
C HIS C 155 9.69 19.02 5.37
N ASP C 156 10.39 17.95 5.75
CA ASP C 156 9.81 16.90 6.59
C ASP C 156 8.53 16.35 5.95
N GLY C 157 8.67 15.97 4.67
CA GLY C 157 7.57 15.39 3.91
C GLY C 157 8.11 14.37 2.93
N MET C 158 7.24 13.93 2.03
CA MET C 158 7.56 12.88 1.04
C MET C 158 7.62 13.43 -0.39
N ALA C 159 7.54 14.77 -0.51
CA ALA C 159 7.37 15.44 -1.81
C ALA C 159 8.58 16.27 -2.21
N ILE C 160 8.81 16.33 -3.51
CA ILE C 160 9.73 17.30 -4.12
C ILE C 160 9.37 18.70 -3.65
N GLY C 161 10.38 19.53 -3.38
CA GLY C 161 10.06 20.87 -2.91
C GLY C 161 9.52 21.80 -3.97
N PHE C 162 10.30 22.01 -5.02
CA PHE C 162 9.94 22.89 -6.12
C PHE C 162 10.19 22.13 -7.42
N TYR C 163 9.21 22.14 -8.32
CA TYR C 163 9.24 21.32 -9.55
C TYR C 163 8.71 22.12 -10.71
N LEU C 164 9.60 22.51 -11.63
CA LEU C 164 9.25 23.36 -12.78
C LEU C 164 9.13 22.50 -14.04
N LEU C 165 7.94 22.44 -14.63
CA LEU C 165 7.75 21.84 -15.95
C LEU C 165 7.64 22.90 -17.05
N GLY C 166 7.49 24.16 -16.68
CA GLY C 166 7.28 25.21 -17.65
C GLY C 166 7.17 26.55 -16.94
N GLY C 167 6.89 27.59 -17.70
CA GLY C 167 6.86 28.97 -17.18
C GLY C 167 8.18 29.67 -17.38
N SER C 168 8.14 30.99 -17.26
CA SER C 168 9.29 31.84 -17.53
C SER C 168 9.46 32.87 -16.42
N ASN C 169 10.69 33.24 -16.13
CA ASN C 169 10.99 34.30 -15.16
C ASN C 169 10.42 33.98 -13.77
N ASN C 170 10.48 32.70 -13.36
CA ASN C 170 10.16 32.33 -11.99
C ASN C 170 11.45 32.37 -11.15
N HIS C 171 11.45 33.15 -10.05
CA HIS C 171 12.63 33.34 -9.21
C HIS C 171 12.35 32.66 -7.87
N ILE C 172 13.13 31.62 -7.58
CA ILE C 172 12.99 30.86 -6.34
C ILE C 172 14.19 31.30 -5.50
N LEU C 173 13.91 32.12 -4.48
CA LEU C 173 14.91 32.90 -3.78
C LEU C 173 14.90 32.56 -2.29
N ASN C 174 16.07 32.22 -1.73
CA ASN C 174 16.22 32.02 -0.28
C ASN C 174 15.28 30.95 0.26
N CYS C 175 15.06 29.89 -0.53
CA CYS C 175 14.19 28.79 -0.12
C CYS C 175 15.01 27.62 0.40
N ASP C 176 14.45 26.86 1.34
CA ASP C 176 15.05 25.64 1.86
C ASP C 176 14.16 24.46 1.49
N ALA C 177 14.79 23.35 1.09
CA ALA C 177 14.09 22.08 0.86
C ALA C 177 14.91 21.01 1.54
N TYR C 178 14.36 20.40 2.59
CA TYR C 178 15.17 19.48 3.39
C TYR C 178 14.34 18.40 4.07
N ASN C 179 14.99 17.28 4.39
CA ASN C 179 14.35 16.13 5.07
C ASN C 179 13.13 15.66 4.27
N ASN C 180 13.33 15.45 2.97
CA ASN C 180 12.22 15.02 2.08
C ASN C 180 12.56 13.62 1.58
N TYR C 181 11.67 12.67 1.89
CA TYR C 181 11.94 11.23 1.74
C TYR C 181 10.62 10.51 1.62
N ASP C 182 10.43 9.78 0.53
CA ASP C 182 9.22 9.02 0.27
C ASP C 182 9.43 7.61 0.86
N SER C 183 8.80 7.40 2.02
CA SER C 183 8.84 6.12 2.76
C SER C 183 7.74 5.13 2.37
N VAL C 184 7.00 5.41 1.30
CA VAL C 184 5.84 4.60 0.92
C VAL C 184 6.04 3.86 -0.40
N SER C 185 6.44 4.57 -1.45
CA SER C 185 6.44 3.98 -2.80
C SER C 185 7.68 3.11 -3.00
N GLU C 186 7.54 2.07 -3.82
CA GLU C 186 8.67 1.21 -4.19
C GLU C 186 9.43 0.72 -3.00
N GLY C 187 8.68 0.26 -1.98
CA GLY C 187 9.24 -0.32 -0.76
C GLY C 187 9.67 0.70 0.29
N GLY C 188 9.45 1.98 0.00
CA GLY C 188 9.77 3.07 0.90
C GLY C 188 11.22 3.40 1.16
N LYS C 189 12.04 3.22 0.13
CA LYS C 189 13.52 3.41 0.22
C LYS C 189 14.07 4.86 0.03
N GLY C 190 13.14 5.82 -0.03
CA GLY C 190 13.46 7.20 -0.18
C GLY C 190 12.95 7.70 -1.49
N GLY C 191 13.38 7.00 -2.54
CA GLY C 191 12.87 7.17 -3.87
C GLY C 191 13.51 8.32 -4.61
N ASN C 192 12.66 9.02 -5.35
CA ASN C 192 13.01 9.97 -6.37
C ASN C 192 12.68 11.37 -5.91
N VAL C 193 13.03 11.71 -4.68
CA VAL C 193 12.66 13.03 -4.12
C VAL C 193 13.85 13.99 -4.19
N ASP C 194 13.71 15.00 -5.05
CA ASP C 194 14.69 16.09 -5.17
C ASP C 194 14.23 17.28 -4.35
N GLY C 195 15.17 18.13 -3.94
CA GLY C 195 14.81 19.40 -3.37
C GLY C 195 14.17 20.36 -4.37
N PHE C 196 14.88 20.55 -5.47
CA PHE C 196 14.56 21.56 -6.51
C PHE C 196 14.79 20.89 -7.87
N GLY C 197 13.75 20.91 -8.69
CA GLY C 197 13.78 20.34 -10.02
C GLY C 197 13.41 21.37 -11.08
N GLY C 198 14.29 21.47 -12.07
CA GLY C 198 14.08 22.31 -13.25
C GLY C 198 13.99 21.46 -14.48
N HIS C 199 12.79 21.34 -15.04
CA HIS C 199 12.51 20.36 -16.14
C HIS C 199 11.55 20.97 -17.18
N ILE C 200 11.94 22.14 -17.66
CA ILE C 200 11.14 22.89 -18.65
C ILE C 200 10.95 22.01 -19.87
N ASN C 201 9.70 21.74 -20.23
CA ASN C 201 9.43 20.71 -21.24
C ASN C 201 9.19 21.28 -22.64
N SER C 202 8.96 20.39 -23.61
CA SER C 202 8.81 20.81 -25.02
C SER C 202 7.60 21.71 -25.25
N SER C 203 6.58 21.63 -24.39
CA SER C 203 5.39 22.46 -24.51
C SER C 203 5.63 23.91 -24.05
N SER C 204 6.74 24.18 -23.36
CA SER C 204 6.99 25.48 -22.76
C SER C 204 8.26 26.18 -23.25
N VAL C 205 8.79 25.79 -24.43
CA VAL C 205 9.98 26.41 -24.98
C VAL C 205 9.70 27.80 -25.56
N GLY C 206 10.75 28.59 -25.63
CA GLY C 206 10.75 29.93 -26.22
C GLY C 206 11.12 31.04 -25.24
N GLU C 207 11.70 32.12 -25.78
CA GLU C 207 11.97 33.32 -25.00
C GLU C 207 10.65 33.85 -24.42
N GLY C 208 10.64 34.06 -23.11
CA GLY C 208 9.44 34.49 -22.39
C GLY C 208 8.39 33.40 -22.13
N LYS C 209 8.66 32.16 -22.54
CA LYS C 209 7.76 31.03 -22.32
C LYS C 209 8.40 30.01 -21.34
N GLY C 210 9.71 29.77 -21.49
CA GLY C 210 10.44 28.84 -20.64
C GLY C 210 11.79 29.30 -20.13
N THR C 211 12.14 30.56 -20.45
CA THR C 211 13.44 31.12 -20.16
C THR C 211 13.42 31.88 -18.83
N GLY C 212 14.62 32.15 -18.31
CA GLY C 212 14.76 33.09 -17.21
C GLY C 212 14.44 32.57 -15.81
N ASN C 213 14.24 31.27 -15.65
CA ASN C 213 14.01 30.70 -14.30
C ASN C 213 15.32 30.56 -13.54
N VAL C 214 15.30 30.93 -12.27
CA VAL C 214 16.49 30.96 -11.44
C VAL C 214 16.24 30.50 -10.02
N PHE C 215 17.13 29.64 -9.54
CA PHE C 215 17.22 29.26 -8.13
C PHE C 215 18.39 30.05 -7.54
N GLU C 216 18.13 30.80 -6.48
CA GLU C 216 19.14 31.72 -5.89
C GLU C 216 19.07 31.71 -4.38
N GLY C 217 20.20 31.56 -3.72
CA GLY C 217 20.23 31.64 -2.26
C GLY C 217 19.58 30.48 -1.54
N CYS C 218 19.34 29.38 -2.28
CA CYS C 218 18.56 28.25 -1.76
C CYS C 218 19.46 27.22 -1.10
N ARG C 219 18.90 26.43 -0.17
CA ARG C 219 19.61 25.29 0.42
C ARG C 219 18.78 24.03 0.21
N ALA C 220 19.46 22.91 -0.08
CA ALA C 220 18.82 21.61 -0.24
C ALA C 220 19.65 20.60 0.55
N TRP C 221 19.05 19.95 1.54
CA TRP C 221 19.76 18.92 2.29
C TRP C 221 18.88 17.79 2.75
N TYR C 222 19.45 16.59 2.86
CA TYR C 222 18.68 15.38 3.19
C TYR C 222 17.39 15.22 2.38
N ASN C 223 17.50 15.51 1.07
CA ASN C 223 16.51 15.04 0.08
C ASN C 223 16.98 13.66 -0.41
N SER C 224 16.05 12.71 -0.58
CA SER C 224 16.46 11.32 -0.78
C SER C 224 17.23 11.12 -2.07
N ASP C 225 16.96 11.94 -3.10
CA ASP C 225 17.63 11.79 -4.40
C ASP C 225 18.72 12.88 -4.55
N ASP C 226 18.41 13.98 -5.22
CA ASP C 226 19.38 15.03 -5.50
C ASP C 226 18.94 16.36 -4.84
N GLY C 227 19.89 17.23 -4.56
CA GLY C 227 19.51 18.58 -4.10
C GLY C 227 18.80 19.41 -5.13
N PHE C 228 19.44 19.51 -6.29
CA PHE C 228 19.00 20.29 -7.45
C PHE C 228 19.19 19.38 -8.65
N ASP C 229 18.19 19.33 -9.53
CA ASP C 229 18.18 18.42 -10.71
C ASP C 229 17.55 19.12 -11.90
N LEU C 230 18.34 19.27 -12.96
CA LEU C 230 17.96 19.97 -14.20
C LEU C 230 17.85 19.00 -15.40
N ILE C 231 17.59 17.72 -15.18
CA ILE C 231 17.44 16.79 -16.33
C ILE C 231 16.22 17.18 -17.17
N ASN C 232 16.30 16.92 -18.47
CA ASN C 232 15.15 17.15 -19.36
C ASN C 232 14.63 18.57 -19.32
N CYS C 233 15.56 19.50 -19.33
CA CYS C 233 15.28 20.92 -19.19
C CYS C 233 15.61 21.60 -20.51
N PHE C 234 14.56 22.09 -21.20
CA PHE C 234 14.67 22.49 -22.62
C PHE C 234 15.11 23.95 -22.81
N GLU C 235 15.12 24.74 -21.75
CA GLU C 235 15.69 26.10 -21.76
C GLU C 235 16.65 26.20 -20.56
N ALA C 236 17.58 27.15 -20.62
CA ALA C 236 18.62 27.27 -19.60
C ALA C 236 18.03 27.67 -18.25
N VAL C 237 18.51 27.02 -17.20
CA VAL C 237 18.18 27.34 -15.82
C VAL C 237 19.50 27.68 -15.11
N LYS C 238 19.44 28.68 -14.23
CA LYS C 238 20.61 29.10 -13.48
C LYS C 238 20.40 28.78 -11.99
N ILE C 239 21.45 28.30 -11.34
CA ILE C 239 21.52 28.04 -9.89
C ILE C 239 22.67 28.94 -9.41
N ILE C 240 22.34 29.90 -8.52
CA ILE C 240 23.26 30.95 -8.12
C ILE C 240 23.28 31.01 -6.58
N ASN C 241 24.47 30.93 -5.98
CA ASN C 241 24.57 31.13 -4.53
C ASN C 241 23.71 30.17 -3.77
N CYS C 242 23.77 28.89 -4.15
CA CYS C 242 23.01 27.81 -3.48
C CYS C 242 23.90 26.80 -2.77
N TRP C 243 23.34 26.13 -1.74
CA TRP C 243 24.07 25.13 -0.99
C TRP C 243 23.33 23.80 -1.10
N SER C 244 24.06 22.72 -1.39
CA SER C 244 23.44 21.41 -1.58
C SER C 244 24.29 20.35 -0.90
N PHE C 245 23.75 19.74 0.15
CA PHE C 245 24.54 18.92 1.03
C PHE C 245 23.73 17.74 1.62
N LEU C 246 24.41 16.61 1.85
CA LEU C 246 23.80 15.47 2.52
C LEU C 246 22.54 14.93 1.79
N ASN C 247 22.47 15.14 0.47
CA ASN C 247 21.42 14.52 -0.31
C ASN C 247 21.84 13.08 -0.68
N GLY C 248 20.86 12.23 -0.92
CA GLY C 248 21.05 10.81 -1.21
C GLY C 248 21.06 9.89 0.01
N TYR C 249 20.67 10.45 1.17
CA TYR C 249 20.65 9.75 2.44
C TYR C 249 19.30 9.93 3.07
N LYS C 250 18.84 8.91 3.83
CA LYS C 250 17.65 9.04 4.64
C LYS C 250 17.87 10.17 5.67
N PRO C 251 16.85 11.00 5.97
CA PRO C 251 17.15 12.20 6.76
C PRO C 251 17.82 11.94 8.12
N GLY C 252 18.85 12.71 8.43
CA GLY C 252 19.61 12.55 9.67
C GLY C 252 20.50 11.35 9.82
N THR C 253 20.79 10.65 8.72
CA THR C 253 21.52 9.38 8.75
C THR C 253 22.49 9.33 7.61
N LYS C 254 23.29 8.26 7.55
CA LYS C 254 24.04 7.92 6.35
C LYS C 254 23.50 6.65 5.71
N GLU C 255 22.21 6.36 5.90
CA GLU C 255 21.57 5.22 5.24
CA GLU C 255 21.57 5.22 5.24
C GLU C 255 21.32 5.60 3.78
N VAL C 256 21.75 4.72 2.88
CA VAL C 256 21.62 4.92 1.45
C VAL C 256 20.16 5.12 1.04
N ALA C 257 19.88 6.20 0.32
CA ALA C 257 18.57 6.43 -0.29
C ALA C 257 18.73 6.46 -1.84
N GLY C 258 18.54 7.62 -2.46
CA GLY C 258 18.67 7.83 -3.88
C GLY C 258 20.04 8.24 -4.36
N ASP C 259 20.08 8.94 -5.50
CA ASP C 259 21.32 9.14 -6.25
C ASP C 259 22.35 10.04 -5.57
N GLY C 260 21.94 10.99 -4.75
CA GLY C 260 22.93 11.75 -3.99
C GLY C 260 23.84 12.64 -4.79
N THR C 261 23.27 13.43 -5.72
CA THR C 261 24.00 14.52 -6.38
C THR C 261 23.67 15.86 -5.71
N GLY C 262 24.68 16.68 -5.46
CA GLY C 262 24.43 18.07 -5.04
C GLY C 262 23.66 18.86 -6.09
N PHE C 263 24.27 18.91 -7.29
CA PHE C 263 23.76 19.70 -8.41
C PHE C 263 23.85 18.88 -9.71
N LYS C 264 22.72 18.30 -10.12
CA LYS C 264 22.63 17.51 -11.32
C LYS C 264 22.17 18.50 -12.40
N ALA C 265 23.12 19.00 -13.18
CA ALA C 265 22.95 20.24 -13.94
C ALA C 265 22.75 20.10 -15.43
N GLY C 266 22.19 18.98 -15.84
CA GLY C 266 21.82 18.80 -17.27
C GLY C 266 21.38 17.39 -17.54
N GLY C 267 21.43 17.04 -18.81
CA GLY C 267 21.04 15.69 -19.24
C GLY C 267 19.67 15.55 -19.88
N TYR C 268 19.55 14.51 -20.70
CA TYR C 268 18.27 14.06 -21.34
C TYR C 268 18.13 12.54 -21.22
N GLY C 269 18.82 11.95 -20.24
CA GLY C 269 18.77 10.53 -20.04
C GLY C 269 19.73 9.72 -20.87
N MET C 270 19.76 8.44 -20.55
CA MET C 270 20.63 7.43 -21.20
C MET C 270 19.86 6.16 -21.53
N ALA C 271 18.63 6.32 -22.02
CA ALA C 271 17.80 5.12 -22.30
C ALA C 271 18.42 4.26 -23.37
N ALA C 272 18.31 2.93 -23.23
CA ALA C 272 18.85 2.03 -24.26
C ALA C 272 17.85 1.70 -25.36
N ASP C 273 16.57 1.94 -25.11
CA ASP C 273 15.50 1.51 -26.05
C ASP C 273 15.01 2.58 -27.04
N LYS C 274 15.18 3.87 -26.71
CA LYS C 274 14.59 4.95 -27.50
C LYS C 274 15.34 6.25 -27.28
N LEU C 275 15.39 7.07 -28.30
CA LEU C 275 15.98 8.39 -28.18
C LEU C 275 15.06 9.32 -27.44
N PRO C 276 15.62 10.17 -26.56
CA PRO C 276 14.81 11.19 -25.88
C PRO C 276 14.47 12.35 -26.83
N ALA C 277 13.34 13.01 -26.58
CA ALA C 277 13.12 14.36 -27.12
C ALA C 277 14.19 15.29 -26.58
N ILE C 278 14.68 16.16 -27.43
CA ILE C 278 15.69 17.13 -27.03
C ILE C 278 15.40 18.51 -27.62
N PRO C 279 15.83 19.58 -26.93
CA PRO C 279 15.62 20.90 -27.50
C PRO C 279 16.51 21.12 -28.73
N SER C 280 16.05 21.97 -29.64
CA SER C 280 16.82 22.27 -30.86
C SER C 280 18.20 22.84 -30.59
N VAL C 281 18.33 23.70 -29.59
CA VAL C 281 19.62 24.18 -29.10
C VAL C 281 19.76 23.60 -27.69
N ILE C 282 20.89 22.95 -27.41
CA ILE C 282 21.11 22.38 -26.09
C ILE C 282 21.47 23.56 -25.14
N PRO C 283 20.71 23.75 -24.04
CA PRO C 283 20.88 24.95 -23.22
C PRO C 283 22.12 24.91 -22.36
N GLN C 284 22.69 26.09 -22.12
CA GLN C 284 23.84 26.23 -21.26
C GLN C 284 23.35 26.55 -19.86
N HIS C 285 22.99 25.51 -19.12
CA HIS C 285 22.64 25.72 -17.71
C HIS C 285 23.88 26.27 -16.97
N GLU C 286 23.65 26.89 -15.83
CA GLU C 286 24.74 27.52 -15.05
C GLU C 286 24.59 27.18 -13.57
N VAL C 287 25.70 26.81 -12.94
CA VAL C 287 25.80 26.69 -11.50
C VAL C 287 27.00 27.58 -11.09
N ARG C 288 26.72 28.59 -10.27
CA ARG C 288 27.72 29.61 -9.92
C ARG C 288 27.66 29.93 -8.43
N ASN C 289 28.82 30.20 -7.83
CA ASN C 289 28.93 30.70 -6.45
C ASN C 289 28.21 29.78 -5.46
N SER C 290 28.23 28.48 -5.75
CA SER C 290 27.48 27.49 -4.99
C SER C 290 28.41 26.50 -4.24
N LEU C 291 27.82 25.77 -3.28
CA LEU C 291 28.57 24.90 -2.39
C LEU C 291 27.95 23.50 -2.35
N ALA C 292 28.78 22.46 -2.52
CA ALA C 292 28.34 21.06 -2.34
C ALA C 292 29.14 20.45 -1.21
N TYR C 293 28.46 19.77 -0.27
CA TYR C 293 29.13 19.09 0.85
C TYR C 293 28.49 17.75 1.15
N TYR C 294 29.27 16.67 1.04
CA TYR C 294 28.86 15.37 1.55
C TYR C 294 27.50 14.93 1.00
N ASN C 295 27.23 15.19 -0.28
CA ASN C 295 26.23 14.42 -0.98
C ASN C 295 26.74 13.00 -1.16
N ARG C 296 25.83 12.05 -1.26
CA ARG C 296 26.26 10.64 -1.18
C ARG C 296 27.25 10.29 -2.28
N LEU C 297 26.96 10.70 -3.51
CA LEU C 297 27.78 10.29 -4.67
C LEU C 297 28.52 11.35 -5.48
N ARG C 298 27.91 12.52 -5.69
CA ARG C 298 28.47 13.52 -6.56
C ARG C 298 28.18 14.94 -6.09
N GLY C 299 29.08 15.86 -6.43
CA GLY C 299 28.91 17.28 -6.15
C GLY C 299 28.21 18.02 -7.27
N PHE C 300 29.02 18.44 -8.24
CA PHE C 300 28.59 19.22 -9.42
C PHE C 300 28.73 18.29 -10.62
N TYR C 301 27.59 17.98 -11.28
CA TYR C 301 27.52 16.89 -12.29
C TYR C 301 26.82 17.34 -13.56
N ALA C 302 27.51 17.21 -14.69
CA ALA C 302 26.90 17.47 -16.00
C ALA C 302 25.79 16.47 -16.37
N ASN C 303 25.78 15.30 -15.77
CA ASN C 303 24.65 14.37 -15.88
C ASN C 303 24.33 13.97 -17.32
N HIS C 304 25.36 13.69 -18.12
CA HIS C 304 25.16 13.21 -19.49
C HIS C 304 24.56 14.31 -20.39
N HIS C 305 24.93 15.57 -20.15
CA HIS C 305 24.38 16.64 -20.97
C HIS C 305 24.87 16.50 -22.44
N LEU C 306 24.13 17.11 -23.37
CA LEU C 306 24.47 17.05 -24.80
C LEU C 306 25.20 18.31 -25.30
N GLY C 307 25.87 19.01 -24.38
CA GLY C 307 26.55 20.24 -24.68
C GLY C 307 27.12 20.84 -23.41
N GLY C 308 27.45 22.13 -23.51
CA GLY C 308 28.16 22.85 -22.43
C GLY C 308 27.27 23.39 -21.31
N ILE C 309 27.82 23.33 -20.10
CA ILE C 309 27.26 23.95 -18.89
CA ILE C 309 27.25 24.04 -18.98
C ILE C 309 28.36 24.87 -18.33
N ILE C 310 27.97 25.85 -17.53
CA ILE C 310 28.92 26.72 -16.84
C ILE C 310 28.97 26.33 -15.36
N PHE C 311 30.15 25.97 -14.85
CA PHE C 311 30.40 25.74 -13.43
CA PHE C 311 30.41 25.74 -13.42
C PHE C 311 31.48 26.74 -13.02
N GLU C 312 31.08 27.81 -12.32
CA GLU C 312 31.98 28.91 -12.02
C GLU C 312 31.96 29.29 -10.55
N SER C 313 33.14 29.43 -9.95
CA SER C 313 33.25 29.93 -8.59
C SER C 313 32.47 29.09 -7.56
N ASN C 314 32.53 27.76 -7.69
CA ASN C 314 31.92 26.86 -6.74
C ASN C 314 32.95 26.25 -5.79
N THR C 315 32.47 25.75 -4.65
CA THR C 315 33.25 24.97 -3.72
C THR C 315 32.57 23.61 -3.46
N ALA C 316 33.40 22.55 -3.49
CA ALA C 316 32.93 21.18 -3.19
C ALA C 316 33.82 20.59 -2.12
N VAL C 317 33.19 20.00 -1.11
CA VAL C 317 33.88 19.33 -0.01
C VAL C 317 33.32 17.95 0.20
N ASN C 318 34.15 16.92 0.03
CA ASN C 318 33.76 15.57 0.38
C ASN C 318 32.42 15.13 -0.18
N SER C 319 32.21 15.40 -1.46
CA SER C 319 30.90 15.14 -2.07
C SER C 319 30.95 14.01 -3.11
N GLY C 320 31.83 13.03 -2.87
CA GLY C 320 31.97 11.91 -3.80
C GLY C 320 32.81 12.36 -4.99
N GLU C 321 32.25 12.31 -6.19
CA GLU C 321 32.91 12.91 -7.36
C GLU C 321 32.58 14.39 -7.27
N ASN C 322 33.50 15.19 -6.74
CA ASN C 322 33.18 16.61 -6.49
C ASN C 322 32.74 17.37 -7.74
N TYR C 323 33.40 17.11 -8.86
CA TYR C 323 33.07 17.67 -10.20
C TYR C 323 33.12 16.49 -11.17
N ASN C 324 32.03 16.24 -11.88
CA ASN C 324 31.95 15.15 -12.87
C ASN C 324 31.30 15.75 -14.11
N MET C 325 32.07 15.87 -15.19
CA MET C 325 31.67 16.61 -16.39
C MET C 325 31.13 15.70 -17.52
N THR C 326 30.78 14.47 -17.19
CA THR C 326 30.30 13.49 -18.19
C THR C 326 29.18 14.00 -19.05
N ASN C 327 29.39 13.91 -20.37
CA ASN C 327 28.37 14.23 -21.35
C ASN C 327 27.94 12.98 -22.10
N ARG C 328 26.74 13.03 -22.68
CA ARG C 328 26.31 11.99 -23.63
C ARG C 328 26.88 12.37 -24.98
N GLU C 329 27.28 11.37 -25.75
CA GLU C 329 27.87 11.61 -27.08
C GLU C 329 26.87 12.25 -28.02
N SER C 330 27.36 13.17 -28.87
CA SER C 330 26.56 13.82 -29.94
C SER C 330 27.21 13.40 -31.27
N PRO C 331 26.42 13.31 -32.34
CA PRO C 331 24.95 13.43 -32.34
C PRO C 331 24.25 12.32 -31.52
N LEU C 332 23.06 12.65 -31.07
CA LEU C 332 22.23 11.74 -30.30
C LEU C 332 22.08 10.42 -31.06
N ALA C 333 22.37 9.34 -30.38
CA ALA C 333 22.34 7.98 -30.99
C ALA C 333 22.14 6.85 -29.95
N LEU C 334 21.76 5.68 -30.49
CA LEU C 334 21.66 4.42 -29.77
C LEU C 334 22.69 3.44 -30.33
N PRO C 335 23.47 2.74 -29.50
CA PRO C 335 23.39 2.75 -28.04
C PRO C 335 23.84 4.06 -27.43
N PRO C 336 23.36 4.36 -26.23
CA PRO C 336 23.77 5.61 -25.53
C PRO C 336 25.16 5.47 -24.94
N THR C 337 26.04 6.43 -25.24
CA THR C 337 27.44 6.34 -24.78
CA THR C 337 27.44 6.36 -24.81
C THR C 337 27.86 7.66 -24.16
N ASP C 338 28.67 7.54 -23.12
CA ASP C 338 29.20 8.66 -22.36
C ASP C 338 30.59 9.00 -22.89
N VAL C 339 30.86 10.30 -22.94
CA VAL C 339 32.18 10.83 -23.27
C VAL C 339 32.60 11.91 -22.29
N ASN C 340 33.89 12.22 -22.31
CA ASN C 340 34.38 13.38 -21.60
C ASN C 340 33.62 14.65 -21.95
N GLY C 341 33.34 15.48 -20.95
CA GLY C 341 32.48 16.63 -21.18
C GLY C 341 33.06 17.67 -22.14
N TYR C 342 32.24 18.11 -23.08
CA TYR C 342 32.61 19.04 -24.11
C TYR C 342 31.79 20.34 -24.02
N ASP C 343 32.44 21.44 -24.42
CA ASP C 343 31.82 22.80 -24.49
C ASP C 343 31.54 23.44 -23.10
N HIS C 344 32.01 22.80 -22.02
CA HIS C 344 31.83 23.33 -20.67
C HIS C 344 32.75 24.51 -20.41
N MET C 345 32.34 25.37 -19.45
CA MET C 345 33.21 26.36 -18.83
C MET C 345 33.32 25.98 -17.38
N VAL C 346 34.51 25.56 -16.95
CA VAL C 346 34.76 25.13 -15.56
C VAL C 346 35.89 26.02 -15.04
N LYS C 347 35.52 27.07 -14.29
CA LYS C 347 36.49 28.11 -13.92
C LYS C 347 36.37 28.50 -12.43
N ASN C 348 37.50 28.72 -11.79
CA ASN C 348 37.53 29.34 -10.46
C ASN C 348 36.89 28.49 -9.38
N ASN C 349 36.87 27.16 -9.58
CA ASN C 349 36.29 26.27 -8.57
C ASN C 349 37.34 25.78 -7.54
N LEU C 350 36.81 25.39 -6.37
CA LEU C 350 37.61 24.87 -5.26
C LEU C 350 37.09 23.48 -4.85
N SER C 351 38.02 22.61 -4.44
CA SER C 351 37.68 21.22 -4.09
C SER C 351 38.55 20.71 -2.94
N LEU C 352 37.90 20.14 -1.91
CA LEU C 352 38.58 19.46 -0.79
C LEU C 352 38.13 18.01 -0.74
N VAL C 353 39.11 17.10 -0.66
CA VAL C 353 38.91 15.66 -0.50
C VAL C 353 39.63 15.14 0.73
N THR C 354 38.84 14.76 1.75
CA THR C 354 39.33 14.02 2.91
C THR C 354 38.52 12.74 3.17
N ARG C 355 37.45 12.53 2.42
CA ARG C 355 36.50 11.44 2.64
C ARG C 355 36.88 10.25 1.80
N SER C 356 36.71 9.04 2.36
CA SER C 356 36.92 7.81 1.61
C SER C 356 36.10 7.78 0.32
N GLY C 357 36.79 7.53 -0.78
CA GLY C 357 36.15 7.39 -2.08
C GLY C 357 35.89 8.65 -2.87
N SER C 358 36.18 9.82 -2.30
CA SER C 358 35.86 11.07 -2.97
C SER C 358 37.03 11.41 -3.93
N LYS C 359 36.74 12.26 -4.91
CA LYS C 359 37.64 12.64 -6.01
C LYS C 359 37.38 14.10 -6.39
N HIS C 360 38.36 14.77 -6.98
CA HIS C 360 38.22 16.16 -7.40
C HIS C 360 37.41 16.32 -8.68
N ILE C 361 37.92 15.82 -9.81
CA ILE C 361 37.30 16.01 -11.10
C ILE C 361 37.46 14.75 -11.91
N VAL C 362 36.37 14.38 -12.58
CA VAL C 362 36.38 13.29 -13.55
C VAL C 362 35.65 13.69 -14.83
N MET C 363 36.09 13.09 -15.94
CA MET C 363 35.37 13.07 -17.20
C MET C 363 35.15 14.43 -17.83
N VAL C 364 36.20 15.22 -17.91
CA VAL C 364 36.16 16.45 -18.66
C VAL C 364 37.11 16.36 -19.86
N ASN C 365 36.67 16.89 -20.98
CA ASN C 365 37.51 16.91 -22.19
C ASN C 365 38.32 18.18 -22.16
N ARG C 366 39.63 18.04 -21.87
CA ARG C 366 40.55 19.21 -21.75
C ARG C 366 40.67 20.00 -23.09
N ALA C 367 40.54 19.27 -24.21
CA ALA C 367 40.71 19.85 -25.55
C ALA C 367 39.45 20.58 -26.02
N LYS C 368 38.28 20.20 -25.50
CA LYS C 368 36.98 20.79 -25.94
C LYS C 368 36.17 21.61 -24.88
N SER C 369 36.66 21.66 -23.64
CA SER C 369 36.06 22.48 -22.59
C SER C 369 37.13 23.42 -22.07
N GLU C 370 36.72 24.58 -21.60
CA GLU C 370 37.62 25.57 -20.99
C GLU C 370 37.65 25.31 -19.50
N VAL C 371 38.80 24.87 -19.00
CA VAL C 371 38.98 24.49 -17.62
C VAL C 371 40.15 25.31 -17.11
N SER C 372 39.88 26.30 -16.27
CA SER C 372 40.96 27.21 -15.83
C SER C 372 40.77 27.72 -14.41
N ASN C 373 41.91 27.95 -13.77
CA ASN C 373 42.01 28.46 -12.42
C ASN C 373 41.15 27.68 -11.42
N ASN C 374 41.23 26.33 -11.47
CA ASN C 374 40.59 25.49 -10.46
C ASN C 374 41.61 24.92 -9.51
N SER C 375 41.25 24.77 -8.23
CA SER C 375 42.22 24.32 -7.24
C SER C 375 42.83 22.96 -7.55
N PHE C 376 42.01 22.07 -8.12
CA PHE C 376 42.44 20.73 -8.42
C PHE C 376 43.49 20.62 -9.54
N ASP C 377 43.72 21.73 -10.29
CA ASP C 377 44.78 21.77 -11.29
C ASP C 377 46.00 22.56 -10.82
N GLY C 378 46.03 22.90 -9.53
CA GLY C 378 47.16 23.59 -8.94
C GLY C 378 48.34 22.71 -8.56
N SER C 379 49.37 23.34 -8.03
CA SER C 379 50.64 22.67 -7.75
C SER C 379 50.73 22.05 -6.34
N GLU C 380 49.72 22.28 -5.52
CA GLU C 380 49.67 21.79 -4.13
C GLU C 380 48.29 21.21 -3.83
N GLU C 381 48.22 20.12 -3.08
CA GLU C 381 46.94 19.57 -2.62
C GLU C 381 46.26 20.49 -1.59
N VAL C 382 44.95 20.73 -1.78
CA VAL C 382 44.08 21.42 -0.81
C VAL C 382 43.94 20.51 0.41
N ILE C 383 44.21 21.07 1.60
CA ILE C 383 44.19 20.30 2.85
C ILE C 383 43.31 20.95 3.88
N GLU C 384 43.00 20.20 4.95
CA GLU C 384 41.96 20.72 5.83
C GLU C 384 42.39 21.99 6.59
N THR C 385 43.69 22.12 6.83
CA THR C 385 44.25 23.34 7.48
C THR C 385 44.19 24.61 6.63
N ASP C 386 43.79 24.45 5.36
CA ASP C 386 43.52 25.60 4.49
C ASP C 386 42.21 26.33 4.77
N PHE C 387 41.37 25.77 5.63
CA PHE C 387 40.01 26.27 5.85
C PHE C 387 39.85 26.84 7.25
N ILE C 388 39.06 27.90 7.35
CA ILE C 388 38.72 28.50 8.64
C ILE C 388 37.87 27.53 9.47
N SER C 389 36.88 26.93 8.83
CA SER C 389 36.00 25.95 9.46
C SER C 389 35.55 24.90 8.45
N LEU C 390 35.35 23.69 8.95
CA LEU C 390 34.67 22.60 8.24
C LEU C 390 33.59 22.00 9.11
N GLU C 391 33.02 22.82 10.01
CA GLU C 391 31.92 22.38 10.87
CA GLU C 391 31.92 22.37 10.87
C GLU C 391 30.59 22.39 10.11
N GLU C 392 30.12 21.20 9.72
CA GLU C 392 28.91 21.04 8.91
C GLU C 392 27.69 21.70 9.53
N ALA C 393 27.59 21.72 10.87
CA ALA C 393 26.43 22.32 11.51
C ALA C 393 26.19 23.77 11.05
N GLU C 394 27.25 24.49 10.67
CA GLU C 394 27.11 25.85 10.22
C GLU C 394 26.14 25.99 9.04
N LEU C 395 26.14 24.99 8.16
CA LEU C 395 25.33 25.05 6.95
C LEU C 395 23.83 24.99 7.22
N MET C 396 23.44 24.49 8.43
CA MET C 396 22.03 24.38 8.83
C MET C 396 21.60 25.47 9.79
N ARG C 397 22.46 26.48 9.96
CA ARG C 397 22.11 27.61 10.82
C ARG C 397 20.84 28.31 10.32
N ASP C 398 20.14 28.96 11.24
CA ASP C 398 18.96 29.76 10.87
C ASP C 398 19.35 30.83 9.85
N ARG C 399 18.48 31.07 8.85
CA ARG C 399 18.64 32.23 8.00
C ARG C 399 18.49 33.50 8.82
N LYS C 400 19.07 34.58 8.30
CA LYS C 400 18.87 35.91 8.86
C LYS C 400 17.37 36.29 8.83
N PRO C 401 16.95 37.24 9.67
CA PRO C 401 15.53 37.61 9.70
C PRO C 401 14.94 37.95 8.31
N ASN C 402 15.75 38.55 7.44
CA ASN C 402 15.32 38.90 6.06
C ASN C 402 15.27 37.71 5.08
N GLY C 403 15.64 36.53 5.56
CA GLY C 403 15.65 35.30 4.74
C GLY C 403 16.99 34.97 4.11
N ASP C 404 17.98 35.89 4.19
CA ASP C 404 19.31 35.60 3.63
C ASP C 404 20.02 34.42 4.32
N LEU C 405 20.93 33.79 3.59
CA LEU C 405 21.73 32.71 4.09
C LEU C 405 22.45 33.16 5.36
N PRO C 406 22.63 32.24 6.33
CA PRO C 406 23.44 32.58 7.51
C PRO C 406 24.89 32.84 7.15
N ASP C 407 25.53 33.73 7.90
CA ASP C 407 26.98 33.87 7.84
C ASP C 407 27.62 32.56 8.31
N VAL C 408 28.61 32.08 7.55
CA VAL C 408 29.31 30.84 7.90
C VAL C 408 30.78 31.02 7.59
N ASN C 409 31.62 30.25 8.28
CA ASN C 409 33.00 30.07 7.90
C ASN C 409 33.25 28.75 7.19
N PHE C 410 32.25 27.87 7.16
CA PHE C 410 32.40 26.55 6.50
C PHE C 410 32.89 26.72 5.09
N GLY C 411 33.98 26.03 4.75
CA GLY C 411 34.47 26.06 3.38
C GLY C 411 35.15 27.33 2.94
N LYS C 412 35.39 28.26 3.85
CA LYS C 412 36.11 29.52 3.55
C LYS C 412 37.58 29.31 3.81
N LEU C 413 38.43 29.76 2.89
CA LEU C 413 39.88 29.65 3.03
C LEU C 413 40.39 30.65 4.03
N THR C 414 41.44 30.26 4.75
CA THR C 414 42.21 31.19 5.56
C THR C 414 42.86 32.25 4.68
N THR C 415 43.29 33.34 5.32
CA THR C 415 43.92 34.44 4.57
C THR C 415 45.16 33.92 3.81
N ASP C 416 45.97 33.10 4.49
CA ASP C 416 47.17 32.49 3.90
C ASP C 416 46.82 31.57 2.72
N ALA C 417 45.85 30.69 2.93
CA ALA C 417 45.47 29.78 1.85
C ALA C 417 44.81 30.50 0.65
N GLU C 418 44.06 31.57 0.91
CA GLU C 418 43.47 32.36 -0.17
C GLU C 418 44.51 32.93 -1.13
N LEU C 419 45.67 33.33 -0.60
CA LEU C 419 46.77 33.76 -1.45
C LEU C 419 47.33 32.66 -2.35
N ARG C 420 47.25 31.40 -1.89
CA ARG C 420 47.72 30.24 -2.66
C ARG C 420 46.70 29.64 -3.62
N PHE C 421 45.44 30.01 -3.43
CA PHE C 421 44.29 29.56 -4.24
C PHE C 421 43.44 30.78 -4.62
N TRP C 422 44.09 31.78 -5.19
CA TRP C 422 43.46 33.08 -5.38
C TRP C 422 42.29 33.01 -6.37
N GLY C 423 41.17 33.62 -5.99
CA GLY C 423 40.01 33.71 -6.86
C GLY C 423 39.24 32.40 -7.05
N MET C 424 39.45 31.45 -6.14
CA MET C 424 38.85 30.12 -6.27
C MET C 424 37.80 29.90 -5.20
N GLY C 425 36.67 29.30 -5.59
CA GLY C 425 35.60 28.92 -4.63
C GLY C 425 34.48 29.94 -4.52
N CYS C 426 33.43 29.54 -3.80
CA CYS C 426 32.21 30.32 -3.70
C CYS C 426 32.28 31.45 -2.68
N PHE C 427 33.29 31.43 -1.81
CA PHE C 427 33.44 32.46 -0.78
C PHE C 427 34.69 33.33 -1.00
N ALA C 428 35.03 33.52 -2.27
CA ALA C 428 35.94 34.58 -2.75
C ALA C 428 37.38 34.20 -2.57
P PO4 D . -21.90 -21.05 29.55
O1 PO4 D . -21.38 -19.86 30.41
O2 PO4 D . -23.44 -20.90 29.59
O3 PO4 D . -21.44 -22.27 30.36
O4 PO4 D . -21.46 -21.02 28.04
CA CA E . -19.83 -19.68 26.79
P PO4 F . -10.59 -20.59 -14.34
O1 PO4 F . -12.10 -20.35 -14.01
O2 PO4 F . -9.77 -19.59 -13.53
O3 PO4 F . -10.17 -21.96 -13.76
O4 PO4 F . -10.33 -20.38 -15.87
CA CA G . -8.80 -19.05 -17.27
P PO4 H . 17.52 11.65 -12.33
O1 PO4 H . 17.31 11.72 -10.79
O2 PO4 H . 17.50 13.03 -13.02
O3 PO4 H . 18.92 11.08 -12.60
O4 PO4 H . 16.49 10.85 -13.16
CA CA I . 16.68 13.49 -9.22
#